data_6JKR
#
_entry.id   6JKR
#
_cell.length_a   88.414
_cell.length_b   158.384
_cell.length_c   89.001
_cell.angle_alpha   90.00
_cell.angle_beta   119.66
_cell.angle_gamma   90.00
#
_symmetry.space_group_name_H-M   'P 1 21 1'
#
loop_
_entity.id
_entity.type
_entity.pdbx_description
1 polymer 'Aspartate carbamoyltransferase'
2 non-polymer 'PHOSPHORIC ACID MONO(FORMAMIDE)ESTER'
3 non-polymer GLYCEROL
4 water water
#
_entity_poly.entity_id   1
_entity_poly.type   'polypeptide(L)'
_entity_poly.pdbx_seq_one_letter_code
;GSMLELPPVASLKGKSITSAEQFSRADIYALIHLASAMQRKIDAGEVLNLLQGRIMTPLFFEDSSRTFSSFCAAMIRLGG
SVVNFKVEASSINKGETLADTIRTLDSYSDVLVMRHPRQDAIEEALSVAQHPILNAGNGAGEHPTQALLDTLTIHSELGS
VDGITIALIGDLKMGRTVHSLLKLLVRNFSIKCVFLVAPDALQMPQDVLEPLQHEIATKGVIIHRTHALTDEVMQKSDVL
YTTRLQKERFMASTSDDAAALQSFAAKADITIDAARMRLAKEKMIVMHPLPRNDELSTTVDADPRAAYFRQMRYGMFMRM
AILWSVLA
;
_entity_poly.pdbx_strand_id   A,B,C,D,E,F
#
# COMPACT_ATOMS: atom_id res chain seq x y z
N SER A 2 -27.36 -24.47 -40.26
CA SER A 2 -28.07 -25.37 -41.17
C SER A 2 -29.11 -26.21 -40.48
N MET A 3 -30.26 -26.29 -41.09
CA MET A 3 -31.35 -27.02 -40.54
C MET A 3 -31.21 -28.53 -40.66
N LEU A 4 -30.26 -28.98 -41.45
CA LEU A 4 -30.01 -30.39 -41.56
C LEU A 4 -29.03 -30.76 -40.50
N GLU A 5 -27.94 -30.02 -40.50
CA GLU A 5 -26.85 -30.26 -39.58
C GLU A 5 -26.98 -29.89 -38.11
N LEU A 6 -27.53 -28.72 -37.87
CA LEU A 6 -27.65 -28.15 -36.52
C LEU A 6 -29.03 -27.60 -36.20
N PRO A 7 -30.03 -28.54 -36.29
CA PRO A 7 -31.36 -28.02 -36.01
C PRO A 7 -31.50 -27.67 -34.54
N PRO A 8 -32.01 -26.50 -34.19
CA PRO A 8 -32.21 -26.22 -32.75
C PRO A 8 -33.32 -27.09 -32.15
N VAL A 9 -33.23 -27.32 -30.85
CA VAL A 9 -34.23 -28.07 -30.13
C VAL A 9 -35.38 -27.08 -29.88
N ALA A 10 -36.46 -27.25 -30.63
CA ALA A 10 -37.52 -26.24 -30.66
C ALA A 10 -38.11 -25.94 -29.30
N SER A 11 -38.24 -26.97 -28.46
CA SER A 11 -38.88 -26.85 -27.15
C SER A 11 -38.16 -25.87 -26.24
N LEU A 12 -36.91 -25.59 -26.51
CA LEU A 12 -36.13 -24.69 -25.66
C LEU A 12 -36.17 -23.23 -26.08
N LYS A 13 -36.76 -22.94 -27.23
CA LYS A 13 -36.71 -21.60 -27.74
C LYS A 13 -37.29 -20.57 -26.80
N GLY A 14 -36.49 -19.58 -26.51
CA GLY A 14 -36.91 -18.50 -25.67
C GLY A 14 -37.19 -18.77 -24.23
N LYS A 15 -36.81 -19.93 -23.74
CA LYS A 15 -37.09 -20.27 -22.39
C LYS A 15 -35.94 -20.33 -21.40
N SER A 16 -36.21 -19.92 -20.19
CA SER A 16 -35.22 -19.98 -19.11
C SER A 16 -34.99 -21.42 -18.71
N ILE A 17 -33.79 -21.70 -18.23
CA ILE A 17 -33.45 -23.06 -17.77
C ILE A 17 -33.13 -22.97 -16.30
N THR A 18 -33.96 -23.60 -15.49
CA THR A 18 -33.86 -23.50 -14.04
C THR A 18 -33.62 -24.83 -13.39
N SER A 19 -34.15 -25.90 -13.97
CA SER A 19 -34.17 -27.18 -13.27
C SER A 19 -34.05 -28.33 -14.23
N ALA A 20 -33.46 -29.43 -13.76
CA ALA A 20 -33.39 -30.64 -14.60
C ALA A 20 -34.81 -31.18 -14.85
N GLU A 21 -35.77 -30.80 -13.99
CA GLU A 21 -37.17 -31.28 -14.11
C GLU A 21 -37.86 -30.80 -15.37
N GLN A 22 -37.32 -29.76 -16.00
CA GLN A 22 -38.06 -29.13 -17.08
C GLN A 22 -37.89 -29.83 -18.39
N PHE A 23 -36.98 -30.81 -18.44
CA PHE A 23 -36.64 -31.50 -19.71
C PHE A 23 -37.30 -32.87 -19.80
N SER A 24 -37.71 -33.21 -21.02
CA SER A 24 -38.18 -34.55 -21.29
C SER A 24 -37.05 -35.38 -21.86
N ARG A 25 -37.30 -36.70 -21.95
CA ARG A 25 -36.34 -37.60 -22.57
C ARG A 25 -36.05 -37.17 -24.00
N ALA A 26 -37.09 -36.81 -24.77
CA ALA A 26 -36.88 -36.36 -26.13
C ALA A 26 -36.02 -35.08 -26.22
N ASP A 27 -36.23 -34.16 -25.28
CA ASP A 27 -35.42 -32.93 -25.24
C ASP A 27 -33.96 -33.30 -25.03
N ILE A 28 -33.71 -34.22 -24.09
CA ILE A 28 -32.34 -34.56 -23.75
C ILE A 28 -31.63 -35.23 -24.90
N TYR A 29 -32.29 -36.18 -25.57
CA TYR A 29 -31.63 -36.80 -26.72
C TYR A 29 -31.43 -35.80 -27.84
N ALA A 30 -32.39 -34.88 -28.03
CA ALA A 30 -32.22 -33.88 -29.09
C ALA A 30 -31.00 -33.01 -28.80
N LEU A 31 -30.82 -32.65 -27.54
CA LEU A 31 -29.66 -31.84 -27.16
C LEU A 31 -28.39 -32.61 -27.32
N ILE A 32 -28.42 -33.90 -26.96
CA ILE A 32 -27.25 -34.76 -27.09
C ILE A 32 -26.86 -34.84 -28.56
N HIS A 33 -27.83 -35.11 -29.44
CA HIS A 33 -27.45 -35.21 -30.83
C HIS A 33 -26.96 -33.89 -31.42
N LEU A 34 -27.59 -32.78 -31.03
CA LEU A 34 -27.13 -31.49 -31.43
C LEU A 34 -25.71 -31.20 -30.92
N ALA A 35 -25.43 -31.53 -29.65
CA ALA A 35 -24.09 -31.27 -29.10
C ALA A 35 -23.03 -32.08 -29.83
N SER A 36 -23.38 -33.28 -30.26
CA SER A 36 -22.43 -34.14 -30.98
C SER A 36 -22.15 -33.54 -32.35
N ALA A 37 -23.16 -32.96 -32.99
CA ALA A 37 -23.00 -32.29 -34.29
C ALA A 37 -22.14 -31.02 -34.14
N MET A 38 -22.33 -30.28 -33.06
CA MET A 38 -21.50 -29.11 -32.75
C MET A 38 -20.04 -29.50 -32.64
N GLN A 39 -19.81 -30.58 -31.89
N GLN A 39 -19.83 -30.57 -31.90
CA GLN A 39 -18.46 -31.12 -31.68
CA GLN A 39 -18.50 -31.11 -31.70
C GLN A 39 -17.82 -31.48 -33.01
C GLN A 39 -17.85 -31.50 -33.01
N ARG A 40 -18.58 -32.22 -33.84
N ARG A 40 -18.57 -32.19 -33.85
CA ARG A 40 -18.10 -32.61 -35.16
CA ARG A 40 -18.05 -32.60 -35.14
C ARG A 40 -17.61 -31.40 -35.94
C ARG A 40 -17.64 -31.43 -36.00
N LYS A 41 -18.46 -30.38 -36.02
CA LYS A 41 -18.17 -29.19 -36.84
C LYS A 41 -16.98 -28.42 -36.28
N ILE A 42 -16.99 -28.18 -34.97
CA ILE A 42 -15.92 -27.38 -34.39
C ILE A 42 -14.57 -28.11 -34.49
N ASP A 43 -14.58 -29.42 -34.27
CA ASP A 43 -13.32 -30.16 -34.30
C ASP A 43 -12.76 -30.27 -35.69
N ALA A 44 -13.62 -30.14 -36.69
CA ALA A 44 -13.21 -30.12 -38.11
C ALA A 44 -12.69 -28.74 -38.53
N GLY A 45 -12.75 -27.78 -37.61
CA GLY A 45 -12.30 -26.42 -37.92
C GLY A 45 -13.30 -25.45 -38.53
N GLU A 46 -14.56 -25.88 -38.61
CA GLU A 46 -15.60 -25.06 -39.20
C GLU A 46 -15.96 -23.95 -38.24
N VAL A 47 -16.20 -22.77 -38.81
CA VAL A 47 -16.57 -21.56 -38.08
C VAL A 47 -18.09 -21.36 -38.19
N LEU A 48 -18.75 -21.19 -37.05
CA LEU A 48 -20.20 -21.00 -37.01
C LEU A 48 -20.57 -19.56 -36.75
N ASN A 49 -21.61 -19.08 -37.43
N ASN A 49 -21.57 -19.08 -37.46
CA ASN A 49 -22.13 -17.71 -37.27
CA ASN A 49 -22.12 -17.74 -37.27
C ASN A 49 -23.56 -17.57 -36.78
C ASN A 49 -23.56 -17.61 -36.80
N LEU A 50 -24.07 -18.63 -36.20
CA LEU A 50 -25.48 -18.75 -35.91
C LEU A 50 -26.02 -17.61 -35.02
N LEU A 51 -25.17 -17.10 -34.12
CA LEU A 51 -25.61 -16.10 -33.12
C LEU A 51 -24.91 -14.75 -33.23
N GLN A 52 -24.46 -14.41 -34.43
CA GLN A 52 -23.88 -13.09 -34.64
C GLN A 52 -24.86 -12.01 -34.18
N GLY A 53 -24.34 -11.07 -33.40
CA GLY A 53 -25.12 -9.93 -32.95
C GLY A 53 -25.87 -10.21 -31.65
N ARG A 54 -25.76 -11.42 -31.12
CA ARG A 54 -26.47 -11.75 -29.89
CA ARG A 54 -26.48 -11.77 -29.88
C ARG A 54 -25.51 -11.71 -28.71
N ILE A 55 -26.01 -11.29 -27.55
CA ILE A 55 -25.17 -11.09 -26.38
C ILE A 55 -25.59 -11.95 -25.21
N MET A 56 -24.60 -12.62 -24.64
N MET A 56 -24.62 -12.65 -24.62
CA MET A 56 -24.76 -13.30 -23.34
CA MET A 56 -24.72 -13.31 -23.29
C MET A 56 -24.05 -12.47 -22.29
C MET A 56 -24.04 -12.44 -22.27
N THR A 57 -24.70 -12.29 -21.14
CA THR A 57 -24.04 -11.66 -19.99
C THR A 57 -23.97 -12.64 -18.82
N PRO A 58 -22.74 -13.00 -18.38
CA PRO A 58 -22.60 -13.82 -17.17
C PRO A 58 -22.83 -12.98 -15.92
N LEU A 59 -23.56 -13.55 -14.98
N LEU A 59 -23.60 -13.55 -15.00
CA LEU A 59 -23.82 -12.89 -13.73
CA LEU A 59 -23.88 -12.92 -13.72
C LEU A 59 -23.48 -13.88 -12.64
C LEU A 59 -23.48 -13.94 -12.66
N PHE A 60 -22.19 -13.94 -12.35
CA PHE A 60 -21.64 -14.89 -11.37
C PHE A 60 -21.39 -14.25 -10.02
N PHE A 61 -22.16 -14.66 -9.03
CA PHE A 61 -21.99 -14.21 -7.65
C PHE A 61 -21.20 -15.23 -6.81
N GLU A 62 -20.73 -16.30 -7.45
CA GLU A 62 -19.81 -17.29 -6.87
C GLU A 62 -18.68 -17.56 -7.85
N ASP A 63 -17.58 -18.13 -7.34
CA ASP A 63 -16.45 -18.45 -8.23
C ASP A 63 -16.85 -19.56 -9.21
N SER A 64 -16.15 -19.59 -10.34
CA SER A 64 -16.37 -20.62 -11.35
C SER A 64 -15.19 -20.65 -12.30
N SER A 65 -14.75 -21.86 -12.65
CA SER A 65 -13.85 -21.99 -13.78
C SER A 65 -14.53 -22.60 -14.98
N ARG A 66 -15.14 -23.74 -14.81
CA ARG A 66 -15.77 -24.41 -15.96
C ARG A 66 -17.00 -23.70 -16.47
N THR A 67 -17.96 -23.47 -15.59
CA THR A 67 -19.28 -23.05 -16.07
C THR A 67 -19.19 -21.67 -16.73
N PHE A 68 -18.52 -20.71 -16.07
CA PHE A 68 -18.30 -19.41 -16.74
C PHE A 68 -17.56 -19.56 -18.07
N SER A 69 -16.41 -20.25 -18.07
CA SER A 69 -15.58 -20.27 -19.26
C SER A 69 -16.23 -21.02 -20.42
N SER A 70 -16.90 -22.14 -20.08
CA SER A 70 -17.55 -22.93 -21.12
CA SER A 70 -17.60 -22.98 -21.05
C SER A 70 -18.75 -22.22 -21.73
N PHE A 71 -19.53 -21.51 -20.92
CA PHE A 71 -20.61 -20.71 -21.51
C PHE A 71 -20.06 -19.61 -22.40
N CYS A 72 -19.01 -18.94 -21.99
CA CYS A 72 -18.43 -17.89 -22.82
C CYS A 72 -17.90 -18.48 -24.12
N ALA A 73 -17.15 -19.57 -24.00
CA ALA A 73 -16.58 -20.20 -25.19
C ALA A 73 -17.68 -20.69 -26.11
N ALA A 74 -18.73 -21.30 -25.53
CA ALA A 74 -19.83 -21.80 -26.39
C ALA A 74 -20.49 -20.64 -27.16
N MET A 75 -20.73 -19.51 -26.47
CA MET A 75 -21.35 -18.36 -27.10
C MET A 75 -20.47 -17.88 -28.24
N ILE A 76 -19.18 -17.73 -27.96
CA ILE A 76 -18.19 -17.28 -28.98
C ILE A 76 -18.15 -18.21 -30.19
N ARG A 77 -18.18 -19.52 -29.93
CA ARG A 77 -18.07 -20.51 -31.01
C ARG A 77 -19.34 -20.60 -31.84
N LEU A 78 -20.42 -20.01 -31.36
CA LEU A 78 -21.65 -19.90 -32.16
C LEU A 78 -21.68 -18.60 -32.92
N GLY A 79 -20.66 -17.77 -32.75
CA GLY A 79 -20.64 -16.44 -33.40
C GLY A 79 -21.23 -15.32 -32.56
N GLY A 80 -21.65 -15.64 -31.33
CA GLY A 80 -22.17 -14.59 -30.47
C GLY A 80 -21.11 -13.89 -29.64
N SER A 81 -21.55 -12.98 -28.78
CA SER A 81 -20.65 -12.17 -28.02
C SER A 81 -21.01 -12.17 -26.55
N VAL A 82 -20.07 -11.67 -25.74
CA VAL A 82 -20.22 -11.70 -24.27
C VAL A 82 -19.94 -10.31 -23.71
N VAL A 83 -20.82 -9.82 -22.83
CA VAL A 83 -20.49 -8.61 -22.05
C VAL A 83 -19.95 -9.06 -20.72
N ASN A 84 -18.73 -8.69 -20.41
CA ASN A 84 -18.05 -9.13 -19.20
C ASN A 84 -18.30 -8.32 -17.95
N PHE A 85 -19.53 -8.44 -17.49
CA PHE A 85 -20.00 -7.82 -16.29
C PHE A 85 -19.43 -8.50 -15.04
N LYS A 86 -18.90 -7.73 -14.12
CA LYS A 86 -18.34 -8.24 -12.90
C LYS A 86 -19.10 -7.70 -11.72
N VAL A 87 -19.60 -8.60 -10.90
CA VAL A 87 -20.41 -8.20 -9.75
C VAL A 87 -19.65 -7.31 -8.79
N GLU A 88 -18.39 -7.64 -8.61
CA GLU A 88 -17.53 -6.91 -7.67
C GLU A 88 -17.22 -5.45 -8.07
N ALA A 89 -17.39 -5.11 -9.35
CA ALA A 89 -17.16 -3.76 -9.84
C ALA A 89 -18.46 -3.00 -10.20
N SER A 90 -19.58 -3.52 -9.74
N SER A 90 -19.55 -3.44 -9.64
CA SER A 90 -20.91 -3.06 -10.16
CA SER A 90 -20.90 -3.08 -10.03
C SER A 90 -21.59 -2.17 -9.13
C SER A 90 -21.59 -2.11 -9.09
N SER A 91 -22.77 -1.67 -9.49
CA SER A 91 -23.52 -0.83 -8.56
C SER A 91 -24.10 -1.56 -7.38
N ILE A 92 -23.94 -2.88 -7.34
CA ILE A 92 -24.27 -3.63 -6.11
C ILE A 92 -23.53 -3.03 -4.90
N ASN A 93 -22.36 -2.47 -5.14
CA ASN A 93 -21.55 -1.85 -4.11
C ASN A 93 -22.22 -0.59 -3.60
N LYS A 94 -23.14 -0.03 -4.37
CA LYS A 94 -23.88 1.17 -3.98
C LYS A 94 -25.29 0.88 -3.52
N GLY A 95 -25.52 -0.37 -3.17
CA GLY A 95 -26.79 -0.81 -2.69
C GLY A 95 -27.80 -1.23 -3.71
N GLU A 96 -27.42 -1.35 -4.97
CA GLU A 96 -28.36 -1.83 -5.98
C GLU A 96 -28.82 -3.25 -5.65
N THR A 97 -30.13 -3.47 -5.75
CA THR A 97 -30.73 -4.77 -5.44
C THR A 97 -30.45 -5.77 -6.56
N LEU A 98 -30.57 -7.05 -6.23
CA LEU A 98 -30.46 -8.10 -7.24
C LEU A 98 -31.46 -7.85 -8.37
N ALA A 99 -32.72 -7.58 -8.02
CA ALA A 99 -33.74 -7.39 -9.02
C ALA A 99 -33.36 -6.26 -9.97
N ASP A 100 -32.88 -5.14 -9.44
CA ASP A 100 -32.50 -4.02 -10.31
C ASP A 100 -31.29 -4.37 -11.18
N THR A 101 -30.34 -5.11 -10.63
CA THR A 101 -29.20 -5.63 -11.41
C THR A 101 -29.69 -6.49 -12.57
N ILE A 102 -30.63 -7.41 -12.32
CA ILE A 102 -31.17 -8.22 -13.40
C ILE A 102 -31.80 -7.34 -14.48
N ARG A 103 -32.65 -6.40 -14.06
CA ARG A 103 -33.27 -5.48 -15.01
CA ARG A 103 -33.27 -5.50 -15.03
C ARG A 103 -32.24 -4.73 -15.85
N THR A 104 -31.14 -4.32 -15.20
CA THR A 104 -30.06 -3.61 -15.89
C THR A 104 -29.48 -4.49 -17.00
N LEU A 105 -29.02 -5.68 -16.64
CA LEU A 105 -28.35 -6.49 -17.66
C LEU A 105 -29.33 -7.01 -18.71
N ASP A 106 -30.58 -7.24 -18.30
CA ASP A 106 -31.65 -7.61 -19.21
C ASP A 106 -31.95 -6.54 -20.27
N SER A 107 -31.55 -5.29 -19.99
CA SER A 107 -31.72 -4.19 -20.93
C SER A 107 -30.80 -4.27 -22.15
N TYR A 108 -29.72 -5.04 -22.04
CA TYR A 108 -28.68 -5.03 -23.06
C TYR A 108 -28.45 -6.37 -23.72
N SER A 109 -28.95 -7.42 -23.10
CA SER A 109 -28.51 -8.79 -23.41
C SER A 109 -29.60 -9.60 -24.04
N ASP A 110 -29.20 -10.71 -24.67
CA ASP A 110 -30.16 -11.69 -25.18
C ASP A 110 -30.39 -12.86 -24.24
N VAL A 111 -29.37 -13.15 -23.41
CA VAL A 111 -29.48 -14.24 -22.44
C VAL A 111 -28.59 -13.91 -21.26
N LEU A 112 -29.04 -14.29 -20.07
CA LEU A 112 -28.21 -14.10 -18.85
C LEU A 112 -27.85 -15.49 -18.34
N VAL A 113 -26.62 -15.63 -17.83
CA VAL A 113 -26.21 -16.92 -17.25
C VAL A 113 -25.89 -16.59 -15.79
N MET A 114 -26.65 -17.16 -14.86
CA MET A 114 -26.56 -16.69 -13.47
C MET A 114 -26.18 -17.79 -12.49
N ARG A 115 -25.16 -17.50 -11.67
CA ARG A 115 -24.83 -18.38 -10.54
C ARG A 115 -24.92 -17.55 -9.28
N HIS A 116 -25.57 -18.10 -8.26
CA HIS A 116 -25.82 -17.28 -7.05
C HIS A 116 -25.85 -18.19 -5.85
N PRO A 117 -25.33 -17.72 -4.70
CA PRO A 117 -25.34 -18.62 -3.53
C PRO A 117 -26.68 -18.87 -2.83
N ARG A 118 -27.71 -18.06 -3.10
CA ARG A 118 -29.07 -18.27 -2.59
CA ARG A 118 -29.05 -18.32 -2.58
C ARG A 118 -29.89 -19.10 -3.57
N GLN A 119 -30.51 -20.16 -3.10
CA GLN A 119 -31.30 -21.04 -3.93
C GLN A 119 -32.46 -20.31 -4.58
N ASP A 120 -33.02 -19.32 -3.88
CA ASP A 120 -34.19 -18.65 -4.39
C ASP A 120 -33.89 -17.45 -5.29
N ALA A 121 -32.61 -17.17 -5.52
CA ALA A 121 -32.23 -16.01 -6.33
C ALA A 121 -32.64 -16.14 -7.80
N ILE A 122 -32.64 -17.36 -8.34
CA ILE A 122 -33.03 -17.58 -9.74
C ILE A 122 -34.49 -17.20 -9.98
N GLU A 123 -35.39 -17.65 -9.11
CA GLU A 123 -36.79 -17.29 -9.21
C GLU A 123 -36.97 -15.78 -9.10
N GLU A 124 -36.21 -15.13 -8.21
CA GLU A 124 -36.29 -13.68 -8.06
CA GLU A 124 -36.28 -13.67 -8.05
C GLU A 124 -35.90 -12.99 -9.35
N ALA A 125 -34.84 -13.46 -9.98
CA ALA A 125 -34.39 -12.95 -11.28
C ALA A 125 -35.42 -13.19 -12.40
N LEU A 126 -36.00 -14.39 -12.45
CA LEU A 126 -37.04 -14.70 -13.43
C LEU A 126 -38.25 -13.78 -13.28
N SER A 127 -38.54 -13.36 -12.07
CA SER A 127 -39.69 -12.51 -11.80
C SER A 127 -39.61 -11.13 -12.47
N VAL A 128 -38.41 -10.69 -12.83
CA VAL A 128 -38.26 -9.38 -13.47
C VAL A 128 -37.62 -9.39 -14.86
N ALA A 129 -36.96 -10.48 -15.27
CA ALA A 129 -36.27 -10.47 -16.56
C ALA A 129 -37.22 -10.79 -17.71
N GLN A 130 -36.97 -10.14 -18.84
CA GLN A 130 -37.71 -10.44 -20.07
CA GLN A 130 -37.70 -10.40 -20.09
C GLN A 130 -37.00 -11.47 -20.94
N HIS A 131 -35.67 -11.52 -20.84
CA HIS A 131 -34.90 -12.48 -21.63
C HIS A 131 -34.64 -13.73 -20.81
N PRO A 132 -34.31 -14.84 -21.49
CA PRO A 132 -33.99 -16.08 -20.77
C PRO A 132 -32.83 -15.95 -19.81
N ILE A 133 -33.01 -16.61 -18.66
CA ILE A 133 -31.96 -16.79 -17.67
C ILE A 133 -31.58 -18.26 -17.64
N LEU A 134 -30.29 -18.55 -17.71
CA LEU A 134 -29.84 -19.95 -17.53
C LEU A 134 -29.21 -20.12 -16.16
N ASN A 135 -29.72 -21.07 -15.37
CA ASN A 135 -29.22 -21.31 -14.01
C ASN A 135 -27.88 -22.02 -14.07
N ALA A 136 -26.81 -21.32 -13.70
CA ALA A 136 -25.45 -21.88 -13.63
C ALA A 136 -25.11 -22.35 -12.21
N GLY A 137 -26.15 -22.38 -11.36
CA GLY A 137 -26.06 -22.98 -10.03
C GLY A 137 -26.69 -22.04 -9.02
N ASN A 138 -27.62 -22.56 -8.23
CA ASN A 138 -28.37 -21.76 -7.28
C ASN A 138 -28.24 -22.38 -5.88
N GLY A 139 -27.27 -21.87 -5.13
CA GLY A 139 -27.02 -22.40 -3.79
C GLY A 139 -26.78 -23.90 -3.88
N ALA A 140 -27.33 -24.63 -2.90
CA ALA A 140 -27.28 -26.08 -2.90
C ALA A 140 -28.50 -26.67 -3.63
N GLY A 141 -29.08 -25.93 -4.58
CA GLY A 141 -30.25 -26.42 -5.32
C GLY A 141 -29.86 -27.26 -6.51
N GLU A 142 -29.70 -26.59 -7.65
CA GLU A 142 -29.48 -27.32 -8.90
C GLU A 142 -28.40 -26.72 -9.77
N HIS A 143 -28.02 -27.47 -10.79
CA HIS A 143 -27.04 -27.05 -11.81
C HIS A 143 -27.48 -27.80 -13.05
N PRO A 144 -28.54 -27.30 -13.72
CA PRO A 144 -29.22 -28.16 -14.72
C PRO A 144 -28.37 -28.41 -15.95
N THR A 145 -27.57 -27.44 -16.38
CA THR A 145 -26.72 -27.70 -17.55
C THR A 145 -25.56 -28.64 -17.24
N GLN A 146 -25.09 -28.70 -15.98
CA GLN A 146 -24.17 -29.76 -15.60
C GLN A 146 -24.84 -31.14 -15.82
N ALA A 147 -26.10 -31.29 -15.42
CA ALA A 147 -26.74 -32.60 -15.57
C ALA A 147 -26.82 -32.96 -17.07
N LEU A 148 -27.12 -31.98 -17.90
CA LEU A 148 -27.23 -32.25 -19.35
C LEU A 148 -25.88 -32.66 -19.93
N LEU A 149 -24.79 -31.94 -19.56
CA LEU A 149 -23.49 -32.31 -20.10
C LEU A 149 -22.98 -33.64 -19.50
N ASP A 150 -23.34 -33.92 -18.25
CA ASP A 150 -22.98 -35.18 -17.63
C ASP A 150 -23.62 -36.36 -18.38
N THR A 151 -24.89 -36.20 -18.77
CA THR A 151 -25.65 -37.22 -19.50
C THR A 151 -25.10 -37.38 -20.93
N LEU A 152 -24.75 -36.28 -21.58
CA LEU A 152 -24.02 -36.37 -22.85
C LEU A 152 -22.73 -37.20 -22.68
N THR A 153 -22.02 -36.95 -21.59
CA THR A 153 -20.78 -37.64 -21.35
C THR A 153 -21.03 -39.13 -21.21
N ILE A 154 -22.02 -39.52 -20.41
CA ILE A 154 -22.32 -40.94 -20.22
C ILE A 154 -22.72 -41.58 -21.56
N HIS A 155 -23.60 -40.91 -22.30
CA HIS A 155 -24.07 -41.43 -23.57
C HIS A 155 -22.91 -41.62 -24.54
N SER A 156 -22.03 -40.62 -24.60
N SER A 156 -22.13 -40.61 -24.60
CA SER A 156 -20.95 -40.61 -25.58
CA SER A 156 -21.05 -40.59 -25.51
C SER A 156 -19.89 -41.61 -25.21
C SER A 156 -19.93 -41.60 -25.19
N GLU A 157 -19.61 -41.78 -23.92
CA GLU A 157 -18.52 -42.64 -23.49
C GLU A 157 -18.93 -44.11 -23.43
N LEU A 158 -20.16 -44.35 -22.98
CA LEU A 158 -20.60 -45.73 -22.75
C LEU A 158 -21.56 -46.27 -23.79
N GLY A 159 -22.21 -45.38 -24.52
CA GLY A 159 -23.12 -45.77 -25.58
C GLY A 159 -24.57 -45.83 -25.21
N SER A 160 -24.88 -45.87 -23.91
CA SER A 160 -26.26 -46.03 -23.44
C SER A 160 -26.34 -45.39 -22.08
N VAL A 161 -27.49 -44.81 -21.77
CA VAL A 161 -27.76 -44.27 -20.45
C VAL A 161 -28.72 -45.22 -19.75
N ASP A 162 -29.79 -45.64 -20.43
CA ASP A 162 -30.63 -46.66 -19.85
C ASP A 162 -29.78 -47.87 -19.46
N GLY A 163 -30.12 -48.43 -18.30
CA GLY A 163 -29.55 -49.71 -17.87
C GLY A 163 -28.30 -49.58 -17.03
N ILE A 164 -27.78 -48.36 -16.87
CA ILE A 164 -26.54 -48.20 -16.11
C ILE A 164 -26.73 -48.33 -14.61
N THR A 165 -25.61 -48.66 -13.96
CA THR A 165 -25.50 -48.57 -12.51
C THR A 165 -24.53 -47.43 -12.27
N ILE A 166 -25.00 -46.45 -11.52
CA ILE A 166 -24.20 -45.24 -11.25
C ILE A 166 -24.07 -45.04 -9.75
N ALA A 167 -22.86 -44.70 -9.32
CA ALA A 167 -22.63 -44.28 -7.94
C ALA A 167 -22.47 -42.78 -7.93
N LEU A 168 -23.24 -42.11 -7.09
CA LEU A 168 -23.06 -40.68 -6.83
C LEU A 168 -22.37 -40.56 -5.50
N ILE A 169 -21.20 -39.93 -5.48
CA ILE A 169 -20.30 -40.06 -4.31
C ILE A 169 -19.93 -38.68 -3.81
N GLY A 170 -19.94 -38.52 -2.48
CA GLY A 170 -19.34 -37.32 -1.89
C GLY A 170 -20.33 -36.54 -1.08
N ASP A 171 -20.33 -35.23 -1.28
CA ASP A 171 -21.23 -34.34 -0.54
C ASP A 171 -22.55 -34.27 -1.27
N LEU A 172 -23.39 -35.28 -1.05
CA LEU A 172 -24.66 -35.35 -1.75
C LEU A 172 -25.66 -34.34 -1.24
N LYS A 173 -25.54 -33.96 0.05
CA LYS A 173 -26.43 -33.01 0.65
C LYS A 173 -26.29 -31.64 -0.02
N MET A 174 -25.06 -31.15 -0.17
CA MET A 174 -24.82 -29.79 -0.64
C MET A 174 -24.54 -29.68 -2.14
N GLY A 175 -24.40 -30.84 -2.77
CA GLY A 175 -24.01 -30.92 -4.17
C GLY A 175 -25.11 -30.66 -5.17
N ARG A 176 -25.14 -29.44 -5.69
CA ARG A 176 -26.17 -29.08 -6.66
C ARG A 176 -26.07 -29.92 -7.93
N THR A 177 -24.84 -30.34 -8.27
CA THR A 177 -24.68 -31.16 -9.46
C THR A 177 -25.36 -32.52 -9.32
N VAL A 178 -25.14 -33.19 -8.19
CA VAL A 178 -25.79 -34.49 -7.99
C VAL A 178 -27.31 -34.39 -7.81
N HIS A 179 -27.80 -33.28 -7.28
CA HIS A 179 -29.25 -33.09 -7.23
C HIS A 179 -29.82 -33.09 -8.65
N SER A 180 -29.21 -32.31 -9.54
CA SER A 180 -29.75 -32.19 -10.88
C SER A 180 -29.53 -33.48 -11.65
N LEU A 181 -28.41 -34.15 -11.45
CA LEU A 181 -28.15 -35.36 -12.25
C LEU A 181 -29.09 -36.49 -11.84
N LEU A 182 -29.30 -36.65 -10.52
CA LEU A 182 -30.22 -37.72 -10.08
C LEU A 182 -31.63 -37.46 -10.65
N LYS A 183 -32.08 -36.21 -10.62
CA LYS A 183 -33.39 -35.88 -11.18
C LYS A 183 -33.43 -36.19 -12.67
N LEU A 184 -32.42 -35.75 -13.40
CA LEU A 184 -32.46 -35.90 -14.85
C LEU A 184 -32.46 -37.37 -15.25
N LEU A 185 -31.63 -38.15 -14.57
CA LEU A 185 -31.50 -39.57 -14.90
C LEU A 185 -32.73 -40.35 -14.56
N VAL A 186 -33.25 -40.16 -13.34
CA VAL A 186 -34.37 -41.02 -12.88
C VAL A 186 -35.66 -40.65 -13.60
N ARG A 187 -35.88 -39.36 -13.85
CA ARG A 187 -37.09 -38.94 -14.55
C ARG A 187 -37.17 -39.41 -15.98
N ASN A 188 -36.03 -39.52 -16.65
CA ASN A 188 -36.02 -39.65 -18.11
C ASN A 188 -35.40 -40.89 -18.72
N PHE A 189 -34.77 -41.72 -17.88
CA PHE A 189 -34.10 -42.94 -18.28
C PHE A 189 -34.49 -44.07 -17.33
N SER A 190 -34.18 -45.29 -17.76
CA SER A 190 -34.43 -46.48 -16.95
C SER A 190 -33.09 -46.89 -16.36
N ILE A 191 -32.72 -46.26 -15.27
CA ILE A 191 -31.46 -46.54 -14.56
C ILE A 191 -31.59 -47.84 -13.77
N LYS A 192 -30.61 -48.72 -13.82
CA LYS A 192 -30.72 -49.99 -13.08
C LYS A 192 -30.59 -49.85 -11.57
N CYS A 193 -29.57 -49.10 -11.17
CA CYS A 193 -29.26 -48.93 -9.81
C CYS A 193 -28.45 -47.66 -9.56
N VAL A 194 -28.78 -47.01 -8.47
CA VAL A 194 -28.02 -45.84 -8.00
C VAL A 194 -27.44 -46.17 -6.64
N PHE A 195 -26.10 -46.08 -6.52
CA PHE A 195 -25.47 -46.14 -5.19
C PHE A 195 -25.32 -44.69 -4.71
N LEU A 196 -25.83 -44.39 -3.50
CA LEU A 196 -25.63 -43.07 -2.92
C LEU A 196 -24.56 -43.16 -1.85
N VAL A 197 -23.35 -42.72 -2.19
CA VAL A 197 -22.15 -43.00 -1.40
C VAL A 197 -21.74 -41.73 -0.66
N ALA A 198 -21.99 -41.68 0.66
CA ALA A 198 -21.74 -40.44 1.39
C ALA A 198 -21.72 -40.74 2.87
N PRO A 199 -21.03 -39.89 3.64
CA PRO A 199 -21.28 -39.98 5.08
C PRO A 199 -22.75 -39.69 5.35
N ASP A 200 -23.32 -40.29 6.40
CA ASP A 200 -24.75 -40.08 6.73
C ASP A 200 -25.16 -38.60 6.73
N ALA A 201 -24.33 -37.74 7.33
CA ALA A 201 -24.66 -36.30 7.43
C ALA A 201 -24.71 -35.56 6.10
N LEU A 202 -24.11 -36.15 5.07
CA LEU A 202 -24.08 -35.50 3.77
C LEU A 202 -24.82 -36.35 2.74
N GLN A 203 -25.77 -37.15 3.17
CA GLN A 203 -26.55 -37.96 2.24
C GLN A 203 -27.46 -37.14 1.35
N MET A 204 -27.95 -37.80 0.30
CA MET A 204 -28.83 -37.17 -0.66
C MET A 204 -30.12 -36.76 0.08
N PRO A 205 -30.48 -35.44 -0.14
CA PRO A 205 -31.66 -34.98 0.59
C PRO A 205 -33.00 -35.58 0.25
N GLN A 206 -33.88 -35.62 1.25
CA GLN A 206 -35.21 -36.09 1.06
C GLN A 206 -35.98 -35.26 0.07
N ASP A 207 -35.68 -33.97 0.01
CA ASP A 207 -36.34 -33.10 -0.94
C ASP A 207 -35.98 -33.44 -2.38
N VAL A 208 -34.96 -34.24 -2.57
CA VAL A 208 -34.64 -34.74 -3.91
C VAL A 208 -35.26 -36.13 -4.09
N LEU A 209 -35.08 -36.99 -3.10
CA LEU A 209 -35.50 -38.39 -3.29
C LEU A 209 -37.02 -38.59 -3.26
N GLU A 210 -37.70 -37.87 -2.36
CA GLU A 210 -39.15 -38.08 -2.22
C GLU A 210 -39.98 -37.82 -3.48
N PRO A 211 -39.71 -36.70 -4.21
CA PRO A 211 -40.45 -36.48 -5.47
C PRO A 211 -40.15 -37.52 -6.56
N LEU A 212 -39.03 -38.22 -6.44
CA LEU A 212 -38.60 -39.22 -7.42
C LEU A 212 -39.14 -40.61 -7.12
N GLN A 213 -39.82 -40.79 -5.97
CA GLN A 213 -40.20 -42.16 -5.58
C GLN A 213 -41.12 -42.83 -6.61
N HIS A 214 -42.02 -42.08 -7.23
CA HIS A 214 -42.88 -42.66 -8.26
C HIS A 214 -42.11 -43.21 -9.44
N GLU A 215 -41.19 -42.43 -9.99
CA GLU A 215 -40.39 -42.89 -11.13
C GLU A 215 -39.54 -44.08 -10.67
N ILE A 216 -39.00 -44.00 -9.45
CA ILE A 216 -38.14 -45.10 -8.94
C ILE A 216 -38.93 -46.40 -8.89
N ALA A 217 -40.14 -46.35 -8.35
CA ALA A 217 -40.98 -47.57 -8.32
C ALA A 217 -41.41 -48.01 -9.73
N THR A 218 -41.84 -47.05 -10.55
CA THR A 218 -42.38 -47.33 -11.89
C THR A 218 -41.35 -48.02 -12.78
N LYS A 219 -40.09 -47.62 -12.62
CA LYS A 219 -39.04 -48.15 -13.44
C LYS A 219 -38.25 -49.24 -12.70
N GLY A 220 -38.61 -49.49 -11.44
CA GLY A 220 -37.89 -50.51 -10.67
C GLY A 220 -36.42 -50.20 -10.45
N VAL A 221 -36.09 -48.92 -10.25
CA VAL A 221 -34.70 -48.52 -9.98
C VAL A 221 -34.29 -48.96 -8.56
N ILE A 222 -33.11 -49.59 -8.45
CA ILE A 222 -32.58 -50.02 -7.19
C ILE A 222 -31.83 -48.81 -6.58
N ILE A 223 -32.11 -48.48 -5.32
CA ILE A 223 -31.40 -47.38 -4.65
C ILE A 223 -30.73 -47.94 -3.39
N HIS A 224 -29.39 -47.86 -3.30
CA HIS A 224 -28.69 -48.29 -2.08
C HIS A 224 -27.80 -47.19 -1.54
N ARG A 225 -27.89 -46.93 -0.24
CA ARG A 225 -27.00 -45.97 0.40
C ARG A 225 -25.79 -46.76 0.92
N THR A 226 -24.61 -46.14 0.82
CA THR A 226 -23.39 -46.70 1.42
C THR A 226 -22.59 -45.54 2.00
N HIS A 227 -21.60 -45.85 2.86
CA HIS A 227 -20.69 -44.83 3.33
C HIS A 227 -19.27 -45.16 2.87
N ALA A 228 -19.16 -45.93 1.79
CA ALA A 228 -17.88 -46.39 1.27
C ALA A 228 -18.02 -46.88 -0.16
N LEU A 229 -16.92 -46.80 -0.89
CA LEU A 229 -16.78 -47.45 -2.18
C LEU A 229 -16.44 -48.92 -1.95
N THR A 230 -17.49 -49.66 -1.63
CA THR A 230 -17.32 -51.06 -1.27
C THR A 230 -16.93 -51.83 -2.52
N ASP A 231 -16.46 -53.06 -2.34
CA ASP A 231 -16.15 -53.87 -3.50
C ASP A 231 -17.37 -54.02 -4.39
N GLU A 232 -18.56 -54.16 -3.81
CA GLU A 232 -19.78 -54.21 -4.61
C GLU A 232 -20.01 -52.95 -5.47
N VAL A 233 -19.87 -51.77 -4.88
CA VAL A 233 -20.03 -50.53 -5.66
C VAL A 233 -18.98 -50.54 -6.79
N MET A 234 -17.75 -50.89 -6.49
CA MET A 234 -16.71 -50.86 -7.54
C MET A 234 -16.95 -51.87 -8.66
N GLN A 235 -17.41 -53.04 -8.29
CA GLN A 235 -17.60 -54.10 -9.28
C GLN A 235 -18.82 -53.91 -10.18
N LYS A 236 -19.83 -53.22 -9.66
CA LYS A 236 -21.12 -53.14 -10.34
C LYS A 236 -21.30 -51.82 -11.10
N SER A 237 -20.54 -50.80 -10.75
CA SER A 237 -20.83 -49.47 -11.33
C SER A 237 -20.26 -49.27 -12.74
N ASP A 238 -21.13 -48.80 -13.61
CA ASP A 238 -20.70 -48.32 -14.94
C ASP A 238 -20.19 -46.91 -14.91
N VAL A 239 -20.65 -46.12 -13.93
CA VAL A 239 -20.24 -44.72 -13.79
C VAL A 239 -19.97 -44.50 -12.29
N LEU A 240 -18.77 -44.04 -11.97
CA LEU A 240 -18.48 -43.50 -10.61
C LEU A 240 -18.42 -41.97 -10.75
N TYR A 241 -19.42 -41.32 -10.19
CA TYR A 241 -19.53 -39.87 -10.34
C TYR A 241 -19.25 -39.30 -8.98
N THR A 242 -18.06 -38.71 -8.82
CA THR A 242 -17.64 -38.24 -7.52
C THR A 242 -17.56 -36.72 -7.41
N THR A 243 -17.61 -36.22 -6.19
CA THR A 243 -17.67 -34.78 -5.94
C THR A 243 -16.78 -34.40 -4.77
N ARG A 244 -16.48 -33.10 -4.68
CA ARG A 244 -15.66 -32.53 -3.60
C ARG A 244 -16.51 -32.30 -2.37
N LEU A 245 -15.97 -32.61 -1.19
CA LEU A 245 -16.65 -32.30 0.05
C LEU A 245 -16.52 -30.80 0.28
N GLN A 246 -17.64 -30.15 0.57
CA GLN A 246 -17.62 -28.70 0.69
C GLN A 246 -17.28 -28.32 2.12
N LYS A 247 -16.02 -28.60 2.46
CA LYS A 247 -15.54 -28.52 3.84
C LYS A 247 -15.58 -27.11 4.43
N GLU A 248 -15.57 -26.10 3.56
CA GLU A 248 -15.71 -24.71 3.99
C GLU A 248 -17.06 -24.46 4.68
N ARG A 249 -18.00 -25.39 4.49
CA ARG A 249 -19.32 -25.31 5.12
C ARG A 249 -19.42 -26.07 6.45
N PHE A 250 -18.42 -26.91 6.74
CA PHE A 250 -18.39 -27.67 8.01
C PHE A 250 -18.29 -26.76 9.24
N ASP A 256 -23.97 -30.87 13.71
CA ASP A 256 -23.23 -29.60 13.70
C ASP A 256 -21.76 -29.90 13.39
N ASP A 257 -21.11 -30.67 14.26
N ASP A 257 -21.11 -30.67 14.27
CA ASP A 257 -19.76 -31.14 13.98
CA ASP A 257 -19.75 -31.17 14.03
C ASP A 257 -19.77 -32.56 13.39
C ASP A 257 -19.78 -32.54 13.36
N ALA A 258 -20.98 -33.12 13.25
CA ALA A 258 -21.15 -34.47 12.71
C ALA A 258 -20.65 -34.58 11.28
N ALA A 259 -21.02 -33.63 10.42
CA ALA A 259 -20.55 -33.69 9.04
C ALA A 259 -19.04 -33.72 8.95
N ALA A 260 -18.36 -32.87 9.71
CA ALA A 260 -16.91 -32.86 9.66
C ALA A 260 -16.33 -34.20 10.13
N LEU A 261 -16.85 -34.71 11.24
CA LEU A 261 -16.28 -35.94 11.79
C LEU A 261 -16.64 -37.14 10.93
N GLN A 262 -17.89 -37.19 10.44
CA GLN A 262 -18.25 -38.33 9.57
C GLN A 262 -17.51 -38.30 8.24
N SER A 263 -17.32 -37.10 7.70
CA SER A 263 -16.55 -36.92 6.48
C SER A 263 -15.14 -37.41 6.65
N PHE A 264 -14.51 -37.04 7.78
CA PHE A 264 -13.14 -37.49 8.00
C PHE A 264 -13.10 -39.02 8.11
N ALA A 265 -14.05 -39.57 8.84
CA ALA A 265 -14.06 -41.02 9.07
C ALA A 265 -14.21 -41.79 7.74
N ALA A 266 -14.99 -41.23 6.83
CA ALA A 266 -15.24 -41.91 5.55
C ALA A 266 -14.26 -41.56 4.42
N LYS A 267 -13.38 -40.59 4.64
CA LYS A 267 -12.64 -39.96 3.54
C LYS A 267 -11.83 -40.97 2.69
N ALA A 268 -11.10 -41.86 3.35
CA ALA A 268 -10.29 -42.84 2.60
C ALA A 268 -11.18 -43.82 1.86
N ASP A 269 -12.28 -44.22 2.51
CA ASP A 269 -13.23 -45.15 1.90
C ASP A 269 -13.95 -44.59 0.68
N ILE A 270 -14.00 -43.27 0.53
CA ILE A 270 -14.68 -42.70 -0.63
C ILE A 270 -13.73 -42.04 -1.61
N THR A 271 -12.44 -42.24 -1.43
CA THR A 271 -11.42 -41.73 -2.37
C THR A 271 -11.23 -42.70 -3.51
N ILE A 272 -11.18 -42.15 -4.71
CA ILE A 272 -10.87 -42.96 -5.89
C ILE A 272 -9.41 -42.72 -6.24
N ASP A 273 -8.62 -43.81 -6.25
CA ASP A 273 -7.21 -43.77 -6.60
C ASP A 273 -6.90 -44.99 -7.46
N ALA A 274 -5.68 -45.08 -7.95
CA ALA A 274 -5.33 -46.20 -8.81
C ALA A 274 -5.52 -47.55 -8.11
N ALA A 275 -5.27 -47.61 -6.79
CA ALA A 275 -5.44 -48.85 -6.06
C ALA A 275 -6.90 -49.27 -6.09
N ARG A 276 -7.81 -48.32 -5.84
CA ARG A 276 -9.23 -48.65 -5.79
C ARG A 276 -9.72 -49.04 -7.20
N MET A 277 -9.18 -48.43 -8.21
CA MET A 277 -9.57 -48.73 -9.57
C MET A 277 -9.28 -50.16 -10.04
N ARG A 278 -8.47 -50.86 -9.31
CA ARG A 278 -8.15 -52.24 -9.63
C ARG A 278 -9.42 -53.11 -9.55
N LEU A 279 -10.38 -52.68 -8.78
CA LEU A 279 -11.63 -53.37 -8.63
C LEU A 279 -12.70 -52.90 -9.62
N ALA A 280 -12.45 -51.87 -10.37
CA ALA A 280 -13.45 -51.33 -11.27
C ALA A 280 -13.64 -52.24 -12.49
N LYS A 281 -14.80 -52.17 -13.12
CA LYS A 281 -15.03 -52.83 -14.42
C LYS A 281 -14.01 -52.39 -15.45
N GLU A 282 -13.71 -53.28 -16.41
CA GLU A 282 -12.82 -52.94 -17.51
C GLU A 282 -13.38 -51.80 -18.35
N LYS A 283 -14.69 -51.81 -18.59
CA LYS A 283 -15.32 -50.69 -19.28
C LYS A 283 -16.32 -49.98 -18.39
N MET A 284 -15.96 -48.76 -18.00
CA MET A 284 -16.80 -47.92 -17.16
C MET A 284 -16.12 -46.56 -17.22
N ILE A 285 -16.75 -45.54 -16.64
CA ILE A 285 -16.08 -44.24 -16.53
C ILE A 285 -16.14 -43.67 -15.12
N VAL A 286 -15.09 -42.92 -14.81
CA VAL A 286 -15.02 -42.07 -13.63
C VAL A 286 -15.32 -40.64 -14.09
N MET A 287 -16.28 -40.01 -13.40
CA MET A 287 -16.68 -38.63 -13.71
C MET A 287 -16.56 -37.79 -12.44
N HIS A 288 -16.40 -36.47 -12.62
CA HIS A 288 -16.34 -35.51 -11.52
C HIS A 288 -16.71 -34.18 -12.16
N PRO A 289 -17.72 -33.46 -11.63
CA PRO A 289 -18.01 -32.16 -12.27
C PRO A 289 -16.89 -31.16 -12.16
N LEU A 290 -16.01 -31.34 -11.16
CA LEU A 290 -14.84 -30.48 -10.88
C LEU A 290 -15.29 -29.11 -10.32
N PRO A 291 -14.45 -28.44 -9.53
CA PRO A 291 -13.10 -28.77 -9.17
C PRO A 291 -13.02 -29.94 -8.20
N ARG A 292 -11.92 -30.65 -8.29
CA ARG A 292 -11.64 -31.72 -7.34
C ARG A 292 -10.62 -31.30 -6.33
N ASN A 293 -10.66 -32.00 -5.20
CA ASN A 293 -9.55 -31.94 -4.22
C ASN A 293 -9.00 -33.36 -4.12
N ASP A 294 -8.64 -33.84 -2.92
CA ASP A 294 -7.98 -35.14 -2.86
C ASP A 294 -8.87 -36.41 -3.02
N GLU A 295 -10.18 -36.23 -3.18
CA GLU A 295 -11.10 -37.35 -3.28
C GLU A 295 -10.94 -38.13 -4.60
N LEU A 296 -10.28 -37.49 -5.59
CA LEU A 296 -10.07 -38.12 -6.90
C LEU A 296 -8.58 -37.93 -7.19
N SER A 297 -7.81 -38.99 -6.97
CA SER A 297 -6.38 -38.90 -7.03
C SER A 297 -5.84 -38.70 -8.43
N THR A 298 -4.77 -37.90 -8.52
CA THR A 298 -4.11 -37.74 -9.82
C THR A 298 -3.57 -39.04 -10.36
N THR A 299 -3.44 -40.08 -9.51
CA THR A 299 -3.02 -41.39 -10.01
C THR A 299 -4.02 -42.03 -11.01
N VAL A 300 -5.23 -41.49 -11.07
CA VAL A 300 -6.28 -42.03 -11.96
C VAL A 300 -6.25 -41.33 -13.33
N ASP A 301 -5.54 -40.20 -13.43
CA ASP A 301 -5.69 -39.31 -14.60
C ASP A 301 -5.27 -39.96 -15.90
N ALA A 302 -4.29 -40.86 -15.85
CA ALA A 302 -3.81 -41.56 -17.06
C ALA A 302 -4.70 -42.75 -17.48
N ASP A 303 -5.64 -43.14 -16.63
CA ASP A 303 -6.49 -44.31 -16.92
C ASP A 303 -7.45 -43.94 -18.04
N PRO A 304 -7.63 -44.81 -19.07
CA PRO A 304 -8.63 -44.51 -20.10
C PRO A 304 -10.04 -44.31 -19.55
N ARG A 305 -10.31 -44.89 -18.39
CA ARG A 305 -11.62 -44.75 -17.77
C ARG A 305 -11.84 -43.39 -17.14
N ALA A 306 -10.78 -42.59 -17.01
CA ALA A 306 -10.92 -41.25 -16.40
C ALA A 306 -11.56 -40.35 -17.46
N ALA A 307 -12.85 -40.04 -17.26
CA ALA A 307 -13.58 -39.25 -18.23
C ALA A 307 -13.78 -37.79 -17.84
N TYR A 308 -13.26 -37.39 -16.68
CA TYR A 308 -13.62 -36.07 -16.11
C TYR A 308 -12.94 -34.87 -16.82
N PHE A 309 -11.90 -35.12 -17.59
CA PHE A 309 -11.35 -34.03 -18.41
C PHE A 309 -12.17 -33.94 -19.70
N ARG A 310 -12.46 -35.08 -20.32
CA ARG A 310 -13.32 -35.10 -21.52
C ARG A 310 -14.69 -34.47 -21.24
N GLN A 311 -15.21 -34.75 -20.04
CA GLN A 311 -16.42 -34.19 -19.51
C GLN A 311 -16.50 -32.67 -19.68
N MET A 312 -15.39 -31.98 -19.41
CA MET A 312 -15.41 -30.52 -19.57
C MET A 312 -15.63 -30.09 -21.02
N ARG A 313 -15.00 -30.80 -21.96
CA ARG A 313 -15.17 -30.43 -23.39
C ARG A 313 -16.59 -30.77 -23.85
N TYR A 314 -17.11 -31.94 -23.43
CA TYR A 314 -18.54 -32.23 -23.69
C TYR A 314 -19.42 -31.09 -23.15
N GLY A 315 -19.05 -30.52 -22.00
CA GLY A 315 -19.80 -29.38 -21.50
C GLY A 315 -19.86 -28.19 -22.44
N MET A 316 -18.74 -27.87 -23.09
CA MET A 316 -18.76 -26.74 -24.04
C MET A 316 -19.76 -27.03 -25.18
N PHE A 317 -19.74 -28.26 -25.70
CA PHE A 317 -20.59 -28.58 -26.84
C PHE A 317 -22.06 -28.66 -26.44
N MET A 318 -22.32 -29.17 -25.24
CA MET A 318 -23.69 -29.14 -24.73
C MET A 318 -24.17 -27.71 -24.56
N ARG A 319 -23.31 -26.84 -24.06
CA ARG A 319 -23.72 -25.45 -23.89
C ARG A 319 -23.90 -24.75 -25.25
N MET A 320 -23.14 -25.13 -26.28
CA MET A 320 -23.46 -24.64 -27.65
C MET A 320 -24.86 -25.10 -28.09
N ALA A 321 -25.19 -26.37 -27.84
CA ALA A 321 -26.51 -26.89 -28.19
C ALA A 321 -27.61 -26.13 -27.46
N ILE A 322 -27.36 -25.87 -26.18
CA ILE A 322 -28.34 -25.17 -25.37
C ILE A 322 -28.51 -23.71 -25.84
N LEU A 323 -27.41 -22.96 -26.00
CA LEU A 323 -27.52 -21.54 -26.37
C LEU A 323 -28.18 -21.38 -27.72
N TRP A 324 -27.81 -22.26 -28.66
CA TRP A 324 -28.37 -22.16 -30.01
C TRP A 324 -29.86 -22.46 -29.94
N SER A 325 -30.26 -23.47 -29.17
CA SER A 325 -31.70 -23.82 -29.06
C SER A 325 -32.51 -22.71 -28.36
N VAL A 326 -31.95 -22.10 -27.32
CA VAL A 326 -32.68 -21.04 -26.62
C VAL A 326 -32.84 -19.81 -27.52
N LEU A 327 -31.80 -19.47 -28.26
CA LEU A 327 -31.78 -18.19 -28.99
C LEU A 327 -32.13 -18.27 -30.48
N ALA A 328 -32.37 -19.46 -31.02
CA ALA A 328 -32.63 -19.59 -32.47
C ALA A 328 -33.95 -18.92 -32.81
N GLY B 1 -1.80 -1.55 -46.97
CA GLY B 1 -1.07 -2.58 -47.70
C GLY B 1 -1.96 -3.70 -48.23
N SER B 2 -2.92 -3.34 -49.03
CA SER B 2 -3.88 -4.27 -49.57
C SER B 2 -3.28 -5.40 -50.41
N MET B 3 -2.20 -5.14 -51.14
CA MET B 3 -1.60 -6.19 -51.94
C MET B 3 -0.53 -6.97 -51.17
N LEU B 4 -0.32 -6.65 -49.90
CA LEU B 4 0.66 -7.38 -49.09
C LEU B 4 0.08 -8.70 -48.63
N GLU B 5 0.91 -9.73 -48.62
CA GLU B 5 0.50 -11.04 -48.14
C GLU B 5 0.80 -11.00 -46.64
N LEU B 6 0.09 -11.88 -45.92
CA LEU B 6 0.38 -12.15 -44.51
C LEU B 6 0.76 -13.63 -44.32
N PRO B 7 1.92 -14.03 -44.86
CA PRO B 7 2.33 -15.41 -44.72
C PRO B 7 2.68 -15.76 -43.26
N PRO B 8 2.05 -16.79 -42.71
CA PRO B 8 2.47 -17.10 -41.32
C PRO B 8 3.88 -17.69 -41.27
N VAL B 9 4.57 -17.45 -40.16
CA VAL B 9 5.90 -18.00 -40.01
C VAL B 9 5.74 -19.47 -39.68
N ALA B 10 6.05 -20.31 -40.67
CA ALA B 10 5.74 -21.73 -40.60
C ALA B 10 6.33 -22.44 -39.40
N SER B 11 7.53 -22.04 -38.99
CA SER B 11 8.25 -22.70 -37.92
C SER B 11 7.51 -22.59 -36.59
N LEU B 12 6.60 -21.62 -36.49
CA LEU B 12 5.88 -21.39 -35.23
C LEU B 12 4.59 -22.15 -35.15
N LYS B 13 4.17 -22.76 -36.27
CA LYS B 13 2.86 -23.40 -36.28
C LYS B 13 2.64 -24.43 -35.17
N GLY B 14 1.57 -24.22 -34.39
CA GLY B 14 1.16 -25.15 -33.33
C GLY B 14 2.12 -25.25 -32.16
N LYS B 15 3.07 -24.35 -32.06
CA LYS B 15 4.08 -24.53 -31.03
C LYS B 15 3.91 -23.56 -29.88
N SER B 16 4.23 -24.04 -28.67
CA SER B 16 4.28 -23.17 -27.51
C SER B 16 5.51 -22.30 -27.59
N ILE B 17 5.43 -21.13 -26.96
CA ILE B 17 6.56 -20.21 -26.95
C ILE B 17 6.97 -20.05 -25.52
N THR B 18 8.15 -20.51 -25.21
CA THR B 18 8.60 -20.44 -23.82
C THR B 18 9.88 -19.64 -23.61
N SER B 19 10.73 -19.57 -24.63
CA SER B 19 12.07 -19.00 -24.44
C SER B 19 12.52 -18.29 -25.69
N ALA B 20 13.30 -17.24 -25.51
CA ALA B 20 13.95 -16.56 -26.63
C ALA B 20 14.87 -17.50 -27.40
N GLU B 21 15.29 -18.58 -26.77
CA GLU B 21 16.24 -19.53 -27.38
C GLU B 21 15.63 -20.30 -28.53
N GLN B 22 14.29 -20.32 -28.61
CA GLN B 22 13.63 -21.15 -29.61
C GLN B 22 13.61 -20.55 -31.01
N PHE B 23 14.02 -19.28 -31.12
CA PHE B 23 13.93 -18.55 -32.39
C PHE B 23 15.27 -18.45 -33.08
N SER B 24 15.22 -18.70 -34.38
CA SER B 24 16.35 -18.39 -35.25
C SER B 24 16.29 -16.96 -35.74
N ARG B 25 17.41 -16.51 -36.29
CA ARG B 25 17.48 -15.19 -36.92
C ARG B 25 16.43 -15.09 -38.04
N ALA B 26 16.31 -16.14 -38.84
CA ALA B 26 15.33 -16.17 -39.89
C ALA B 26 13.89 -16.06 -39.36
N ASP B 27 13.61 -16.76 -38.27
CA ASP B 27 12.29 -16.61 -37.61
C ASP B 27 12.03 -15.17 -37.21
N ILE B 28 13.04 -14.55 -36.60
CA ILE B 28 12.86 -13.19 -36.05
C ILE B 28 12.60 -12.19 -37.17
N TYR B 29 13.39 -12.23 -38.24
CA TYR B 29 13.11 -11.36 -39.39
C TYR B 29 11.77 -11.65 -40.06
N ALA B 30 11.36 -12.92 -40.14
CA ALA B 30 10.07 -13.23 -40.71
C ALA B 30 8.97 -12.63 -39.83
N LEU B 31 9.10 -12.76 -38.51
CA LEU B 31 8.12 -12.13 -37.61
C LEU B 31 8.11 -10.61 -37.74
N ILE B 32 9.30 -10.01 -37.86
CA ILE B 32 9.41 -8.56 -38.05
C ILE B 32 8.69 -8.11 -39.34
N HIS B 33 8.92 -8.81 -40.45
CA HIS B 33 8.28 -8.43 -41.70
C HIS B 33 6.78 -8.62 -41.64
N LEU B 34 6.35 -9.71 -40.99
CA LEU B 34 4.94 -10.00 -40.84
C LEU B 34 4.28 -8.92 -39.96
N ALA B 35 4.94 -8.57 -38.86
CA ALA B 35 4.42 -7.50 -37.95
C ALA B 35 4.27 -6.16 -38.66
N SER B 36 5.24 -5.82 -39.51
CA SER B 36 5.17 -4.56 -40.23
CA SER B 36 5.22 -4.59 -40.31
C SER B 36 4.02 -4.58 -41.24
N ALA B 37 3.78 -5.72 -41.88
CA ALA B 37 2.67 -5.83 -42.84
C ALA B 37 1.32 -5.75 -42.10
N MET B 38 1.26 -6.36 -40.90
CA MET B 38 0.08 -6.23 -40.01
CA MET B 38 0.03 -6.20 -40.13
C MET B 38 -0.20 -4.76 -39.70
N GLN B 39 0.85 -4.05 -39.33
CA GLN B 39 0.76 -2.64 -38.95
C GLN B 39 0.22 -1.84 -40.14
N ARG B 40 0.73 -2.11 -41.34
CA ARG B 40 0.28 -1.33 -42.50
C ARG B 40 -1.19 -1.54 -42.79
N LYS B 41 -1.66 -2.79 -42.72
CA LYS B 41 -3.05 -3.13 -43.02
C LYS B 41 -3.96 -2.52 -41.97
N ILE B 42 -3.61 -2.73 -40.70
CA ILE B 42 -4.45 -2.19 -39.63
C ILE B 42 -4.54 -0.67 -39.61
N ASP B 43 -3.40 -0.01 -39.83
CA ASP B 43 -3.36 1.44 -39.80
C ASP B 43 -4.15 1.99 -41.02
N ALA B 44 -4.23 1.23 -42.11
CA ALA B 44 -5.02 1.62 -43.30
C ALA B 44 -6.51 1.34 -43.11
N GLY B 45 -6.87 0.76 -41.96
CA GLY B 45 -8.26 0.42 -41.70
C GLY B 45 -8.78 -0.92 -42.20
N GLU B 46 -7.90 -1.78 -42.72
CA GLU B 46 -8.32 -3.11 -43.17
CA GLU B 46 -8.33 -3.10 -43.16
C GLU B 46 -8.76 -3.97 -41.99
N VAL B 47 -9.82 -4.73 -42.21
CA VAL B 47 -10.34 -5.67 -41.22
C VAL B 47 -9.82 -7.06 -41.52
N LEU B 48 -9.13 -7.67 -40.58
CA LEU B 48 -8.59 -9.01 -40.80
C LEU B 48 -9.51 -10.05 -40.19
N ASN B 49 -9.73 -11.17 -40.88
N ASN B 49 -9.72 -11.13 -40.89
CA ASN B 49 -10.58 -12.23 -40.37
CA ASN B 49 -10.54 -12.17 -40.42
C ASN B 49 -9.89 -13.59 -40.20
C ASN B 49 -9.87 -13.54 -40.29
N LEU B 50 -8.57 -13.54 -40.08
CA LEU B 50 -7.73 -14.71 -40.15
C LEU B 50 -8.03 -15.76 -39.09
N LEU B 51 -8.41 -15.31 -37.90
CA LEU B 51 -8.62 -16.23 -36.77
C LEU B 51 -10.07 -16.27 -36.30
N GLN B 52 -11.03 -16.01 -37.20
CA GLN B 52 -12.41 -16.14 -36.80
C GLN B 52 -12.71 -17.53 -36.20
N GLY B 53 -13.44 -17.53 -35.08
CA GLY B 53 -13.84 -18.79 -34.40
C GLY B 53 -12.73 -19.41 -33.55
N ARG B 54 -11.59 -18.71 -33.39
CA ARG B 54 -10.51 -19.21 -32.54
CA ARG B 54 -10.48 -19.20 -32.56
C ARG B 54 -10.45 -18.41 -31.27
N ILE B 55 -10.14 -19.09 -30.16
CA ILE B 55 -10.18 -18.47 -28.83
C ILE B 55 -8.83 -18.44 -28.15
N MET B 56 -8.50 -17.27 -27.61
CA MET B 56 -7.36 -17.16 -26.72
CA MET B 56 -7.36 -17.09 -26.71
C MET B 56 -7.90 -16.98 -25.30
N THR B 57 -7.29 -17.67 -24.34
CA THR B 57 -7.66 -17.44 -22.93
C THR B 57 -6.43 -16.96 -22.19
N PRO B 58 -6.52 -15.80 -21.54
CA PRO B 58 -5.43 -15.34 -20.69
C PRO B 58 -5.45 -16.05 -19.35
N LEU B 59 -4.28 -16.45 -18.90
CA LEU B 59 -4.11 -17.13 -17.59
C LEU B 59 -3.05 -16.34 -16.85
N PHE B 60 -3.48 -15.23 -16.26
CA PHE B 60 -2.56 -14.32 -15.58
C PHE B 60 -2.63 -14.47 -14.08
N PHE B 61 -1.61 -15.12 -13.53
CA PHE B 61 -1.47 -15.32 -12.09
C PHE B 61 -0.61 -14.21 -11.45
N GLU B 62 -0.19 -13.22 -12.23
CA GLU B 62 0.42 -11.96 -11.78
C GLU B 62 -0.22 -10.84 -12.58
N ASP B 63 -0.11 -9.62 -12.07
CA ASP B 63 -0.66 -8.41 -12.73
C ASP B 63 0.01 -8.15 -14.07
N SER B 64 -0.72 -7.48 -14.96
CA SER B 64 -0.19 -7.05 -16.26
C SER B 64 -1.11 -6.00 -16.87
N SER B 65 -0.53 -4.94 -17.43
CA SER B 65 -1.29 -4.00 -18.27
C SER B 65 -0.97 -4.23 -19.75
N ARG B 66 0.31 -4.15 -20.12
CA ARG B 66 0.68 -4.28 -21.54
C ARG B 66 0.51 -5.66 -22.10
N THR B 67 1.06 -6.66 -21.43
CA THR B 67 1.10 -7.98 -22.05
C THR B 67 -0.31 -8.57 -22.19
N PHE B 68 -1.09 -8.48 -21.14
CA PHE B 68 -2.50 -8.89 -21.21
C PHE B 68 -3.26 -8.12 -22.30
N SER B 69 -3.21 -6.79 -22.26
CA SER B 69 -4.04 -6.01 -23.19
C SER B 69 -3.60 -6.16 -24.63
N SER B 70 -2.28 -6.19 -24.84
N SER B 70 -2.29 -6.20 -24.88
CA SER B 70 -1.67 -6.31 -26.18
CA SER B 70 -1.80 -6.30 -26.27
C SER B 70 -2.07 -7.64 -26.81
C SER B 70 -2.08 -7.67 -26.86
N PHE B 71 -2.00 -8.72 -26.05
CA PHE B 71 -2.42 -10.04 -26.59
C PHE B 71 -3.91 -10.09 -26.89
N CYS B 72 -4.75 -9.54 -26.03
CA CYS B 72 -6.22 -9.51 -26.28
C CYS B 72 -6.48 -8.72 -27.54
N ALA B 73 -5.92 -7.51 -27.63
CA ALA B 73 -6.09 -6.65 -28.80
C ALA B 73 -5.59 -7.33 -30.06
N ALA B 74 -4.41 -7.95 -30.00
CA ALA B 74 -3.84 -8.67 -31.16
C ALA B 74 -4.80 -9.77 -31.62
N MET B 75 -5.34 -10.56 -30.69
CA MET B 75 -6.25 -11.64 -31.08
C MET B 75 -7.48 -11.07 -31.79
N ILE B 76 -8.04 -10.01 -31.22
CA ILE B 76 -9.26 -9.38 -31.72
C ILE B 76 -9.00 -8.82 -33.13
N ARG B 77 -7.83 -8.21 -33.31
CA ARG B 77 -7.54 -7.59 -34.62
C ARG B 77 -7.21 -8.62 -35.67
N LEU B 78 -6.98 -9.87 -35.27
CA LEU B 78 -6.90 -10.97 -36.25
C LEU B 78 -8.27 -11.62 -36.54
N GLY B 79 -9.32 -11.13 -35.89
CA GLY B 79 -10.64 -11.73 -36.03
C GLY B 79 -10.97 -12.81 -35.02
N GLY B 80 -10.02 -13.08 -34.11
CA GLY B 80 -10.22 -14.05 -33.03
C GLY B 80 -10.97 -13.49 -31.85
N SER B 81 -11.14 -14.34 -30.85
CA SER B 81 -11.90 -13.97 -29.68
C SER B 81 -11.17 -14.36 -28.41
N VAL B 82 -11.61 -13.76 -27.31
CA VAL B 82 -10.98 -13.94 -26.00
C VAL B 82 -12.01 -14.38 -24.99
N VAL B 83 -11.70 -15.40 -24.18
CA VAL B 83 -12.53 -15.73 -23.00
C VAL B 83 -11.83 -15.05 -21.81
N ASN B 84 -12.57 -14.20 -21.09
CA ASN B 84 -11.98 -13.36 -20.03
CA ASN B 84 -11.99 -13.35 -20.03
C ASN B 84 -11.94 -14.05 -18.68
N PHE B 85 -11.20 -15.16 -18.64
CA PHE B 85 -10.98 -15.91 -17.40
C PHE B 85 -10.14 -15.10 -16.43
N LYS B 86 -10.63 -14.99 -15.20
CA LYS B 86 -9.88 -14.37 -14.09
C LYS B 86 -9.54 -15.34 -12.99
N VAL B 87 -8.24 -15.48 -12.73
CA VAL B 87 -7.77 -16.38 -11.68
C VAL B 87 -8.44 -16.07 -10.34
N GLU B 88 -8.60 -14.78 -10.01
CA GLU B 88 -9.15 -14.39 -8.68
C GLU B 88 -10.61 -14.76 -8.48
N ALA B 89 -11.31 -15.06 -9.59
CA ALA B 89 -12.71 -15.39 -9.56
C ALA B 89 -12.93 -16.88 -9.87
N SER B 90 -11.88 -17.67 -9.75
CA SER B 90 -11.95 -19.03 -10.33
C SER B 90 -12.01 -20.11 -9.23
N SER B 91 -12.10 -21.36 -9.68
CA SER B 91 -12.09 -22.49 -8.75
C SER B 91 -10.75 -22.73 -8.04
N ILE B 92 -9.71 -21.99 -8.39
CA ILE B 92 -8.47 -21.99 -7.59
C ILE B 92 -8.79 -21.61 -6.15
N ASN B 93 -9.86 -20.83 -5.96
CA ASN B 93 -10.30 -20.49 -4.56
C ASN B 93 -10.95 -21.64 -3.78
N LYS B 94 -11.28 -22.73 -4.48
CA LYS B 94 -11.79 -23.97 -3.87
C LYS B 94 -10.74 -25.08 -3.89
N GLY B 95 -9.49 -24.71 -4.18
CA GLY B 95 -8.32 -25.60 -4.10
C GLY B 95 -7.98 -26.28 -5.42
N GLU B 96 -8.57 -25.81 -6.52
CA GLU B 96 -8.19 -26.42 -7.82
C GLU B 96 -6.70 -26.19 -8.05
N THR B 97 -6.00 -27.21 -8.52
CA THR B 97 -4.56 -27.05 -8.79
C THR B 97 -4.26 -26.30 -10.09
N LEU B 98 -3.01 -25.87 -10.22
CA LEU B 98 -2.58 -25.23 -11.47
C LEU B 98 -2.81 -26.16 -12.63
N ALA B 99 -2.42 -27.42 -12.49
CA ALA B 99 -2.53 -28.34 -13.61
C ALA B 99 -3.98 -28.54 -14.02
N ASP B 100 -4.90 -28.62 -13.05
CA ASP B 100 -6.29 -28.82 -13.43
C ASP B 100 -6.88 -27.53 -14.04
N THR B 101 -6.43 -26.37 -13.58
CA THR B 101 -6.84 -25.08 -14.20
C THR B 101 -6.41 -25.03 -15.67
N ILE B 102 -5.17 -25.43 -15.95
CA ILE B 102 -4.67 -25.49 -17.33
C ILE B 102 -5.53 -26.44 -18.15
N ARG B 103 -5.79 -27.64 -17.62
CA ARG B 103 -6.59 -28.58 -18.38
C ARG B 103 -7.98 -28.02 -18.68
N THR B 104 -8.55 -27.30 -17.69
CA THR B 104 -9.89 -26.70 -17.84
C THR B 104 -9.92 -25.69 -18.99
N LEU B 105 -9.03 -24.70 -18.96
CA LEU B 105 -9.09 -23.70 -20.05
C LEU B 105 -8.62 -24.27 -21.38
N ASP B 106 -7.74 -25.28 -21.32
CA ASP B 106 -7.29 -25.98 -22.53
C ASP B 106 -8.46 -26.68 -23.23
N SER B 107 -9.52 -26.95 -22.48
CA SER B 107 -10.71 -27.67 -23.01
C SER B 107 -11.54 -26.80 -23.95
N TYR B 108 -11.38 -25.48 -23.84
CA TYR B 108 -12.24 -24.54 -24.54
C TYR B 108 -11.50 -23.69 -25.55
N SER B 109 -10.17 -23.66 -25.47
CA SER B 109 -9.36 -22.62 -26.12
C SER B 109 -8.49 -23.14 -27.24
N ASP B 110 -8.05 -22.24 -28.11
CA ASP B 110 -7.08 -22.58 -29.12
C ASP B 110 -5.65 -22.22 -28.70
N VAL B 111 -5.51 -21.26 -27.81
CA VAL B 111 -4.19 -20.84 -27.33
C VAL B 111 -4.35 -20.27 -25.94
N LEU B 112 -3.38 -20.54 -25.05
CA LEU B 112 -3.40 -19.99 -23.71
C LEU B 112 -2.22 -19.03 -23.60
N VAL B 113 -2.42 -17.89 -22.94
CA VAL B 113 -1.31 -16.94 -22.75
C VAL B 113 -1.13 -16.88 -21.22
N MET B 114 0.01 -17.32 -20.71
CA MET B 114 0.19 -17.56 -19.26
C MET B 114 1.31 -16.73 -18.68
N ARG B 115 1.00 -16.04 -17.59
CA ARG B 115 2.03 -15.36 -16.79
C ARG B 115 1.90 -15.90 -15.37
N HIS B 116 3.03 -16.22 -14.73
CA HIS B 116 2.97 -16.84 -13.40
C HIS B 116 4.21 -16.45 -12.63
N PRO B 117 4.09 -16.25 -11.30
CA PRO B 117 5.25 -15.85 -10.51
C PRO B 117 6.29 -16.96 -10.30
N ARG B 118 5.95 -18.22 -10.55
CA ARG B 118 6.88 -19.33 -10.41
C ARG B 118 7.53 -19.67 -11.77
N GLN B 119 8.86 -19.66 -11.81
CA GLN B 119 9.59 -19.88 -13.07
C GLN B 119 9.28 -21.22 -13.71
N ASP B 120 9.03 -22.26 -12.90
CA ASP B 120 8.73 -23.59 -13.46
C ASP B 120 7.26 -23.86 -13.76
N ALA B 121 6.39 -22.88 -13.52
CA ALA B 121 4.96 -23.10 -13.76
C ALA B 121 4.64 -23.27 -15.24
N ILE B 122 5.39 -22.60 -16.12
CA ILE B 122 5.17 -22.79 -17.54
C ILE B 122 5.40 -24.25 -17.97
N GLU B 123 6.49 -24.85 -17.48
CA GLU B 123 6.78 -26.21 -17.85
C GLU B 123 5.68 -27.16 -17.33
N GLU B 124 5.16 -26.87 -16.15
CA GLU B 124 4.08 -27.65 -15.58
CA GLU B 124 4.09 -27.66 -15.59
C GLU B 124 2.85 -27.60 -16.47
N ALA B 125 2.52 -26.40 -16.92
CA ALA B 125 1.37 -26.23 -17.80
C ALA B 125 1.56 -26.96 -19.12
N LEU B 126 2.76 -26.89 -19.68
CA LEU B 126 3.05 -27.54 -20.95
C LEU B 126 2.87 -29.04 -20.82
N SER B 127 3.10 -29.57 -19.61
CA SER B 127 3.03 -31.02 -19.39
C SER B 127 1.60 -31.57 -19.49
N VAL B 128 0.60 -30.70 -19.35
CA VAL B 128 -0.79 -31.14 -19.41
C VAL B 128 -1.61 -30.51 -20.53
N ALA B 129 -1.13 -29.44 -21.14
CA ALA B 129 -1.95 -28.77 -22.18
C ALA B 129 -1.81 -29.41 -23.57
N GLN B 130 -2.92 -29.51 -24.30
CA GLN B 130 -2.92 -29.97 -25.69
C GLN B 130 -2.66 -28.81 -26.66
N HIS B 131 -3.13 -27.62 -26.30
CA HIS B 131 -2.97 -26.45 -27.16
C HIS B 131 -1.72 -25.65 -26.80
N PRO B 132 -1.25 -24.79 -27.71
CA PRO B 132 -0.06 -24.02 -27.39
C PRO B 132 -0.26 -23.04 -26.25
N ILE B 133 0.79 -22.93 -25.43
CA ILE B 133 0.89 -21.93 -24.38
C ILE B 133 1.96 -20.92 -24.75
N LEU B 134 1.61 -19.63 -24.63
CA LEU B 134 2.59 -18.56 -24.85
C LEU B 134 2.98 -17.99 -23.49
N ASN B 135 4.28 -18.05 -23.21
CA ASN B 135 4.82 -17.54 -21.93
C ASN B 135 4.83 -16.02 -21.93
N ALA B 136 3.94 -15.43 -21.13
CA ALA B 136 3.86 -13.98 -20.92
C ALA B 136 4.67 -13.53 -19.72
N GLY B 137 5.47 -14.44 -19.18
CA GLY B 137 6.38 -14.09 -18.07
C GLY B 137 6.35 -15.18 -17.04
N ASN B 138 7.50 -15.77 -16.75
CA ASN B 138 7.56 -16.86 -15.76
C ASN B 138 8.56 -16.49 -14.65
N GLY B 139 8.01 -15.93 -13.58
CA GLY B 139 8.86 -15.46 -12.47
C GLY B 139 9.94 -14.53 -13.00
N ALA B 140 11.15 -14.72 -12.49
CA ALA B 140 12.29 -13.96 -12.98
C ALA B 140 13.01 -14.66 -14.11
N GLY B 141 12.30 -15.51 -14.84
CA GLY B 141 12.87 -16.30 -15.92
C GLY B 141 12.95 -15.50 -17.20
N GLU B 142 11.92 -15.67 -18.02
CA GLU B 142 11.93 -15.03 -19.36
C GLU B 142 10.60 -14.35 -19.69
N HIS B 143 10.62 -13.58 -20.77
CA HIS B 143 9.44 -12.90 -21.32
C HIS B 143 9.72 -12.88 -22.83
N PRO B 144 9.53 -14.01 -23.51
CA PRO B 144 10.11 -14.17 -24.86
C PRO B 144 9.45 -13.26 -25.88
N THR B 145 8.15 -13.00 -25.74
CA THR B 145 7.51 -12.11 -26.72
C THR B 145 7.87 -10.64 -26.47
N GLN B 146 8.22 -10.26 -25.24
CA GLN B 146 8.77 -8.93 -25.03
C GLN B 146 10.06 -8.82 -25.84
N ALA B 147 10.92 -9.86 -25.82
CA ALA B 147 12.20 -9.74 -26.54
C ALA B 147 11.95 -9.55 -28.05
N LEU B 148 10.97 -10.28 -28.56
CA LEU B 148 10.62 -10.15 -29.95
C LEU B 148 10.12 -8.73 -30.27
N LEU B 149 9.26 -8.18 -29.44
CA LEU B 149 8.73 -6.87 -29.79
C LEU B 149 9.81 -5.80 -29.58
N ASP B 150 10.69 -6.03 -28.61
CA ASP B 150 11.81 -5.12 -28.38
C ASP B 150 12.70 -5.06 -29.61
N THR B 151 12.89 -6.22 -30.25
CA THR B 151 13.77 -6.30 -31.41
C THR B 151 13.08 -5.66 -32.62
N LEU B 152 11.77 -5.83 -32.74
CA LEU B 152 11.00 -5.12 -33.77
C LEU B 152 11.10 -3.60 -33.55
N THR B 153 11.09 -3.16 -32.31
CA THR B 153 11.21 -1.72 -32.01
C THR B 153 12.60 -1.22 -32.45
N ILE B 154 13.66 -1.91 -32.05
CA ILE B 154 15.03 -1.50 -32.44
C ILE B 154 15.15 -1.46 -33.97
N HIS B 155 14.67 -2.50 -34.64
CA HIS B 155 14.76 -2.60 -36.11
C HIS B 155 14.02 -1.43 -36.76
N SER B 156 12.81 -1.17 -36.29
CA SER B 156 11.97 -0.16 -36.91
C SER B 156 12.48 1.26 -36.64
N GLU B 157 13.04 1.49 -35.46
CA GLU B 157 13.44 2.81 -35.07
C GLU B 157 14.83 3.17 -35.61
N LEU B 158 15.76 2.22 -35.57
CA LEU B 158 17.16 2.49 -35.94
C LEU B 158 17.53 1.97 -37.33
N GLY B 159 16.76 1.01 -37.82
CA GLY B 159 16.97 0.46 -39.16
C GLY B 159 17.81 -0.80 -39.22
N SER B 160 18.48 -1.13 -38.13
CA SER B 160 19.37 -2.28 -38.06
C SER B 160 19.56 -2.71 -36.61
N VAL B 161 19.70 -4.02 -36.42
CA VAL B 161 20.01 -4.59 -35.10
C VAL B 161 21.47 -5.01 -35.03
N ASP B 162 21.96 -5.67 -36.08
CA ASP B 162 23.40 -5.95 -36.18
C ASP B 162 24.17 -4.65 -35.97
N GLY B 163 25.26 -4.73 -35.22
CA GLY B 163 26.17 -3.61 -35.07
C GLY B 163 25.86 -2.64 -33.94
N ILE B 164 24.73 -2.81 -33.27
CA ILE B 164 24.37 -1.85 -32.21
C ILE B 164 25.19 -2.05 -30.92
N THR B 165 25.29 -0.96 -30.19
CA THR B 165 25.73 -0.98 -28.83
C THR B 165 24.49 -0.72 -27.94
N ILE B 166 24.20 -1.62 -27.01
CA ILE B 166 22.97 -1.54 -26.19
C ILE B 166 23.32 -1.62 -24.73
N ALA B 167 22.73 -0.74 -23.93
CA ALA B 167 22.86 -0.84 -22.49
C ALA B 167 21.60 -1.45 -21.95
N LEU B 168 21.78 -2.48 -21.15
CA LEU B 168 20.70 -3.07 -20.38
C LEU B 168 20.88 -2.56 -18.97
N ILE B 169 19.88 -1.83 -18.48
CA ILE B 169 20.04 -1.05 -17.24
C ILE B 169 18.99 -1.43 -16.20
N GLY B 170 19.42 -1.53 -14.95
CA GLY B 170 18.48 -1.58 -13.85
C GLY B 170 18.57 -2.89 -13.10
N ASP B 171 17.42 -3.55 -12.91
CA ASP B 171 17.39 -4.78 -12.15
C ASP B 171 17.54 -5.94 -13.14
N LEU B 172 18.79 -6.28 -13.38
CA LEU B 172 19.14 -7.29 -14.38
C LEU B 172 19.00 -8.68 -13.79
N LYS B 173 19.17 -8.79 -12.48
CA LYS B 173 19.03 -10.08 -11.82
C LYS B 173 17.59 -10.62 -11.94
N MET B 174 16.61 -9.77 -11.63
CA MET B 174 15.21 -10.22 -11.58
C MET B 174 14.43 -9.90 -12.84
N GLY B 175 15.08 -9.22 -13.78
CA GLY B 175 14.43 -8.76 -15.01
C GLY B 175 14.27 -9.81 -16.08
N ARG B 176 13.08 -10.43 -16.13
CA ARG B 176 12.83 -11.43 -17.15
C ARG B 176 12.96 -10.87 -18.56
N THR B 177 12.62 -9.59 -18.74
CA THR B 177 12.73 -8.95 -20.06
C THR B 177 14.16 -8.88 -20.57
N VAL B 178 15.10 -8.48 -19.70
CA VAL B 178 16.48 -8.38 -20.14
C VAL B 178 17.12 -9.76 -20.30
N HIS B 179 16.66 -10.74 -19.53
CA HIS B 179 17.13 -12.10 -19.73
C HIS B 179 16.79 -12.55 -21.16
N SER B 180 15.53 -12.40 -21.58
CA SER B 180 15.15 -12.83 -22.90
C SER B 180 15.82 -11.99 -24.00
N LEU B 181 15.90 -10.67 -23.80
CA LEU B 181 16.50 -9.80 -24.79
C LEU B 181 17.98 -10.08 -25.01
N LEU B 182 18.75 -10.32 -23.94
CA LEU B 182 20.17 -10.59 -24.11
C LEU B 182 20.31 -11.90 -24.90
N LYS B 183 19.53 -12.92 -24.55
CA LYS B 183 19.59 -14.20 -25.30
C LYS B 183 19.24 -14.01 -26.76
N LEU B 184 18.16 -13.30 -27.04
CA LEU B 184 17.70 -13.14 -28.44
C LEU B 184 18.73 -12.37 -29.28
N LEU B 185 19.31 -11.32 -28.69
CA LEU B 185 20.25 -10.48 -29.43
C LEU B 185 21.57 -11.18 -29.66
N VAL B 186 22.14 -11.79 -28.63
CA VAL B 186 23.44 -12.44 -28.76
C VAL B 186 23.37 -13.68 -29.64
N ARG B 187 22.30 -14.46 -29.55
CA ARG B 187 22.23 -15.69 -30.31
C ARG B 187 22.04 -15.42 -31.81
N ASN B 188 21.42 -14.30 -32.16
CA ASN B 188 20.91 -14.17 -33.53
C ASN B 188 21.40 -12.98 -34.32
N PHE B 189 22.13 -12.09 -33.67
CA PHE B 189 22.62 -10.85 -34.30
C PHE B 189 24.11 -10.61 -33.99
N SER B 190 24.73 -9.74 -34.78
CA SER B 190 26.13 -9.39 -34.57
CA SER B 190 26.12 -9.40 -34.55
C SER B 190 26.25 -8.11 -33.74
N ILE B 191 25.93 -8.23 -32.46
CA ILE B 191 25.92 -7.10 -31.56
C ILE B 191 27.35 -6.64 -31.31
N LYS B 192 27.57 -5.34 -31.34
CA LYS B 192 28.91 -4.79 -31.11
C LYS B 192 29.26 -4.83 -29.63
N CYS B 193 28.37 -4.33 -28.79
CA CYS B 193 28.70 -4.18 -27.39
C CYS B 193 27.43 -4.16 -26.56
N VAL B 194 27.51 -4.79 -25.40
CA VAL B 194 26.45 -4.71 -24.39
C VAL B 194 27.01 -4.14 -23.11
N PHE B 195 26.41 -3.05 -22.65
CA PHE B 195 26.70 -2.55 -21.30
C PHE B 195 25.68 -3.14 -20.36
N LEU B 196 26.16 -3.73 -19.26
CA LEU B 196 25.28 -4.31 -18.27
C LEU B 196 25.36 -3.36 -17.08
N VAL B 197 24.34 -2.51 -16.93
CA VAL B 197 24.41 -1.38 -16.01
C VAL B 197 23.52 -1.66 -14.81
N ALA B 198 24.13 -1.95 -13.66
CA ALA B 198 23.33 -2.36 -12.50
C ALA B 198 24.18 -2.33 -11.24
N PRO B 199 23.56 -2.13 -10.07
CA PRO B 199 24.31 -2.42 -8.82
C PRO B 199 24.78 -3.87 -8.83
N ASP B 200 25.95 -4.16 -8.22
CA ASP B 200 26.47 -5.52 -8.22
C ASP B 200 25.43 -6.56 -7.78
N ALA B 201 24.60 -6.21 -6.81
CA ALA B 201 23.60 -7.12 -6.26
C ALA B 201 22.48 -7.47 -7.27
N LEU B 202 22.38 -6.69 -8.33
CA LEU B 202 21.31 -6.89 -9.30
C LEU B 202 21.85 -7.12 -10.70
N GLN B 203 23.09 -7.61 -10.80
CA GLN B 203 23.72 -7.84 -12.09
C GLN B 203 23.12 -9.02 -12.87
N MET B 204 23.40 -9.05 -14.17
CA MET B 204 22.86 -10.12 -15.02
C MET B 204 23.35 -11.48 -14.50
N PRO B 205 22.44 -12.47 -14.34
CA PRO B 205 22.84 -13.73 -13.70
C PRO B 205 23.78 -14.54 -14.55
N GLN B 206 24.58 -15.36 -13.86
CA GLN B 206 25.47 -16.31 -14.52
C GLN B 206 24.70 -17.32 -15.34
N ASP B 207 23.48 -17.67 -14.91
CA ASP B 207 22.70 -18.61 -15.70
C ASP B 207 22.17 -18.07 -17.03
N VAL B 208 22.31 -16.76 -17.24
CA VAL B 208 22.03 -16.19 -18.57
C VAL B 208 23.35 -16.06 -19.32
N LEU B 209 24.38 -15.57 -18.65
CA LEU B 209 25.66 -15.27 -19.31
C LEU B 209 26.43 -16.53 -19.73
N GLU B 210 26.43 -17.55 -18.89
CA GLU B 210 27.28 -18.73 -19.19
C GLU B 210 26.85 -19.46 -20.45
N PRO B 211 25.53 -19.68 -20.66
CA PRO B 211 25.15 -20.33 -21.91
C PRO B 211 25.57 -19.54 -23.14
N LEU B 212 25.73 -18.23 -22.98
CA LEU B 212 26.10 -17.34 -24.08
C LEU B 212 27.62 -17.17 -24.26
N GLN B 213 28.40 -17.75 -23.36
CA GLN B 213 29.83 -17.45 -23.29
C GLN B 213 30.55 -17.85 -24.58
N HIS B 214 30.20 -19.01 -25.14
CA HIS B 214 30.82 -19.44 -26.39
C HIS B 214 30.49 -18.50 -27.54
N GLU B 215 29.22 -18.11 -27.69
CA GLU B 215 28.83 -17.19 -28.77
C GLU B 215 29.41 -15.78 -28.59
N ILE B 216 29.47 -15.32 -27.34
CA ILE B 216 30.04 -14.02 -27.02
C ILE B 216 31.49 -13.98 -27.51
N ALA B 217 32.23 -15.05 -27.24
CA ALA B 217 33.64 -15.09 -27.61
C ALA B 217 33.80 -15.23 -29.13
N THR B 218 33.04 -16.12 -29.75
CA THR B 218 33.24 -16.38 -31.17
C THR B 218 32.77 -15.21 -32.02
N LYS B 219 31.71 -14.52 -31.61
CA LYS B 219 31.22 -13.35 -32.34
C LYS B 219 31.92 -12.05 -31.92
N GLY B 220 32.74 -12.13 -30.88
CA GLY B 220 33.47 -10.95 -30.41
C GLY B 220 32.57 -9.84 -29.85
N VAL B 221 31.45 -10.24 -29.25
CA VAL B 221 30.60 -9.28 -28.55
C VAL B 221 31.31 -8.77 -27.31
N ILE B 222 31.40 -7.45 -27.20
CA ILE B 222 32.04 -6.84 -26.06
C ILE B 222 31.00 -6.69 -24.94
N ILE B 223 31.27 -7.23 -23.75
CA ILE B 223 30.37 -7.11 -22.60
C ILE B 223 31.08 -6.28 -21.54
N HIS B 224 30.47 -5.15 -21.18
CA HIS B 224 31.07 -4.23 -20.23
CA HIS B 224 31.06 -4.19 -20.27
C HIS B 224 30.10 -3.99 -19.09
N ARG B 225 30.48 -4.40 -17.89
CA ARG B 225 29.65 -4.14 -16.70
C ARG B 225 29.98 -2.78 -16.11
N THR B 226 28.95 -2.06 -15.67
CA THR B 226 29.12 -0.83 -14.88
C THR B 226 28.06 -0.78 -13.79
N HIS B 227 28.21 0.12 -12.81
CA HIS B 227 27.15 0.33 -11.83
CA HIS B 227 27.17 0.34 -11.79
C HIS B 227 26.52 1.71 -11.99
N ALA B 228 26.83 2.37 -13.10
CA ALA B 228 26.28 3.71 -13.36
C ALA B 228 26.17 4.01 -14.85
N LEU B 229 25.28 4.95 -15.20
CA LEU B 229 25.23 5.44 -16.58
C LEU B 229 26.36 6.43 -16.79
N THR B 230 27.55 5.88 -17.05
CA THR B 230 28.72 6.72 -17.20
C THR B 230 28.59 7.51 -18.49
N ASP B 231 29.44 8.51 -18.64
CA ASP B 231 29.49 9.26 -19.88
C ASP B 231 29.73 8.32 -21.06
N GLU B 232 30.56 7.29 -20.87
CA GLU B 232 30.87 6.33 -21.93
C GLU B 232 29.63 5.56 -22.38
N VAL B 233 28.85 5.09 -21.42
CA VAL B 233 27.60 4.37 -21.78
C VAL B 233 26.66 5.28 -22.53
N MET B 234 26.51 6.51 -22.04
CA MET B 234 25.66 7.52 -22.70
C MET B 234 26.13 7.86 -24.11
N GLN B 235 27.44 8.00 -24.30
CA GLN B 235 27.94 8.48 -25.58
C GLN B 235 28.01 7.39 -26.66
N LYS B 236 28.10 6.13 -26.23
CA LYS B 236 28.33 5.04 -27.19
C LYS B 236 27.07 4.24 -27.52
N SER B 237 26.07 4.31 -26.65
CA SER B 237 24.88 3.42 -26.81
C SER B 237 23.91 3.90 -27.90
N ASP B 238 23.56 2.97 -28.78
CA ASP B 238 22.51 3.20 -29.75
C ASP B 238 21.15 2.94 -29.11
N VAL B 239 21.13 2.12 -28.07
CA VAL B 239 19.89 1.83 -27.35
C VAL B 239 20.18 1.88 -25.85
N LEU B 240 19.40 2.62 -25.11
CA LEU B 240 19.41 2.52 -23.65
C LEU B 240 18.11 1.84 -23.28
N TYR B 241 18.22 0.61 -22.77
CA TYR B 241 17.05 -0.16 -22.41
C TYR B 241 17.02 -0.27 -20.90
N THR B 242 16.11 0.45 -20.27
CA THR B 242 16.09 0.51 -18.82
C THR B 242 14.90 -0.20 -18.21
N THR B 243 15.00 -0.54 -16.94
CA THR B 243 13.98 -1.37 -16.31
C THR B 243 13.73 -0.85 -14.90
N ARG B 244 12.60 -1.30 -14.34
CA ARG B 244 12.15 -0.98 -13.00
C ARG B 244 12.66 -2.04 -12.05
N LEU B 245 13.04 -1.59 -10.85
CA LEU B 245 13.33 -2.50 -9.74
C LEU B 245 12.17 -3.48 -9.47
N GLN B 246 12.45 -4.78 -9.54
CA GLN B 246 11.39 -5.79 -9.41
C GLN B 246 11.06 -6.08 -7.96
N ALA B 268 21.57 4.72 -7.44
CA ALA B 268 22.59 4.00 -8.18
C ALA B 268 23.25 4.85 -9.26
N ASP B 269 22.70 6.05 -9.51
CA ASP B 269 23.13 6.86 -10.65
C ASP B 269 22.84 6.10 -11.95
N ILE B 270 21.64 5.54 -12.03
CA ILE B 270 21.20 4.96 -13.29
C ILE B 270 19.91 5.61 -13.81
N THR B 271 19.50 6.72 -13.21
CA THR B 271 18.30 7.40 -13.67
C THR B 271 18.53 8.05 -15.02
N ILE B 272 17.53 7.92 -15.90
CA ILE B 272 17.55 8.64 -17.18
C ILE B 272 16.56 9.80 -17.09
N ASP B 273 17.08 11.02 -17.16
CA ASP B 273 16.26 12.21 -17.23
C ASP B 273 16.75 13.10 -18.37
N ALA B 274 16.09 14.23 -18.58
CA ALA B 274 16.48 15.13 -19.64
C ALA B 274 17.94 15.59 -19.53
N ALA B 275 18.41 15.82 -18.31
CA ALA B 275 19.79 16.23 -18.10
C ALA B 275 20.78 15.19 -18.59
N ARG B 276 20.50 13.93 -18.27
CA ARG B 276 21.35 12.83 -18.68
C ARG B 276 21.34 12.69 -20.21
N MET B 277 20.17 12.90 -20.80
CA MET B 277 20.03 12.76 -22.24
C MET B 277 20.84 13.74 -23.04
N ARG B 278 21.32 14.81 -22.39
CA ARG B 278 22.17 15.76 -23.11
C ARG B 278 23.49 15.10 -23.54
N LEU B 279 23.82 13.97 -22.93
CA LEU B 279 25.04 13.21 -23.28
C LEU B 279 24.85 12.18 -24.40
N ALA B 280 23.59 11.85 -24.67
CA ALA B 280 23.27 10.78 -25.62
C ALA B 280 23.55 11.20 -27.05
N LYS B 281 23.78 10.23 -27.92
CA LYS B 281 23.94 10.59 -29.34
C LYS B 281 22.59 10.99 -29.96
N GLU B 282 22.65 11.58 -31.14
CA GLU B 282 21.40 12.01 -31.81
C GLU B 282 20.57 10.83 -32.34
N LYS B 283 21.25 9.86 -32.93
CA LYS B 283 20.56 8.68 -33.48
C LYS B 283 20.68 7.56 -32.47
N MET B 284 19.72 7.52 -31.55
CA MET B 284 19.64 6.43 -30.57
C MET B 284 18.21 6.42 -30.04
N ILE B 285 17.84 5.35 -29.31
CA ILE B 285 16.54 5.32 -28.66
C ILE B 285 16.66 4.89 -27.21
N VAL B 286 15.72 5.41 -26.42
CA VAL B 286 15.52 4.98 -25.05
C VAL B 286 14.29 4.06 -25.05
N MET B 287 14.48 2.86 -24.48
CA MET B 287 13.43 1.83 -24.38
C MET B 287 13.21 1.44 -22.93
N HIS B 288 12.02 0.91 -22.64
CA HIS B 288 11.67 0.47 -21.29
C HIS B 288 10.48 -0.44 -21.52
N PRO B 289 10.52 -1.69 -21.05
CA PRO B 289 9.35 -2.58 -21.23
C PRO B 289 8.08 -2.08 -20.55
N LEU B 290 8.25 -1.28 -19.49
CA LEU B 290 7.19 -0.70 -18.68
C LEU B 290 6.51 -1.81 -17.83
N PRO B 291 5.86 -1.43 -16.72
CA PRO B 291 5.71 -0.09 -16.15
C PRO B 291 7.03 0.47 -15.63
N ARG B 292 7.11 1.79 -15.60
CA ARG B 292 8.24 2.50 -15.04
C ARG B 292 7.89 3.14 -13.73
N ASN B 293 8.94 3.32 -12.94
CA ASN B 293 8.88 4.19 -11.77
C ASN B 293 9.85 5.35 -12.03
N ASP B 294 10.58 5.81 -11.01
N ASP B 294 10.57 5.82 -11.00
CA ASP B 294 11.38 7.02 -11.16
CA ASP B 294 11.39 7.04 -11.15
C ASP B 294 12.65 6.90 -12.01
C ASP B 294 12.74 6.86 -11.87
N GLU B 295 13.03 5.66 -12.36
CA GLU B 295 14.27 5.42 -13.12
C GLU B 295 14.25 6.04 -14.52
N LEU B 296 13.06 6.35 -15.00
CA LEU B 296 12.91 6.96 -16.31
C LEU B 296 11.98 8.16 -16.15
N SER B 297 12.59 9.32 -16.11
CA SER B 297 11.88 10.56 -15.80
C SER B 297 10.92 10.97 -16.91
N THR B 298 9.78 11.55 -16.50
CA THR B 298 8.79 12.05 -17.46
C THR B 298 9.38 13.20 -18.30
N THR B 299 10.48 13.79 -17.84
CA THR B 299 11.18 14.81 -18.62
C THR B 299 11.74 14.30 -19.95
N VAL B 300 11.82 12.99 -20.09
CA VAL B 300 12.34 12.43 -21.33
C VAL B 300 11.21 12.20 -22.33
N ASP B 301 9.97 12.17 -21.86
CA ASP B 301 8.83 11.71 -22.71
C ASP B 301 8.65 12.46 -24.04
N ALA B 302 9.01 13.76 -24.09
CA ALA B 302 8.81 14.60 -25.27
C ALA B 302 9.93 14.45 -26.30
N ASP B 303 10.99 13.75 -25.91
CA ASP B 303 12.20 13.61 -26.74
C ASP B 303 11.88 12.63 -27.88
N PRO B 304 12.21 12.98 -29.13
CA PRO B 304 11.99 12.06 -30.25
C PRO B 304 12.67 10.70 -29.99
N ARG B 305 13.72 10.69 -29.18
CA ARG B 305 14.46 9.44 -28.89
C ARG B 305 13.74 8.55 -27.90
N ALA B 306 12.70 9.07 -27.26
CA ALA B 306 11.93 8.26 -26.30
C ALA B 306 11.01 7.33 -27.09
N ALA B 307 11.37 6.05 -27.13
CA ALA B 307 10.64 5.08 -27.97
C ALA B 307 9.73 4.16 -27.15
N TYR B 308 9.70 4.35 -25.84
CA TYR B 308 9.04 3.41 -24.96
C TYR B 308 7.52 3.42 -25.05
N PHE B 309 6.92 4.48 -25.58
CA PHE B 309 5.48 4.39 -25.84
C PHE B 309 5.25 3.72 -27.19
N ARG B 310 6.03 4.09 -28.21
CA ARG B 310 5.88 3.44 -29.50
C ARG B 310 6.13 1.93 -29.40
N GLN B 311 7.08 1.57 -28.54
CA GLN B 311 7.40 0.17 -28.21
C GLN B 311 6.12 -0.66 -27.88
N MET B 312 5.18 -0.07 -27.14
CA MET B 312 3.94 -0.79 -26.79
C MET B 312 3.08 -1.11 -28.02
N ARG B 313 3.01 -0.17 -28.97
CA ARG B 313 2.24 -0.42 -30.19
C ARG B 313 2.92 -1.46 -31.09
N TYR B 314 4.25 -1.37 -31.22
CA TYR B 314 5.00 -2.43 -31.89
C TYR B 314 4.69 -3.79 -31.25
N GLY B 315 4.55 -3.85 -29.92
CA GLY B 315 4.12 -5.08 -29.26
C GLY B 315 2.83 -5.68 -29.75
N MET B 316 1.82 -4.83 -29.99
CA MET B 316 0.55 -5.35 -30.49
C MET B 316 0.76 -6.01 -31.84
N PHE B 317 1.51 -5.38 -32.75
CA PHE B 317 1.71 -5.95 -34.09
C PHE B 317 2.60 -7.19 -34.07
N MET B 318 3.63 -7.18 -33.24
CA MET B 318 4.41 -8.40 -33.05
C MET B 318 3.52 -9.53 -32.51
N ARG B 319 2.63 -9.24 -31.57
CA ARG B 319 1.77 -10.29 -31.02
C ARG B 319 0.75 -10.78 -32.07
N MET B 320 0.32 -9.90 -32.96
CA MET B 320 -0.51 -10.33 -34.11
C MET B 320 0.29 -11.31 -34.99
N ALA B 321 1.55 -10.97 -35.28
CA ALA B 321 2.37 -11.87 -36.11
C ALA B 321 2.58 -13.23 -35.44
N ILE B 322 2.83 -13.20 -34.12
CA ILE B 322 2.98 -14.42 -33.33
C ILE B 322 1.72 -15.27 -33.32
N LEU B 323 0.59 -14.68 -32.97
CA LEU B 323 -0.67 -15.43 -32.87
C LEU B 323 -1.08 -16.05 -34.21
N TRP B 324 -0.97 -15.25 -35.28
CA TRP B 324 -1.29 -15.78 -36.61
C TRP B 324 -0.34 -16.94 -36.96
N SER B 325 0.95 -16.80 -36.66
CA SER B 325 1.90 -17.88 -37.00
C SER B 325 1.65 -19.16 -36.21
N VAL B 326 1.31 -19.00 -34.93
CA VAL B 326 1.04 -20.17 -34.10
C VAL B 326 -0.24 -20.88 -34.53
N LEU B 327 -1.28 -20.13 -34.88
CA LEU B 327 -2.62 -20.73 -35.11
C LEU B 327 -3.03 -20.93 -36.57
N ALA B 328 -2.16 -20.53 -37.50
CA ALA B 328 -2.52 -20.63 -38.92
C ALA B 328 -2.61 -22.07 -39.37
N GLU C 5 -31.19 3.89 -43.67
CA GLU C 5 -29.86 3.52 -43.09
C GLU C 5 -29.45 4.36 -41.86
N LEU C 6 -28.14 4.43 -41.66
CA LEU C 6 -27.57 4.89 -40.41
C LEU C 6 -26.43 5.88 -40.62
N PRO C 7 -26.75 7.09 -41.08
CA PRO C 7 -25.70 8.06 -41.30
C PRO C 7 -25.14 8.50 -39.96
N PRO C 8 -23.81 8.52 -39.82
CA PRO C 8 -23.27 8.97 -38.55
C PRO C 8 -23.43 10.49 -38.42
N VAL C 9 -23.38 10.96 -37.19
CA VAL C 9 -23.42 12.40 -36.93
C VAL C 9 -22.04 12.97 -37.15
N ALA C 10 -21.88 13.65 -38.28
CA ALA C 10 -20.56 14.06 -38.73
C ALA C 10 -19.76 14.91 -37.74
N SER C 11 -20.44 15.74 -36.97
CA SER C 11 -19.76 16.64 -36.05
C SER C 11 -19.04 15.90 -34.92
N LEU C 12 -19.43 14.65 -34.68
CA LEU C 12 -18.79 13.86 -33.61
C LEU C 12 -17.55 13.10 -34.10
N LYS C 13 -17.30 13.06 -35.40
CA LYS C 13 -16.21 12.22 -35.94
C LYS C 13 -14.87 12.50 -35.28
N GLY C 14 -14.28 11.45 -34.68
CA GLY C 14 -12.96 11.54 -34.09
C GLY C 14 -12.80 12.38 -32.84
N LYS C 15 -13.90 12.81 -32.24
CA LYS C 15 -13.79 13.71 -31.11
C LYS C 15 -14.04 13.04 -29.76
N SER C 16 -13.29 13.49 -28.77
CA SER C 16 -13.58 13.10 -27.40
C SER C 16 -14.88 13.74 -26.92
N ILE C 17 -15.53 13.06 -25.97
CA ILE C 17 -16.75 13.59 -25.37
C ILE C 17 -16.51 13.82 -23.89
N THR C 18 -16.51 15.07 -23.49
CA THR C 18 -16.15 15.46 -22.16
C THR C 18 -17.29 16.14 -21.41
N SER C 19 -18.14 16.90 -22.12
CA SER C 19 -19.11 17.76 -21.48
C SER C 19 -20.40 17.88 -22.29
N ALA C 20 -21.52 18.02 -21.59
CA ALA C 20 -22.78 18.35 -22.28
C ALA C 20 -22.70 19.66 -23.08
N GLU C 21 -21.73 20.51 -22.74
CA GLU C 21 -21.60 21.81 -23.42
C GLU C 21 -21.16 21.69 -24.89
N GLN C 22 -20.61 20.54 -25.27
CA GLN C 22 -20.00 20.46 -26.60
C GLN C 22 -21.00 20.18 -27.69
N PHE C 23 -22.25 19.92 -27.31
CA PHE C 23 -23.28 19.58 -28.28
C PHE C 23 -24.22 20.69 -28.60
N SER C 24 -24.58 20.77 -29.87
CA SER C 24 -25.64 21.69 -30.27
C SER C 24 -26.99 21.00 -30.32
N ARG C 25 -28.07 21.78 -30.45
CA ARG C 25 -29.39 21.18 -30.60
C ARG C 25 -29.43 20.27 -31.83
N ALA C 26 -28.82 20.70 -32.94
CA ALA C 26 -28.76 19.87 -34.15
C ALA C 26 -28.06 18.54 -33.90
N ASP C 27 -26.94 18.59 -33.17
CA ASP C 27 -26.23 17.35 -32.78
C ASP C 27 -27.14 16.41 -32.01
N ILE C 28 -27.84 16.96 -31.03
CA ILE C 28 -28.69 16.16 -30.14
C ILE C 28 -29.81 15.48 -30.93
N TYR C 29 -30.50 16.24 -31.79
CA TYR C 29 -31.55 15.62 -32.58
C TYR C 29 -31.01 14.60 -33.57
N ALA C 30 -29.84 14.88 -34.14
CA ALA C 30 -29.24 13.91 -35.06
C ALA C 30 -28.94 12.62 -34.30
N LEU C 31 -28.43 12.74 -33.09
CA LEU C 31 -28.12 11.55 -32.28
C LEU C 31 -29.39 10.82 -31.87
N ILE C 32 -30.44 11.57 -31.50
CA ILE C 32 -31.73 10.97 -31.19
C ILE C 32 -32.29 10.19 -32.40
N HIS C 33 -32.32 10.81 -33.58
CA HIS C 33 -32.82 10.07 -34.75
C HIS C 33 -32.02 8.84 -35.13
N LEU C 34 -30.69 8.94 -35.01
CA LEU C 34 -29.80 7.80 -35.27
C LEU C 34 -30.02 6.70 -34.23
N ALA C 35 -30.12 7.08 -32.96
CA ALA C 35 -30.36 6.08 -31.93
C ALA C 35 -31.72 5.37 -32.16
N SER C 36 -32.75 6.13 -32.58
CA SER C 36 -34.05 5.49 -32.83
C SER C 36 -33.96 4.52 -34.02
N ALA C 37 -33.22 4.92 -35.06
CA ALA C 37 -32.98 4.05 -36.21
C ALA C 37 -32.27 2.77 -35.80
N MET C 38 -31.24 2.89 -34.97
CA MET C 38 -30.57 1.69 -34.50
CA MET C 38 -30.52 1.73 -34.41
C MET C 38 -31.47 0.79 -33.68
N GLN C 39 -32.32 1.37 -32.82
CA GLN C 39 -33.29 0.60 -32.05
C GLN C 39 -34.22 -0.21 -32.95
N ARG C 40 -34.78 0.45 -33.96
CA ARG C 40 -35.62 -0.25 -34.94
C ARG C 40 -34.92 -1.46 -35.55
N LYS C 41 -33.68 -1.27 -35.99
CA LYS C 41 -32.96 -2.36 -36.66
C LYS C 41 -32.62 -3.49 -35.70
N ILE C 42 -32.11 -3.13 -34.53
CA ILE C 42 -31.75 -4.15 -33.54
C ILE C 42 -32.98 -4.94 -33.06
N ASP C 43 -34.10 -4.25 -32.84
CA ASP C 43 -35.33 -4.92 -32.38
C ASP C 43 -35.95 -5.81 -33.46
N ALA C 44 -35.64 -5.51 -34.72
CA ALA C 44 -36.05 -6.35 -35.85
C ALA C 44 -35.12 -7.54 -36.06
N GLY C 45 -34.06 -7.65 -35.26
CA GLY C 45 -33.11 -8.74 -35.39
C GLY C 45 -31.99 -8.54 -36.41
N GLU C 46 -31.89 -7.33 -36.97
CA GLU C 46 -30.83 -7.03 -37.93
CA GLU C 46 -30.81 -7.03 -37.93
C GLU C 46 -29.48 -7.00 -37.19
N VAL C 47 -28.44 -7.49 -37.86
CA VAL C 47 -27.07 -7.49 -37.34
C VAL C 47 -26.27 -6.38 -38.01
N LEU C 48 -25.67 -5.52 -37.20
CA LEU C 48 -24.86 -4.42 -37.74
C LEU C 48 -23.38 -4.79 -37.71
N ASN C 49 -22.63 -4.40 -38.75
CA ASN C 49 -21.19 -4.68 -38.81
C ASN C 49 -20.32 -3.43 -38.99
N LEU C 50 -20.87 -2.31 -38.57
CA LEU C 50 -20.32 -0.99 -38.82
C LEU C 50 -18.90 -0.80 -38.29
N LEU C 51 -18.61 -1.40 -37.13
CA LEU C 51 -17.32 -1.20 -36.46
C LEU C 51 -16.50 -2.48 -36.33
N GLN C 52 -16.66 -3.44 -37.25
CA GLN C 52 -15.84 -4.63 -37.17
C GLN C 52 -14.35 -4.23 -37.16
N GLY C 53 -13.60 -4.86 -36.26
CA GLY C 53 -12.15 -4.62 -36.18
C GLY C 53 -11.80 -3.39 -35.37
N ARG C 54 -12.79 -2.74 -34.76
CA ARG C 54 -12.52 -1.57 -33.92
CA ARG C 54 -12.47 -1.59 -33.91
C ARG C 54 -12.63 -1.98 -32.45
N ILE C 55 -11.78 -1.40 -31.61
CA ILE C 55 -11.70 -1.77 -30.19
C ILE C 55 -12.02 -0.61 -29.24
N MET C 56 -12.89 -0.91 -28.29
CA MET C 56 -13.14 -0.01 -27.18
CA MET C 56 -13.19 -0.04 -27.15
C MET C 56 -12.51 -0.61 -25.93
N THR C 57 -11.81 0.21 -25.17
CA THR C 57 -11.33 -0.23 -23.87
C THR C 57 -12.03 0.58 -22.80
N PRO C 58 -12.76 -0.10 -21.90
CA PRO C 58 -13.32 0.66 -20.78
C PRO C 58 -12.24 0.84 -19.70
N LEU C 59 -12.15 2.06 -19.17
CA LEU C 59 -11.21 2.31 -18.08
C LEU C 59 -12.01 2.90 -16.91
N PHE C 60 -12.51 2.01 -16.06
CA PHE C 60 -13.37 2.42 -14.96
C PHE C 60 -12.65 2.37 -13.65
N PHE C 61 -12.38 3.54 -13.09
CA PHE C 61 -11.75 3.65 -11.77
C PHE C 61 -12.78 3.85 -10.64
N GLU C 62 -14.07 3.72 -10.99
CA GLU C 62 -15.18 3.66 -10.03
CA GLU C 62 -15.18 3.67 -10.04
C GLU C 62 -16.11 2.56 -10.47
N ASP C 63 -16.98 2.13 -9.57
CA ASP C 63 -17.98 1.10 -9.91
C ASP C 63 -18.96 1.61 -10.96
N SER C 64 -19.51 0.66 -11.72
CA SER C 64 -20.54 0.95 -12.72
C SER C 64 -21.28 -0.32 -13.10
N SER C 65 -22.60 -0.23 -13.21
CA SER C 65 -23.34 -1.29 -13.87
C SER C 65 -23.84 -0.84 -15.26
N ARG C 66 -24.65 0.19 -15.30
CA ARG C 66 -25.19 0.66 -16.55
C ARG C 66 -24.18 1.23 -17.55
N THR C 67 -23.33 2.13 -17.10
CA THR C 67 -22.52 2.82 -18.08
C THR C 67 -21.51 1.85 -18.73
N PHE C 68 -20.84 1.07 -17.91
CA PHE C 68 -19.91 0.06 -18.39
C PHE C 68 -20.62 -0.94 -19.33
N SER C 69 -21.71 -1.53 -18.84
CA SER C 69 -22.34 -2.61 -19.63
C SER C 69 -22.95 -2.09 -20.91
N SER C 70 -23.60 -0.92 -20.85
CA SER C 70 -24.26 -0.35 -22.03
C SER C 70 -23.23 0.04 -23.09
N PHE C 71 -22.11 0.62 -22.68
CA PHE C 71 -21.07 0.91 -23.67
C PHE C 71 -20.51 -0.35 -24.32
N CYS C 72 -20.24 -1.38 -23.53
CA CYS C 72 -19.77 -2.64 -24.12
C CYS C 72 -20.81 -3.25 -25.07
N ALA C 73 -22.06 -3.32 -24.61
CA ALA C 73 -23.13 -3.87 -25.45
C ALA C 73 -23.30 -3.06 -26.73
N ALA C 74 -23.23 -1.73 -26.60
CA ALA C 74 -23.36 -0.86 -27.78
C ALA C 74 -22.23 -1.12 -28.78
N MET C 75 -20.99 -1.22 -28.29
CA MET C 75 -19.83 -1.52 -29.17
C MET C 75 -20.04 -2.86 -29.89
N ILE C 76 -20.41 -3.89 -29.12
CA ILE C 76 -20.67 -5.21 -29.68
C ILE C 76 -21.78 -5.24 -30.72
N ARG C 77 -22.84 -4.49 -30.43
CA ARG C 77 -23.99 -4.49 -31.38
C ARG C 77 -23.73 -3.69 -32.63
N LEU C 78 -22.64 -2.94 -32.66
CA LEU C 78 -22.20 -2.32 -33.90
C LEU C 78 -21.16 -3.18 -34.62
N GLY C 79 -20.85 -4.36 -34.08
CA GLY C 79 -19.85 -5.23 -34.71
C GLY C 79 -18.43 -5.05 -34.19
N GLY C 80 -18.26 -4.12 -33.24
CA GLY C 80 -16.96 -3.87 -32.59
C GLY C 80 -16.61 -4.82 -31.48
N SER C 81 -15.43 -4.60 -30.90
CA SER C 81 -14.89 -5.46 -29.87
C SER C 81 -14.43 -4.66 -28.65
N VAL C 82 -14.25 -5.38 -27.54
CA VAL C 82 -13.92 -4.75 -26.26
C VAL C 82 -12.70 -5.44 -25.69
N VAL C 83 -11.72 -4.66 -25.23
CA VAL C 83 -10.60 -5.22 -24.42
C VAL C 83 -10.95 -4.91 -22.99
N ASN C 84 -11.08 -6.00 -22.22
CA ASN C 84 -11.58 -5.94 -20.84
C ASN C 84 -10.49 -5.69 -19.82
N PHE C 85 -9.97 -4.48 -19.84
CA PHE C 85 -9.01 -3.99 -18.84
C PHE C 85 -9.61 -3.71 -17.44
N LYS C 86 -8.94 -4.23 -16.40
CA LYS C 86 -9.31 -4.06 -14.98
C LYS C 86 -8.21 -3.33 -14.22
N VAL C 87 -8.57 -2.20 -13.62
CA VAL C 87 -7.62 -1.39 -12.83
C VAL C 87 -6.97 -2.24 -11.74
N GLU C 88 -7.77 -3.07 -11.07
CA GLU C 88 -7.27 -3.91 -9.97
C GLU C 88 -6.24 -5.00 -10.34
N ALA C 89 -6.16 -5.39 -11.61
CA ALA C 89 -5.24 -6.43 -12.06
C ALA C 89 -4.12 -5.88 -12.96
N SER C 90 -3.95 -4.58 -12.93
CA SER C 90 -3.07 -3.88 -13.86
C SER C 90 -1.77 -3.45 -13.19
N SER C 91 -0.90 -2.79 -13.98
CA SER C 91 0.38 -2.31 -13.47
C SER C 91 0.28 -1.10 -12.54
N ILE C 92 -0.94 -0.60 -12.33
CA ILE C 92 -1.15 0.45 -11.34
C ILE C 92 -0.67 -0.02 -9.96
N ASN C 93 -0.79 -1.33 -9.73
CA ASN C 93 -0.30 -1.96 -8.51
C ASN C 93 1.22 -1.86 -8.35
N LYS C 94 1.91 -1.58 -9.46
CA LYS C 94 3.37 -1.47 -9.47
C LYS C 94 3.80 0.00 -9.55
N GLY C 95 2.86 0.90 -9.30
CA GLY C 95 3.16 2.32 -9.32
C GLY C 95 2.97 3.01 -10.65
N GLU C 96 2.34 2.35 -11.62
CA GLU C 96 2.12 3.01 -12.90
C GLU C 96 1.17 4.19 -12.74
N THR C 97 1.53 5.32 -13.34
CA THR C 97 0.73 6.54 -13.24
C THR C 97 -0.51 6.47 -14.14
N LEU C 98 -1.46 7.33 -13.85
CA LEU C 98 -2.65 7.42 -14.68
C LEU C 98 -2.28 7.74 -16.12
N ALA C 99 -1.38 8.71 -16.31
CA ALA C 99 -0.90 9.07 -17.66
C ALA C 99 -0.34 7.87 -18.39
N ASP C 100 0.54 7.13 -17.75
CA ASP C 100 1.12 5.98 -18.42
C ASP C 100 0.05 4.89 -18.73
N THR C 101 -0.91 4.70 -17.83
CA THR C 101 -2.01 3.74 -18.07
C THR C 101 -2.82 4.14 -19.29
N ILE C 102 -3.13 5.43 -19.41
CA ILE C 102 -3.85 5.94 -20.59
C ILE C 102 -3.04 5.70 -21.86
N ARG C 103 -1.76 6.08 -21.85
CA ARG C 103 -0.88 5.82 -22.99
CA ARG C 103 -0.90 5.83 -23.01
C ARG C 103 -0.85 4.34 -23.39
N THR C 104 -0.85 3.47 -22.39
CA THR C 104 -0.83 2.03 -22.63
C THR C 104 -2.10 1.59 -23.37
N LEU C 105 -3.27 1.89 -22.81
CA LEU C 105 -4.51 1.41 -23.48
C LEU C 105 -4.74 2.14 -24.83
N ASP C 106 -4.30 3.40 -24.92
CA ASP C 106 -4.38 4.15 -26.18
C ASP C 106 -3.53 3.49 -27.28
N SER C 107 -2.56 2.66 -26.90
CA SER C 107 -1.72 2.01 -27.88
C SER C 107 -2.43 0.93 -28.66
N TYR C 108 -3.56 0.45 -28.13
CA TYR C 108 -4.23 -0.76 -28.65
C TYR C 108 -5.63 -0.50 -29.14
N SER C 109 -6.21 0.63 -28.71
CA SER C 109 -7.66 0.85 -28.80
C SER C 109 -8.00 1.90 -29.82
N ASP C 110 -9.25 1.88 -30.25
CA ASP C 110 -9.80 2.94 -31.12
C ASP C 110 -10.51 4.00 -30.31
N VAL C 111 -11.03 3.64 -29.13
CA VAL C 111 -11.77 4.58 -28.27
C VAL C 111 -11.60 4.08 -26.83
N LEU C 112 -11.47 5.03 -25.91
CA LEU C 112 -11.37 4.72 -24.47
C LEU C 112 -12.62 5.31 -23.82
N VAL C 113 -13.22 4.56 -22.90
CA VAL C 113 -14.38 5.05 -22.15
C VAL C 113 -13.88 5.11 -20.70
N MET C 114 -13.89 6.28 -20.10
CA MET C 114 -13.20 6.48 -18.85
C MET C 114 -14.13 7.06 -17.77
N ARG C 115 -14.14 6.41 -16.60
CA ARG C 115 -14.82 6.96 -15.42
C ARG C 115 -13.80 7.05 -14.33
N HIS C 116 -13.75 8.17 -13.61
CA HIS C 116 -12.70 8.36 -12.59
C HIS C 116 -13.26 9.26 -11.50
N PRO C 117 -12.89 9.00 -10.23
CA PRO C 117 -13.37 9.81 -9.09
C PRO C 117 -12.84 11.25 -9.05
N ARG C 118 -11.76 11.52 -9.76
CA ARG C 118 -11.20 12.88 -9.80
C ARG C 118 -11.76 13.64 -10.98
N GLN C 119 -12.30 14.82 -10.72
CA GLN C 119 -12.89 15.61 -11.78
C GLN C 119 -11.91 15.95 -12.93
N ASP C 120 -10.65 16.22 -12.59
CA ASP C 120 -9.68 16.64 -13.61
C ASP C 120 -8.97 15.48 -14.32
N ALA C 121 -9.32 14.24 -13.96
CA ALA C 121 -8.63 13.09 -14.53
C ALA C 121 -8.89 12.95 -16.03
N ILE C 122 -10.07 13.34 -16.50
CA ILE C 122 -10.40 13.18 -17.92
C ILE C 122 -9.51 14.13 -18.76
N GLU C 123 -9.31 15.35 -18.26
CA GLU C 123 -8.44 16.30 -18.93
C GLU C 123 -6.99 15.80 -19.01
N GLU C 124 -6.53 15.19 -17.93
CA GLU C 124 -5.18 14.61 -17.89
C GLU C 124 -5.05 13.53 -18.94
N ALA C 125 -6.09 12.68 -19.02
CA ALA C 125 -6.11 11.60 -20.00
C ALA C 125 -6.10 12.14 -21.42
N LEU C 126 -6.90 13.18 -21.66
CA LEU C 126 -6.97 13.83 -22.97
C LEU C 126 -5.61 14.38 -23.41
N SER C 127 -4.81 14.83 -22.45
CA SER C 127 -3.52 15.44 -22.76
C SER C 127 -2.49 14.46 -23.29
N VAL C 128 -2.71 13.15 -23.09
CA VAL C 128 -1.73 12.16 -23.58
C VAL C 128 -2.28 11.19 -24.60
N ALA C 129 -3.60 11.09 -24.72
CA ALA C 129 -4.19 10.10 -25.62
C ALA C 129 -4.35 10.64 -27.03
N GLN C 130 -4.08 9.77 -27.99
CA GLN C 130 -4.29 10.09 -29.41
CA GLN C 130 -4.28 10.08 -29.41
C GLN C 130 -5.70 9.76 -29.87
N HIS C 131 -6.32 8.74 -29.29
CA HIS C 131 -7.65 8.30 -29.69
C HIS C 131 -8.71 8.98 -28.82
N PRO C 132 -9.97 9.00 -29.29
CA PRO C 132 -10.98 9.68 -28.48
C PRO C 132 -11.24 9.03 -27.12
N ILE C 133 -11.43 9.88 -26.13
CA ILE C 133 -11.91 9.45 -24.80
C ILE C 133 -13.35 9.87 -24.61
N LEU C 134 -14.17 8.94 -24.16
CA LEU C 134 -15.54 9.28 -23.78
C LEU C 134 -15.67 9.31 -22.26
N ASN C 135 -16.07 10.45 -21.74
CA ASN C 135 -16.21 10.65 -20.31
C ASN C 135 -17.45 9.94 -19.80
N ALA C 136 -17.22 8.87 -19.01
CA ALA C 136 -18.31 8.08 -18.39
C ALA C 136 -18.56 8.51 -16.96
N GLY C 137 -17.95 9.63 -16.59
CA GLY C 137 -18.21 10.25 -15.27
C GLY C 137 -16.88 10.68 -14.64
N ASN C 138 -16.78 11.95 -14.30
CA ASN C 138 -15.54 12.52 -13.77
C ASN C 138 -15.82 13.19 -12.45
N GLY C 139 -15.62 12.42 -11.37
CA GLY C 139 -15.98 12.89 -10.01
C GLY C 139 -17.39 13.43 -9.95
N ALA C 140 -17.54 14.55 -9.26
CA ALA C 140 -18.85 15.22 -9.21
C ALA C 140 -19.02 16.20 -10.37
N GLY C 141 -18.28 16.02 -11.46
CA GLY C 141 -18.36 16.92 -12.64
C GLY C 141 -19.56 16.64 -13.52
N GLU C 142 -19.32 15.83 -14.55
CA GLU C 142 -20.34 15.54 -15.54
C GLU C 142 -20.43 14.08 -15.92
N HIS C 143 -21.49 13.79 -16.67
CA HIS C 143 -21.77 12.47 -17.22
C HIS C 143 -22.51 12.74 -18.54
N PRO C 144 -21.76 13.16 -19.57
CA PRO C 144 -22.41 13.71 -20.77
C PRO C 144 -23.27 12.74 -21.57
N THR C 145 -22.86 11.47 -21.64
CA THR C 145 -23.69 10.54 -22.38
C THR C 145 -24.95 10.15 -21.59
N GLN C 146 -24.92 10.26 -20.26
CA GLN C 146 -26.18 10.11 -19.50
C GLN C 146 -27.15 11.23 -19.92
N ALA C 147 -26.64 12.46 -20.02
CA ALA C 147 -27.54 13.52 -20.42
C ALA C 147 -28.16 13.31 -21.81
N LEU C 148 -27.35 12.83 -22.75
CA LEU C 148 -27.85 12.50 -24.09
C LEU C 148 -28.92 11.42 -24.02
N LEU C 149 -28.67 10.31 -23.29
CA LEU C 149 -29.70 9.27 -23.24
C LEU C 149 -30.96 9.70 -22.48
N ASP C 150 -30.77 10.57 -21.47
CA ASP C 150 -31.88 11.12 -20.71
C ASP C 150 -32.81 11.92 -21.65
N THR C 151 -32.20 12.68 -22.55
CA THR C 151 -32.92 13.52 -23.48
C THR C 151 -33.59 12.68 -24.54
N LEU C 152 -32.91 11.61 -24.97
CA LEU C 152 -33.59 10.64 -25.87
C LEU C 152 -34.85 10.05 -25.19
N THR C 153 -34.71 9.73 -23.91
CA THR C 153 -35.82 9.17 -23.11
C THR C 153 -37.00 10.13 -23.05
N ILE C 154 -36.71 11.40 -22.75
CA ILE C 154 -37.78 12.40 -22.70
C ILE C 154 -38.45 12.54 -24.07
N HIS C 155 -37.65 12.72 -25.13
CA HIS C 155 -38.19 12.79 -26.50
C HIS C 155 -39.08 11.60 -26.85
N SER C 156 -38.58 10.40 -26.59
CA SER C 156 -39.29 9.17 -27.02
C SER C 156 -40.55 8.93 -26.20
N GLU C 157 -40.53 9.31 -24.94
CA GLU C 157 -41.64 9.03 -24.01
C GLU C 157 -42.71 10.13 -24.06
N LEU C 158 -42.29 11.37 -24.17
CA LEU C 158 -43.24 12.49 -24.15
C LEU C 158 -43.47 13.21 -25.47
N GLY C 159 -42.54 13.13 -26.42
N GLY C 159 -42.55 12.99 -26.41
CA GLY C 159 -42.77 13.74 -27.74
CA GLY C 159 -42.49 13.72 -27.65
C GLY C 159 -42.17 15.11 -28.06
C GLY C 159 -41.55 14.90 -27.53
N SER C 160 -42.10 16.00 -27.06
CA SER C 160 -41.43 17.30 -27.12
C SER C 160 -40.46 17.39 -25.93
N VAL C 161 -39.32 18.05 -26.15
CA VAL C 161 -38.44 18.45 -25.03
C VAL C 161 -38.67 19.93 -24.70
N ASP C 162 -38.72 20.81 -25.71
CA ASP C 162 -39.13 22.20 -25.48
C ASP C 162 -40.44 22.25 -24.72
N GLY C 163 -40.55 23.16 -23.77
CA GLY C 163 -41.83 23.36 -23.13
C GLY C 163 -42.08 22.55 -21.88
N ILE C 164 -41.19 21.59 -21.56
CA ILE C 164 -41.43 20.79 -20.37
C ILE C 164 -41.13 21.54 -19.09
N THR C 165 -41.77 21.05 -18.04
CA THR C 165 -41.43 21.35 -16.66
C THR C 165 -40.77 20.11 -16.13
N ILE C 166 -39.55 20.30 -15.61
CA ILE C 166 -38.74 19.17 -15.13
C ILE C 166 -38.29 19.43 -13.71
N ALA C 167 -38.50 18.45 -12.86
CA ALA C 167 -37.92 18.49 -11.53
C ALA C 167 -36.64 17.67 -11.49
N LEU C 168 -35.57 18.28 -10.98
CA LEU C 168 -34.33 17.54 -10.71
C LEU C 168 -34.24 17.40 -9.22
N ILE C 169 -34.18 16.13 -8.74
CA ILE C 169 -34.41 15.85 -7.33
C ILE C 169 -33.27 15.05 -6.76
N GLY C 170 -32.85 15.39 -5.56
CA GLY C 170 -31.92 14.56 -4.80
C GLY C 170 -30.64 15.30 -4.46
N ASP C 171 -29.51 14.63 -4.63
CA ASP C 171 -28.23 15.25 -4.34
C ASP C 171 -27.73 16.00 -5.55
N LEU C 172 -28.20 17.23 -5.69
CA LEU C 172 -27.85 18.01 -6.87
C LEU C 172 -26.40 18.52 -6.81
N LYS C 173 -25.87 18.71 -5.60
CA LYS C 173 -24.52 19.20 -5.47
C LYS C 173 -23.50 18.23 -6.07
N MET C 174 -23.64 16.96 -5.71
CA MET C 174 -22.64 15.96 -6.07
C MET C 174 -23.03 15.17 -7.32
N GLY C 175 -24.24 15.40 -7.83
CA GLY C 175 -24.79 14.55 -8.89
C GLY C 175 -24.32 14.95 -10.27
N ARG C 176 -23.35 14.21 -10.79
CA ARG C 176 -22.84 14.55 -12.11
C ARG C 176 -23.87 14.40 -13.22
N THR C 177 -24.83 13.49 -13.07
CA THR C 177 -25.89 13.35 -14.05
C THR C 177 -26.79 14.59 -14.13
N VAL C 178 -27.18 15.15 -12.98
CA VAL C 178 -28.01 16.35 -13.04
C VAL C 178 -27.25 17.58 -13.50
N HIS C 179 -25.94 17.61 -13.27
CA HIS C 179 -25.10 18.69 -13.81
C HIS C 179 -25.15 18.70 -15.33
N SER C 180 -24.86 17.54 -15.93
CA SER C 180 -24.89 17.42 -17.38
C SER C 180 -26.30 17.64 -17.94
N LEU C 181 -27.33 17.11 -17.28
CA LEU C 181 -28.66 17.21 -17.85
C LEU C 181 -29.16 18.65 -17.84
N LEU C 182 -28.91 19.36 -16.74
CA LEU C 182 -29.31 20.77 -16.72
C LEU C 182 -28.62 21.57 -17.80
N LYS C 183 -27.32 21.36 -17.97
CA LYS C 183 -26.59 22.04 -19.05
C LYS C 183 -27.18 21.73 -20.42
N LEU C 184 -27.40 20.44 -20.71
CA LEU C 184 -27.82 20.04 -22.04
C LEU C 184 -29.22 20.59 -22.34
N LEU C 185 -30.09 20.56 -21.34
CA LEU C 185 -31.49 21.02 -21.57
C LEU C 185 -31.58 22.54 -21.70
N VAL C 186 -30.97 23.27 -20.77
CA VAL C 186 -31.04 24.74 -20.84
C VAL C 186 -30.31 25.36 -22.06
N ARG C 187 -29.17 24.80 -22.44
CA ARG C 187 -28.39 25.32 -23.56
C ARG C 187 -29.12 25.12 -24.90
N ASN C 188 -29.87 24.03 -25.04
CA ASN C 188 -30.31 23.62 -26.38
C ASN C 188 -31.80 23.53 -26.58
N PHE C 189 -32.56 23.74 -25.51
CA PHE C 189 -34.01 23.65 -25.59
C PHE C 189 -34.60 24.84 -24.88
N SER C 190 -35.89 25.05 -25.07
CA SER C 190 -36.58 26.11 -24.35
C SER C 190 -37.42 25.44 -23.28
N ILE C 191 -36.85 25.26 -22.10
CA ILE C 191 -37.50 24.56 -20.99
C ILE C 191 -38.44 25.56 -20.31
N LYS C 192 -39.66 25.14 -19.93
CA LYS C 192 -40.59 26.07 -19.26
C LYS C 192 -40.16 26.36 -17.82
N CYS C 193 -39.84 25.30 -17.06
CA CYS C 193 -39.56 25.47 -15.63
C CYS C 193 -38.69 24.32 -15.19
N VAL C 194 -37.74 24.63 -14.32
CA VAL C 194 -36.94 23.61 -13.63
C VAL C 194 -37.20 23.78 -12.14
N PHE C 195 -37.68 22.72 -11.51
CA PHE C 195 -37.70 22.64 -10.05
C PHE C 195 -36.41 21.99 -9.59
N LEU C 196 -35.69 22.66 -8.70
CA LEU C 196 -34.45 22.11 -8.13
C LEU C 196 -34.81 21.67 -6.73
N VAL C 197 -34.98 20.37 -6.56
CA VAL C 197 -35.55 19.79 -5.33
C VAL C 197 -34.45 19.11 -4.52
N ALA C 198 -34.02 19.75 -3.44
CA ALA C 198 -32.88 19.24 -2.69
C ALA C 198 -32.83 19.89 -1.33
N PRO C 199 -32.22 19.21 -0.34
CA PRO C 199 -31.85 19.95 0.88
C PRO C 199 -30.92 21.12 0.53
N ASP C 200 -31.01 22.21 1.28
CA ASP C 200 -30.18 23.37 0.98
C ASP C 200 -28.72 22.99 0.82
N ALA C 201 -28.23 22.07 1.67
CA ALA C 201 -26.81 21.68 1.66
C ALA C 201 -26.40 20.96 0.38
N LEU C 202 -27.39 20.49 -0.36
CA LEU C 202 -27.12 19.67 -1.53
C LEU C 202 -27.70 20.27 -2.81
N GLN C 203 -27.87 21.59 -2.83
CA GLN C 203 -28.49 22.23 -3.96
C GLN C 203 -27.56 22.29 -5.17
N MET C 204 -28.16 22.58 -6.32
CA MET C 204 -27.41 22.67 -7.54
C MET C 204 -26.30 23.71 -7.36
N PRO C 205 -25.05 23.37 -7.77
CA PRO C 205 -23.93 24.28 -7.55
C PRO C 205 -24.02 25.55 -8.36
N GLN C 206 -23.48 26.62 -7.81
CA GLN C 206 -23.36 27.89 -8.52
C GLN C 206 -22.49 27.76 -9.76
N ASP C 207 -21.52 26.84 -9.76
CA ASP C 207 -20.66 26.66 -10.93
C ASP C 207 -21.36 25.93 -12.08
N VAL C 208 -22.56 25.44 -11.82
CA VAL C 208 -23.42 24.93 -12.87
C VAL C 208 -24.44 26.01 -13.24
N LEU C 209 -25.06 26.63 -12.23
CA LEU C 209 -26.10 27.63 -12.51
C LEU C 209 -25.60 28.93 -13.16
N GLU C 210 -24.47 29.44 -12.71
CA GLU C 210 -24.00 30.74 -13.24
C GLU C 210 -23.68 30.74 -14.75
N PRO C 211 -22.99 29.73 -15.27
CA PRO C 211 -22.76 29.72 -16.71
C PRO C 211 -24.04 29.63 -17.55
N LEU C 212 -25.14 29.19 -16.92
CA LEU C 212 -26.42 29.04 -17.57
C LEU C 212 -27.32 30.26 -17.41
N GLN C 213 -26.87 31.25 -16.63
CA GLN C 213 -27.75 32.36 -16.21
C GLN C 213 -28.21 33.18 -17.41
N HIS C 214 -27.32 33.43 -18.38
CA HIS C 214 -27.74 34.15 -19.59
C HIS C 214 -28.83 33.44 -20.41
N GLU C 215 -28.67 32.14 -20.64
CA GLU C 215 -29.65 31.30 -21.35
CA GLU C 215 -29.66 31.38 -21.38
C GLU C 215 -30.96 31.25 -20.59
N ILE C 216 -30.85 31.06 -19.27
CA ILE C 216 -32.03 31.02 -18.40
C ILE C 216 -32.84 32.31 -18.60
N ALA C 217 -32.14 33.43 -18.55
CA ALA C 217 -32.81 34.71 -18.65
C ALA C 217 -33.41 34.94 -20.04
N THR C 218 -32.64 34.65 -21.09
CA THR C 218 -33.06 35.02 -22.44
C THR C 218 -34.16 34.12 -22.98
N LYS C 219 -34.22 32.89 -22.46
CA LYS C 219 -35.31 31.97 -22.84
C LYS C 219 -36.46 32.02 -21.83
N GLY C 220 -36.31 32.82 -20.78
CA GLY C 220 -37.39 32.96 -19.81
C GLY C 220 -37.72 31.69 -19.02
N VAL C 221 -36.70 30.88 -18.76
CA VAL C 221 -36.87 29.65 -17.98
C VAL C 221 -37.15 29.99 -16.51
N ILE C 222 -38.22 29.42 -15.99
CA ILE C 222 -38.56 29.56 -14.59
C ILE C 222 -37.69 28.61 -13.78
N ILE C 223 -37.01 29.11 -12.74
CA ILE C 223 -36.21 28.28 -11.84
C ILE C 223 -36.75 28.40 -10.43
N HIS C 224 -37.23 27.29 -9.86
CA HIS C 224 -37.65 27.32 -8.45
C HIS C 224 -36.92 26.33 -7.60
N ARG C 225 -36.41 26.77 -6.46
CA ARG C 225 -35.85 25.81 -5.49
C ARG C 225 -36.89 25.37 -4.47
N THR C 226 -36.89 24.07 -4.13
CA THR C 226 -37.70 23.57 -3.01
C THR C 226 -36.82 22.59 -2.23
N HIS C 227 -37.18 22.29 -0.99
CA HIS C 227 -36.51 21.19 -0.28
C HIS C 227 -37.40 19.95 -0.20
N ALA C 228 -38.55 20.00 -0.87
CA ALA C 228 -39.50 18.90 -0.82
C ALA C 228 -40.27 18.74 -2.10
N LEU C 229 -40.82 17.54 -2.32
CA LEU C 229 -41.71 17.31 -3.43
C LEU C 229 -43.08 17.80 -3.06
N THR C 230 -43.27 19.10 -3.23
CA THR C 230 -44.51 19.74 -2.86
C THR C 230 -45.60 19.31 -3.84
N ASP C 231 -46.85 19.55 -3.48
CA ASP C 231 -47.94 19.28 -4.40
C ASP C 231 -47.75 20.03 -5.73
N GLU C 232 -47.24 21.25 -5.67
CA GLU C 232 -47.03 22.03 -6.90
C GLU C 232 -46.04 21.33 -7.85
N VAL C 233 -44.92 20.85 -7.30
CA VAL C 233 -43.91 20.14 -8.12
C VAL C 233 -44.55 18.90 -8.74
N MET C 234 -45.30 18.17 -7.93
CA MET C 234 -45.91 16.92 -8.40
C MET C 234 -46.96 17.13 -9.49
N GLN C 235 -47.74 18.21 -9.35
CA GLN C 235 -48.83 18.48 -10.28
C GLN C 235 -48.42 19.09 -11.60
N LYS C 236 -47.29 19.81 -11.59
CA LYS C 236 -46.87 20.57 -12.76
C LYS C 236 -45.77 19.89 -13.57
N SER C 237 -45.07 18.93 -12.98
CA SER C 237 -43.89 18.41 -13.64
C SER C 237 -44.25 17.41 -14.73
N ASP C 238 -43.67 17.59 -15.91
CA ASP C 238 -43.77 16.59 -16.98
C ASP C 238 -42.74 15.48 -16.82
N VAL C 239 -41.66 15.79 -16.12
CA VAL C 239 -40.59 14.83 -15.83
C VAL C 239 -40.17 15.00 -14.38
N LEU C 240 -40.19 13.91 -13.61
CA LEU C 240 -39.59 13.87 -12.28
C LEU C 240 -38.30 13.08 -12.40
N TYR C 241 -37.17 13.77 -12.36
CA TYR C 241 -35.86 13.12 -12.51
C TYR C 241 -35.19 13.06 -11.16
N THR C 242 -35.19 11.88 -10.57
CA THR C 242 -34.68 11.77 -9.20
C THR C 242 -33.36 11.01 -9.15
N THR C 243 -32.66 11.18 -8.04
CA THR C 243 -31.31 10.66 -7.87
C THR C 243 -31.09 10.20 -6.43
N ARG C 244 -30.02 9.42 -6.23
CA ARG C 244 -29.67 8.78 -4.98
C ARG C 244 -28.80 9.73 -4.18
N LEU C 245 -29.00 9.78 -2.86
CA LEU C 245 -28.26 10.70 -2.00
C LEU C 245 -26.79 10.32 -1.70
N GLN C 246 -25.93 10.54 -2.71
CA GLN C 246 -24.46 10.50 -2.57
C GLN C 246 -23.78 11.47 -3.54
N ALA C 268 -37.62 11.45 3.11
CA ALA C 268 -39.05 11.54 3.41
C ALA C 268 -39.71 12.60 2.51
N ASP C 269 -39.22 13.83 2.62
CA ASP C 269 -39.65 14.98 1.82
C ASP C 269 -39.49 14.78 0.32
N ILE C 270 -38.54 13.94 -0.07
CA ILE C 270 -38.22 13.81 -1.49
C ILE C 270 -38.46 12.41 -2.06
N THR C 271 -39.01 11.50 -1.28
CA THR C 271 -39.20 10.12 -1.77
C THR C 271 -40.37 10.03 -2.75
N ILE C 272 -40.21 9.28 -3.84
CA ILE C 272 -41.30 9.06 -4.78
C ILE C 272 -41.80 7.65 -4.58
N ASP C 273 -43.07 7.52 -4.22
CA ASP C 273 -43.72 6.22 -4.03
C ASP C 273 -45.12 6.28 -4.67
N ALA C 274 -45.86 5.18 -4.64
CA ALA C 274 -47.17 5.13 -5.30
C ALA C 274 -48.11 6.18 -4.71
N ALA C 275 -48.04 6.39 -3.41
CA ALA C 275 -48.88 7.37 -2.74
C ALA C 275 -48.66 8.74 -3.33
N ARG C 276 -47.40 9.12 -3.46
CA ARG C 276 -47.07 10.45 -3.97
C ARG C 276 -47.41 10.62 -5.46
N MET C 277 -47.27 9.53 -6.20
CA MET C 277 -47.65 9.48 -7.62
C MET C 277 -49.14 9.74 -7.89
N ARG C 278 -49.98 9.66 -6.85
CA ARG C 278 -51.40 9.95 -7.04
C ARG C 278 -51.62 11.44 -7.35
N LEU C 279 -50.58 12.25 -7.11
CA LEU C 279 -50.63 13.68 -7.40
C LEU C 279 -50.10 14.03 -8.80
N ALA C 280 -49.41 13.09 -9.44
CA ALA C 280 -48.73 13.37 -10.72
C ALA C 280 -49.76 13.50 -11.85
N LYS C 281 -49.43 14.25 -12.91
CA LYS C 281 -50.33 14.30 -14.06
C LYS C 281 -50.37 12.96 -14.82
N GLU C 282 -51.34 12.81 -15.72
CA GLU C 282 -51.44 11.59 -16.54
C GLU C 282 -50.26 11.45 -17.51
N LYS C 283 -49.91 12.55 -18.17
CA LYS C 283 -48.89 12.55 -19.21
C LYS C 283 -47.59 13.09 -18.62
N MET C 284 -46.86 12.19 -17.95
CA MET C 284 -45.56 12.53 -17.40
C MET C 284 -44.71 11.27 -17.28
N ILE C 285 -43.42 11.43 -17.05
CA ILE C 285 -42.57 10.28 -16.71
C ILE C 285 -41.76 10.52 -15.44
N VAL C 286 -41.45 9.41 -14.79
CA VAL C 286 -40.47 9.41 -13.72
C VAL C 286 -39.19 8.77 -14.27
N MET C 287 -38.06 9.43 -14.04
CA MET C 287 -36.74 8.97 -14.50
C MET C 287 -35.79 8.93 -13.32
N HIS C 288 -34.75 8.12 -13.46
CA HIS C 288 -33.71 7.97 -12.45
C HIS C 288 -32.53 7.38 -13.20
N PRO C 289 -31.35 8.03 -13.16
CA PRO C 289 -30.18 7.46 -13.85
C PRO C 289 -29.78 6.09 -13.33
N LEU C 290 -30.14 5.81 -12.08
CA LEU C 290 -29.80 4.59 -11.34
C LEU C 290 -28.28 4.49 -11.06
N PRO C 291 -27.88 3.74 -10.05
CA PRO C 291 -28.71 2.92 -9.16
C PRO C 291 -29.51 3.74 -8.18
N ARG C 292 -30.63 3.14 -7.74
CA ARG C 292 -31.49 3.76 -6.74
C ARG C 292 -31.35 3.08 -5.40
N ASN C 293 -31.63 3.88 -4.37
CA ASN C 293 -31.86 3.37 -3.02
C ASN C 293 -33.34 3.64 -2.74
N ASP C 294 -33.69 4.01 -1.51
CA ASP C 294 -35.11 4.04 -1.16
C ASP C 294 -35.86 5.30 -1.61
N GLU C 295 -35.16 6.22 -2.28
CA GLU C 295 -35.79 7.48 -2.71
C GLU C 295 -36.81 7.25 -3.85
N LEU C 296 -36.73 6.09 -4.50
CA LEU C 296 -37.66 5.72 -5.56
C LEU C 296 -38.21 4.35 -5.25
N SER C 297 -39.43 4.31 -4.72
CA SER C 297 -39.99 3.06 -4.23
C SER C 297 -40.31 2.06 -5.32
N THR C 298 -40.12 0.77 -5.03
CA THR C 298 -40.52 -0.27 -5.97
C THR C 298 -42.02 -0.29 -6.22
N THR C 299 -42.79 0.40 -5.37
CA THR C 299 -44.21 0.55 -5.59
C THR C 299 -44.57 1.32 -6.86
N VAL C 300 -43.61 2.06 -7.41
CA VAL C 300 -43.82 2.87 -8.60
C VAL C 300 -43.53 2.07 -9.87
N ASP C 301 -42.83 0.95 -9.72
CA ASP C 301 -42.26 0.24 -10.87
C ASP C 301 -43.28 -0.21 -11.90
N ALA C 302 -44.49 -0.55 -11.45
CA ALA C 302 -45.55 -1.04 -12.36
C ALA C 302 -46.33 0.08 -13.05
N ASP C 303 -46.09 1.32 -12.62
CA ASP C 303 -46.74 2.47 -13.21
C ASP C 303 -46.25 2.65 -14.65
N PRO C 304 -47.19 2.85 -15.60
CA PRO C 304 -46.77 3.12 -16.98
C PRO C 304 -45.88 4.35 -17.11
N ARG C 305 -46.03 5.29 -16.17
CA ARG C 305 -45.17 6.49 -16.14
C ARG C 305 -43.73 6.24 -15.64
N ALA C 306 -43.45 5.07 -15.08
CA ALA C 306 -42.10 4.76 -14.59
C ALA C 306 -41.21 4.43 -15.79
N ALA C 307 -40.33 5.36 -16.15
CA ALA C 307 -39.57 5.22 -17.38
C ALA C 307 -38.13 4.83 -17.14
N TYR C 308 -37.76 4.61 -15.88
CA TYR C 308 -36.35 4.46 -15.52
C TYR C 308 -35.75 3.12 -15.94
N PHE C 309 -36.57 2.11 -16.21
CA PHE C 309 -36.00 0.89 -16.78
C PHE C 309 -35.83 1.05 -18.28
N ARG C 310 -36.85 1.62 -18.92
CA ARG C 310 -36.77 1.90 -20.36
C ARG C 310 -35.58 2.80 -20.69
N GLN C 311 -35.34 3.77 -19.81
CA GLN C 311 -34.22 4.70 -19.87
C GLN C 311 -32.90 3.95 -20.09
N MET C 312 -32.72 2.81 -19.42
CA MET C 312 -31.47 2.04 -19.59
C MET C 312 -31.31 1.52 -21.01
N ARG C 313 -32.41 1.01 -21.58
CA ARG C 313 -32.33 0.52 -22.96
C ARG C 313 -32.13 1.67 -23.94
N TYR C 314 -32.82 2.79 -23.74
CA TYR C 314 -32.52 3.97 -24.57
C TYR C 314 -31.03 4.31 -24.50
N GLY C 315 -30.44 4.15 -23.32
CA GLY C 315 -29.01 4.38 -23.17
C GLY C 315 -28.12 3.55 -24.08
N MET C 316 -28.44 2.27 -24.24
CA MET C 316 -27.65 1.42 -25.14
C MET C 316 -27.73 1.98 -26.57
N PHE C 317 -28.91 2.35 -27.01
CA PHE C 317 -29.05 2.82 -28.38
C PHE C 317 -28.45 4.20 -28.60
N MET C 318 -28.57 5.09 -27.61
CA MET C 318 -27.83 6.34 -27.71
C MET C 318 -26.32 6.09 -27.75
N ARG C 319 -25.83 5.13 -26.97
CA ARG C 319 -24.39 4.87 -27.01
C ARG C 319 -23.96 4.23 -28.33
N MET C 320 -24.83 3.46 -28.95
CA MET C 320 -24.57 3.01 -30.33
C MET C 320 -24.45 4.20 -31.28
N ALA C 321 -25.39 5.14 -31.17
CA ALA C 321 -25.34 6.31 -32.05
C ALA C 321 -24.05 7.10 -31.84
N ILE C 322 -23.65 7.27 -30.57
CA ILE C 322 -22.42 7.98 -30.25
C ILE C 322 -21.18 7.24 -30.77
N LEU C 323 -21.04 5.94 -30.48
CA LEU C 323 -19.83 5.23 -30.87
C LEU C 323 -19.68 5.21 -32.40
N TRP C 324 -20.79 5.01 -33.07
CA TRP C 324 -20.73 5.00 -34.52
C TRP C 324 -20.35 6.38 -35.04
N SER C 325 -20.91 7.43 -34.46
CA SER C 325 -20.59 8.79 -34.96
C SER C 325 -19.14 9.17 -34.69
N VAL C 326 -18.60 8.75 -33.55
CA VAL C 326 -17.20 9.05 -33.22
C VAL C 326 -16.22 8.29 -34.13
N LEU C 327 -16.54 7.03 -34.42
CA LEU C 327 -15.61 6.13 -35.09
C LEU C 327 -15.82 5.95 -36.60
N ALA C 328 -16.91 6.50 -37.11
CA ALA C 328 -17.25 6.44 -38.56
C ALA C 328 -16.10 6.92 -39.43
N GLY D 1 10.11 27.43 45.98
CA GLY D 1 9.91 28.88 45.65
C GLY D 1 9.38 29.12 44.24
N SER D 2 8.86 28.08 43.61
CA SER D 2 8.43 28.22 42.23
C SER D 2 7.34 29.28 42.05
N MET D 3 6.46 29.47 43.03
CA MET D 3 5.37 30.43 42.82
C MET D 3 5.84 31.90 42.97
N LEU D 4 6.97 32.08 43.66
CA LEU D 4 7.65 33.38 43.65
C LEU D 4 8.47 33.57 42.37
N GLU D 5 9.28 32.56 42.06
CA GLU D 5 10.34 32.75 41.06
C GLU D 5 9.85 32.49 39.65
N LEU D 6 8.97 31.50 39.53
CA LEU D 6 8.54 31.01 38.21
C LEU D 6 7.03 30.87 38.17
N PRO D 7 6.30 31.96 38.43
CA PRO D 7 4.85 31.81 38.46
C PRO D 7 4.34 31.52 37.04
N PRO D 8 3.55 30.45 36.88
CA PRO D 8 2.98 30.22 35.53
C PRO D 8 1.99 31.31 35.12
N VAL D 9 1.83 31.54 33.82
CA VAL D 9 0.86 32.50 33.33
C VAL D 9 -0.48 31.80 33.34
N ALA D 10 -1.32 32.19 34.31
CA ALA D 10 -2.55 31.47 34.59
C ALA D 10 -3.51 31.39 33.40
N SER D 11 -3.56 32.44 32.59
CA SER D 11 -4.49 32.46 31.46
C SER D 11 -4.20 31.36 30.44
N LEU D 12 -2.97 30.83 30.43
CA LEU D 12 -2.62 29.78 29.46
C LEU D 12 -2.95 28.35 29.92
N LYS D 13 -3.37 28.20 31.19
CA LYS D 13 -3.47 26.86 31.78
C LYS D 13 -4.45 25.99 31.01
N GLY D 14 -3.95 24.84 30.55
CA GLY D 14 -4.77 23.84 29.88
C GLY D 14 -5.26 24.22 28.50
N LYS D 15 -4.75 25.30 27.91
CA LYS D 15 -5.30 25.74 26.62
C LYS D 15 -4.36 25.49 25.45
N SER D 16 -4.97 25.16 24.31
CA SER D 16 -4.23 25.05 23.06
C SER D 16 -3.80 26.43 22.59
N ILE D 17 -2.71 26.45 21.83
CA ILE D 17 -2.20 27.70 21.25
C ILE D 17 -2.24 27.58 19.74
N THR D 18 -3.09 28.40 19.13
CA THR D 18 -3.32 28.29 17.70
C THR D 18 -2.91 29.57 16.96
N SER D 19 -3.03 30.73 17.62
CA SER D 19 -2.92 32.00 16.89
C SER D 19 -2.35 33.08 17.78
N ALA D 20 -1.65 34.02 17.17
CA ALA D 20 -1.15 35.17 17.93
C ALA D 20 -2.32 35.99 18.47
N GLU D 21 -3.49 35.85 17.87
CA GLU D 21 -4.65 36.65 18.30
C GLU D 21 -5.13 36.30 19.72
N GLN D 22 -4.76 35.13 20.23
CA GLN D 22 -5.31 34.68 21.48
C GLN D 22 -4.70 35.33 22.71
N PHE D 23 -3.61 36.06 22.54
CA PHE D 23 -2.85 36.62 23.65
C PHE D 23 -3.13 38.08 23.83
N SER D 24 -3.23 38.45 25.10
CA SER D 24 -3.29 39.85 25.48
C SER D 24 -1.92 40.42 25.73
N ARG D 25 -1.84 41.76 25.78
CA ARG D 25 -0.61 42.41 26.14
C ARG D 25 -0.09 41.88 27.50
N ALA D 26 -1.00 41.78 28.47
CA ALA D 26 -0.59 41.28 29.78
C ALA D 26 -0.06 39.86 29.71
N ASP D 27 -0.69 39.02 28.88
CA ASP D 27 -0.19 37.64 28.69
C ASP D 27 1.23 37.66 28.17
N ILE D 28 1.46 38.51 27.16
CA ILE D 28 2.76 38.53 26.50
C ILE D 28 3.85 39.02 27.46
N TYR D 29 3.57 40.07 28.22
CA TYR D 29 4.57 40.51 29.18
C TYR D 29 4.79 39.48 30.29
N ALA D 30 3.75 38.78 30.71
CA ALA D 30 3.94 37.75 31.72
C ALA D 30 4.82 36.63 31.19
N LEU D 31 4.59 36.24 29.94
CA LEU D 31 5.44 35.20 29.32
C LEU D 31 6.87 35.68 29.17
N ILE D 32 7.04 36.96 28.80
CA ILE D 32 8.39 37.54 28.65
C ILE D 32 9.10 37.51 29.97
N HIS D 33 8.43 37.97 31.03
CA HIS D 33 9.09 37.94 32.32
C HIS D 33 9.40 36.52 32.82
N LEU D 34 8.50 35.57 32.58
CA LEU D 34 8.72 34.20 32.98
C LEU D 34 9.89 33.59 32.19
N ALA D 35 9.95 33.88 30.88
CA ALA D 35 11.03 33.37 30.03
C ALA D 35 12.37 33.92 30.46
N SER D 36 12.41 35.18 30.88
CA SER D 36 13.64 35.76 31.41
C SER D 36 14.09 35.09 32.71
N ALA D 37 13.12 34.77 33.58
CA ALA D 37 13.39 34.07 34.81
C ALA D 37 13.88 32.65 34.54
N MET D 38 13.27 31.96 33.58
CA MET D 38 13.76 30.64 33.13
CA MET D 38 13.80 30.66 33.20
C MET D 38 15.23 30.72 32.69
N GLN D 39 15.53 31.75 31.89
CA GLN D 39 16.86 31.93 31.36
C GLN D 39 17.86 32.12 32.49
N ARG D 40 17.50 32.96 33.46
CA ARG D 40 18.36 33.23 34.63
CA ARG D 40 18.43 33.22 34.57
C ARG D 40 18.74 31.94 35.33
N LYS D 41 17.72 31.12 35.58
CA LYS D 41 17.89 29.92 36.37
C LYS D 41 18.71 28.90 35.60
N ILE D 42 18.38 28.70 34.32
CA ILE D 42 19.13 27.72 33.53
C ILE D 42 20.60 28.10 33.32
N ASP D 43 20.86 29.37 33.05
CA ASP D 43 22.21 29.84 32.80
C ASP D 43 23.06 29.80 34.06
N ALA D 44 22.40 29.80 35.22
CA ALA D 44 23.07 29.63 36.53
C ALA D 44 23.32 28.17 36.86
N GLY D 45 22.82 27.27 36.00
CA GLY D 45 23.00 25.84 36.21
C GLY D 45 21.98 25.18 37.12
N GLU D 46 20.92 25.90 37.47
CA GLU D 46 19.87 25.32 38.30
C GLU D 46 19.06 24.32 37.49
N VAL D 47 18.67 23.23 38.15
CA VAL D 47 17.87 22.16 37.54
C VAL D 47 16.42 22.35 37.94
N LEU D 48 15.53 22.34 36.94
CA LEU D 48 14.10 22.43 37.22
C LEU D 48 13.39 21.08 37.16
N ASN D 49 12.45 20.89 38.07
CA ASN D 49 11.62 19.70 38.08
C ASN D 49 10.27 20.21 38.34
N LEU D 50 9.71 20.84 37.33
CA LEU D 50 8.36 21.37 37.40
C LEU D 50 7.43 20.44 36.65
N LEU D 51 7.94 19.78 35.60
CA LEU D 51 7.05 18.92 34.78
C LEU D 51 7.45 17.43 34.76
N GLN D 52 8.03 16.96 35.86
CA GLN D 52 8.38 15.54 35.94
C GLN D 52 7.12 14.72 35.73
N GLY D 53 7.25 13.68 34.90
CA GLY D 53 6.15 12.75 34.64
C GLY D 53 5.17 13.23 33.59
N ARG D 54 5.44 14.38 32.98
CA ARG D 54 4.56 14.89 31.92
CA ARG D 54 4.56 14.87 31.92
C ARG D 54 5.21 14.67 30.58
N ILE D 55 4.39 14.39 29.57
CA ILE D 55 4.89 14.04 28.26
C ILE D 55 4.45 14.99 27.18
N MET D 56 5.42 15.44 26.38
CA MET D 56 5.10 16.16 25.15
CA MET D 56 5.18 16.17 25.13
C MET D 56 5.39 15.20 23.98
N THR D 57 4.51 15.21 22.97
CA THR D 57 4.73 14.42 21.76
C THR D 57 4.74 15.36 20.57
N PRO D 58 5.86 15.39 19.84
CA PRO D 58 5.86 16.17 18.60
C PRO D 58 5.16 15.45 17.47
N LEU D 59 4.42 16.23 16.69
CA LEU D 59 3.70 15.69 15.55
C LEU D 59 4.05 16.61 14.38
N PHE D 60 5.19 16.34 13.77
CA PHE D 60 5.70 17.19 12.70
C PHE D 60 5.48 16.50 11.34
N PHE D 61 4.54 17.06 10.57
CA PHE D 61 4.29 16.63 9.18
C PHE D 61 5.10 17.46 8.14
N GLU D 62 5.92 18.39 8.63
N GLU D 62 5.91 18.39 8.61
CA GLU D 62 6.90 19.18 7.87
CA GLU D 62 6.91 19.10 7.80
C GLU D 62 8.22 19.10 8.57
C GLU D 62 8.22 19.14 8.56
N ASP D 63 9.30 19.37 7.83
CA ASP D 63 10.65 19.49 8.40
C ASP D 63 10.73 20.64 9.42
N SER D 64 11.59 20.46 10.40
CA SER D 64 11.83 21.51 11.42
C SER D 64 13.15 21.23 12.07
N SER D 65 13.95 22.27 12.25
CA SER D 65 15.15 22.18 13.09
C SER D 65 14.92 22.94 14.38
N ARG D 66 14.65 24.23 14.25
CA ARG D 66 14.48 25.02 15.48
C ARG D 66 13.27 24.66 16.31
N THR D 67 12.10 24.68 15.70
CA THR D 67 10.88 24.57 16.50
C THR D 67 10.80 23.19 17.16
N PHE D 68 11.06 22.12 16.42
CA PHE D 68 11.12 20.79 17.05
C PHE D 68 12.16 20.75 18.18
N SER D 69 13.40 21.16 17.88
CA SER D 69 14.46 20.95 18.87
C SER D 69 14.28 21.81 20.09
N SER D 70 13.83 23.04 19.87
CA SER D 70 13.57 23.99 20.96
CA SER D 70 13.61 23.96 20.99
C SER D 70 12.45 23.52 21.90
N PHE D 71 11.37 22.99 21.34
CA PHE D 71 10.28 22.50 22.19
C PHE D 71 10.75 21.28 22.97
N CYS D 72 11.48 20.37 22.34
CA CYS D 72 11.99 19.21 23.07
C CYS D 72 12.91 19.65 24.18
N ALA D 73 13.86 20.53 23.87
CA ALA D 73 14.82 21.02 24.88
C ALA D 73 14.08 21.71 26.03
N ALA D 74 13.08 22.52 25.68
CA ALA D 74 12.32 23.23 26.70
C ALA D 74 11.57 22.27 27.62
N MET D 75 10.94 21.25 27.04
CA MET D 75 10.26 20.27 27.87
C MET D 75 11.23 19.58 28.83
N ILE D 76 12.36 19.15 28.28
CA ILE D 76 13.38 18.46 29.08
C ILE D 76 13.91 19.34 30.22
N ARG D 77 14.13 20.61 29.91
CA ARG D 77 14.71 21.52 30.91
C ARG D 77 13.70 21.88 31.98
N LEU D 78 12.42 21.60 31.77
CA LEU D 78 11.41 21.73 32.81
C LEU D 78 11.27 20.43 33.61
N GLY D 79 12.01 19.39 33.21
CA GLY D 79 11.91 18.08 33.90
C GLY D 79 10.92 17.13 33.27
N GLY D 80 10.29 17.55 32.17
CA GLY D 80 9.38 16.66 31.45
C GLY D 80 10.07 15.79 30.44
N SER D 81 9.26 15.05 29.72
CA SER D 81 9.78 14.01 28.82
C SER D 81 9.12 14.11 27.48
N VAL D 82 9.73 13.46 26.52
CA VAL D 82 9.32 13.52 25.10
C VAL D 82 9.17 12.11 24.53
N VAL D 83 8.01 11.82 23.93
CA VAL D 83 7.88 10.61 23.06
C VAL D 83 8.21 10.99 21.64
N ASN D 84 9.20 10.32 21.05
N ASN D 84 9.19 10.33 21.04
CA ASN D 84 9.76 10.68 19.75
CA ASN D 84 9.74 10.76 19.76
C ASN D 84 8.99 10.02 18.62
C ASN D 84 9.02 10.11 18.58
N PHE D 85 7.75 10.45 18.47
CA PHE D 85 6.88 9.99 17.41
C PHE D 85 7.34 10.58 16.06
N LYS D 86 7.43 9.75 15.04
CA LYS D 86 7.84 10.21 13.73
C LYS D 86 6.80 9.80 12.72
N VAL D 87 6.23 10.81 12.08
CA VAL D 87 5.15 10.58 11.12
C VAL D 87 5.54 9.58 10.04
N GLU D 88 6.78 9.67 9.58
CA GLU D 88 7.26 8.81 8.51
C GLU D 88 7.42 7.31 8.86
N ALA D 89 7.40 6.98 10.15
CA ALA D 89 7.51 5.59 10.61
C ALA D 89 6.21 5.13 11.29
N SER D 90 5.11 5.81 10.98
CA SER D 90 3.87 5.61 11.73
C SER D 90 2.83 4.86 10.93
N SER D 91 1.70 4.61 11.57
CA SER D 91 0.55 4.00 10.87
C SER D 91 -0.10 4.89 9.83
N ILE D 92 0.31 6.15 9.72
CA ILE D 92 -0.16 7.00 8.62
C ILE D 92 0.16 6.29 7.31
N ASN D 93 1.25 5.51 7.30
CA ASN D 93 1.60 4.71 6.10
C ASN D 93 0.66 3.55 5.77
N LYS D 94 -0.20 3.20 6.73
CA LYS D 94 -1.19 2.14 6.57
C LYS D 94 -2.60 2.72 6.43
N GLY D 95 -2.66 4.00 6.07
CA GLY D 95 -3.91 4.71 5.81
C GLY D 95 -4.54 5.36 7.02
N GLU D 96 -3.86 5.39 8.17
CA GLU D 96 -4.47 6.02 9.35
C GLU D 96 -4.71 7.51 9.09
N THR D 97 -5.91 7.98 9.43
CA THR D 97 -6.26 9.38 9.23
C THR D 97 -5.52 10.29 10.22
N LEU D 98 -5.48 11.56 9.86
CA LEU D 98 -4.95 12.58 10.78
C LEU D 98 -5.73 12.56 12.09
N ALA D 99 -7.06 12.47 12.02
CA ALA D 99 -7.84 12.54 13.26
C ALA D 99 -7.47 11.35 14.17
N ASP D 100 -7.39 10.16 13.59
CA ASP D 100 -7.06 9.01 14.38
C ASP D 100 -5.62 9.08 14.91
N THR D 101 -4.71 9.67 14.13
CA THR D 101 -3.31 9.85 14.62
C THR D 101 -3.32 10.76 15.84
N ILE D 102 -4.10 11.84 15.76
CA ILE D 102 -4.22 12.74 16.90
C ILE D 102 -4.78 12.05 18.13
N ARG D 103 -5.86 11.30 17.97
CA ARG D 103 -6.46 10.60 19.10
CA ARG D 103 -6.47 10.60 19.10
C ARG D 103 -5.46 9.62 19.71
N THR D 104 -4.64 9.00 18.86
CA THR D 104 -3.63 8.04 19.32
C THR D 104 -2.60 8.73 20.23
N LEU D 105 -1.96 9.78 19.75
CA LEU D 105 -0.94 10.42 20.58
C LEU D 105 -1.57 11.14 21.78
N ASP D 106 -2.81 11.59 21.61
CA ASP D 106 -3.56 12.21 22.71
C ASP D 106 -3.84 11.21 23.85
N SER D 107 -3.80 9.91 23.55
CA SER D 107 -4.02 8.87 24.55
C SER D 107 -2.86 8.70 25.53
N TYR D 108 -1.69 9.25 25.18
CA TYR D 108 -0.47 8.98 25.95
C TYR D 108 0.18 10.20 26.54
N SER D 109 -0.20 11.36 25.99
CA SER D 109 0.55 12.62 26.16
C SER D 109 -0.17 13.63 26.99
N ASP D 110 0.61 14.60 27.47
CA ASP D 110 0.04 15.75 28.16
C ASP D 110 -0.11 16.97 27.27
N VAL D 111 0.73 17.03 26.22
CA VAL D 111 0.67 18.16 25.28
C VAL D 111 1.17 17.65 23.93
N LEU D 112 0.55 18.13 22.87
CA LEU D 112 1.01 17.78 21.52
C LEU D 112 1.56 19.05 20.87
N VAL D 113 2.66 18.94 20.14
CA VAL D 113 3.20 20.09 19.38
C VAL D 113 3.11 19.70 17.90
N MET D 114 2.33 20.45 17.11
CA MET D 114 1.98 19.99 15.78
C MET D 114 2.38 20.99 14.72
N ARG D 115 3.07 20.51 13.70
CA ARG D 115 3.30 21.34 12.48
C ARG D 115 2.75 20.59 11.29
N HIS D 116 2.03 21.28 10.41
CA HIS D 116 1.38 20.54 9.30
C HIS D 116 1.29 21.50 8.14
N PRO D 117 1.44 20.96 6.90
CA PRO D 117 1.39 21.81 5.70
C PRO D 117 0.01 22.36 5.35
N ARG D 118 -1.07 21.80 5.89
CA ARG D 118 -2.42 22.34 5.64
C ARG D 118 -2.83 23.29 6.76
N GLN D 119 -3.31 24.46 6.39
CA GLN D 119 -3.63 25.48 7.35
C GLN D 119 -4.74 25.00 8.30
N ASP D 120 -5.68 24.22 7.77
CA ASP D 120 -6.84 23.84 8.57
C ASP D 120 -6.59 22.55 9.39
N ALA D 121 -5.39 21.99 9.31
CA ALA D 121 -5.09 20.73 10.04
C ALA D 121 -5.10 20.93 11.55
N ILE D 122 -4.71 22.11 12.02
CA ILE D 122 -4.74 22.40 13.44
C ILE D 122 -6.16 22.32 14.01
N GLU D 123 -7.12 22.98 13.37
CA GLU D 123 -8.48 22.94 13.88
CA GLU D 123 -8.51 22.94 13.83
C GLU D 123 -9.08 21.54 13.82
N GLU D 124 -8.71 20.77 12.81
CA GLU D 124 -9.11 19.35 12.72
CA GLU D 124 -9.12 19.35 12.74
C GLU D 124 -8.58 18.60 13.96
N ALA D 125 -7.32 18.80 14.26
CA ALA D 125 -6.74 18.15 15.44
C ALA D 125 -7.42 18.57 16.75
N LEU D 126 -7.69 19.87 16.91
CA LEU D 126 -8.36 20.38 18.09
C LEU D 126 -9.74 19.75 18.27
N SER D 127 -10.38 19.42 17.16
CA SER D 127 -11.74 18.85 17.22
C SER D 127 -11.80 17.48 17.89
N VAL D 128 -10.69 16.76 17.92
CA VAL D 128 -10.67 15.43 18.52
C VAL D 128 -9.78 15.32 19.76
N ALA D 129 -8.86 16.23 19.98
CA ALA D 129 -7.90 16.03 21.12
C ALA D 129 -8.47 16.50 22.44
N GLN D 130 -8.15 15.78 23.53
CA GLN D 130 -8.49 16.20 24.88
C GLN D 130 -7.42 17.09 25.48
N HIS D 131 -6.17 16.80 25.15
CA HIS D 131 -5.05 17.59 25.66
C HIS D 131 -4.72 18.78 24.78
N PRO D 132 -3.99 19.79 25.34
CA PRO D 132 -3.61 20.96 24.54
C PRO D 132 -2.73 20.62 23.32
N ILE D 133 -3.03 21.28 22.19
CA ILE D 133 -2.15 21.25 21.04
C ILE D 133 -1.50 22.61 20.89
N LEU D 134 -0.18 22.61 20.67
CA LEU D 134 0.51 23.87 20.36
C LEU D 134 0.84 23.88 18.87
N ASN D 135 0.40 24.93 18.19
CA ASN D 135 0.62 25.09 16.77
C ASN D 135 2.07 25.52 16.49
N ALA D 136 2.84 24.60 15.93
CA ALA D 136 4.23 24.86 15.56
C ALA D 136 4.34 25.25 14.09
N GLY D 137 3.19 25.52 13.46
CA GLY D 137 3.17 26.04 12.06
C GLY D 137 2.08 25.33 11.27
N ASN D 138 1.14 26.08 10.70
CA ASN D 138 0.06 25.46 9.95
C ASN D 138 0.01 26.06 8.54
N GLY D 139 0.63 25.35 7.61
CA GLY D 139 0.76 25.87 6.23
C GLY D 139 1.30 27.28 6.22
N ALA D 140 0.69 28.12 5.39
CA ALA D 140 1.04 29.54 5.33
C ALA D 140 0.23 30.38 6.26
N GLY D 141 -0.32 29.76 7.31
CA GLY D 141 -1.15 30.46 8.32
C GLY D 141 -0.32 31.19 9.35
N GLU D 142 -0.03 30.50 10.45
CA GLU D 142 0.60 31.18 11.59
C GLU D 142 1.67 30.30 12.22
N HIS D 143 2.46 30.93 13.09
CA HIS D 143 3.50 30.24 13.85
C HIS D 143 3.52 31.07 15.17
N PRO D 144 2.55 30.84 16.05
CA PRO D 144 2.31 31.79 17.15
C PRO D 144 3.44 31.81 18.18
N THR D 145 4.07 30.68 18.43
CA THR D 145 5.17 30.69 19.41
C THR D 145 6.43 31.35 18.84
N GLN D 146 6.60 31.32 17.51
CA GLN D 146 7.66 32.13 16.90
C GLN D 146 7.41 33.61 17.19
N ALA D 147 6.16 34.05 17.07
CA ALA D 147 5.89 35.48 17.34
C ALA D 147 6.22 35.84 18.78
N LEU D 148 5.92 34.93 19.69
CA LEU D 148 6.16 35.20 21.10
C LEU D 148 7.67 35.28 21.36
N LEU D 149 8.44 34.34 20.78
CA LEU D 149 9.88 34.40 21.03
C LEU D 149 10.52 35.59 20.31
N ASP D 150 9.97 35.96 19.16
CA ASP D 150 10.46 37.12 18.45
C ASP D 150 10.27 38.41 19.26
N THR D 151 9.13 38.48 19.94
CA THR D 151 8.79 39.65 20.75
C THR D 151 9.67 39.66 22.00
N LEU D 152 9.90 38.47 22.60
CA LEU D 152 10.91 38.39 23.69
C LEU D 152 12.29 38.88 23.24
N THR D 153 12.71 38.50 22.04
CA THR D 153 13.99 38.92 21.47
C THR D 153 14.06 40.44 21.33
N ILE D 154 13.03 41.04 20.75
CA ILE D 154 12.97 42.50 20.65
C ILE D 154 13.04 43.16 22.01
N HIS D 155 12.21 42.69 22.96
CA HIS D 155 12.13 43.29 24.28
C HIS D 155 13.49 43.21 24.96
N SER D 156 14.10 42.03 24.91
CA SER D 156 15.37 41.77 25.60
C SER D 156 16.53 42.53 24.97
N GLU D 157 16.54 42.61 23.64
CA GLU D 157 17.67 43.22 22.93
C GLU D 157 17.61 44.74 22.93
N LEU D 158 16.42 45.31 22.78
CA LEU D 158 16.26 46.76 22.63
C LEU D 158 15.68 47.47 23.82
N GLY D 159 14.99 46.74 24.68
CA GLY D 159 14.50 47.31 25.95
C GLY D 159 13.03 47.71 25.96
N SER D 160 12.43 47.77 24.78
CA SER D 160 11.05 48.22 24.59
C SER D 160 10.56 47.67 23.27
N VAL D 161 9.28 47.36 23.20
CA VAL D 161 8.62 46.98 21.95
C VAL D 161 7.72 48.13 21.47
N ASP D 162 7.00 48.78 22.40
CA ASP D 162 6.25 49.99 22.03
C ASP D 162 7.21 50.97 21.39
N GLY D 163 6.76 51.66 20.35
CA GLY D 163 7.56 52.72 19.74
C GLY D 163 8.54 52.35 18.67
N ILE D 164 8.72 51.04 18.41
CA ILE D 164 9.72 50.64 17.44
C ILE D 164 9.23 50.86 16.02
N THR D 165 10.21 50.95 15.14
CA THR D 165 9.97 50.85 13.70
C THR D 165 10.52 49.51 13.26
N ILE D 166 9.70 48.69 12.62
CA ILE D 166 10.15 47.34 12.26
C ILE D 166 9.91 47.10 10.78
N ALA D 167 10.87 46.49 10.10
CA ALA D 167 10.69 46.09 8.73
C ALA D 167 10.47 44.59 8.71
N LEU D 168 9.41 44.17 8.02
CA LEU D 168 9.18 42.74 7.75
C LEU D 168 9.51 42.51 6.30
N ILE D 169 10.48 41.66 6.07
CA ILE D 169 11.14 41.56 4.73
C ILE D 169 11.06 40.13 4.19
N GLY D 170 10.76 39.99 2.89
CA GLY D 170 10.87 38.69 2.21
C GLY D 170 9.55 38.18 1.66
N ASP D 171 9.30 36.88 1.76
CA ASP D 171 8.07 36.34 1.25
C ASP D 171 7.02 36.51 2.34
N LEU D 172 6.39 37.68 2.33
CA LEU D 172 5.37 37.99 3.33
C LEU D 172 4.05 37.27 3.07
N LYS D 173 3.78 36.92 1.81
CA LYS D 173 2.56 36.20 1.50
C LYS D 173 2.52 34.81 2.13
N MET D 174 3.61 34.07 1.96
CA MET D 174 3.64 32.65 2.36
C MET D 174 4.26 32.47 3.74
N GLY D 175 4.78 33.57 4.30
CA GLY D 175 5.52 33.49 5.58
C GLY D 175 4.64 33.43 6.82
N ARG D 176 4.48 32.24 7.41
CA ARG D 176 3.63 32.15 8.60
C ARG D 176 4.19 32.93 9.79
N THR D 177 5.52 33.06 9.87
CA THR D 177 6.14 33.82 10.97
C THR D 177 5.78 35.31 10.92
N VAL D 178 5.82 35.91 9.74
CA VAL D 178 5.51 37.35 9.69
C VAL D 178 4.00 37.57 9.85
N HIS D 179 3.18 36.58 9.48
CA HIS D 179 1.75 36.72 9.76
C HIS D 179 1.48 36.81 11.25
N SER D 180 2.07 35.88 12.01
CA SER D 180 1.88 35.90 13.44
C SER D 180 2.53 37.09 14.09
N LEU D 181 3.72 37.48 13.61
CA LEU D 181 4.41 38.56 14.29
C LEU D 181 3.69 39.90 14.08
N LEU D 182 3.23 40.17 12.87
CA LEU D 182 2.51 41.43 12.65
C LEU D 182 1.25 41.48 13.53
N LYS D 183 0.52 40.36 13.63
CA LYS D 183 -0.66 40.30 14.50
C LYS D 183 -0.31 40.57 15.95
N LEU D 184 0.72 39.87 16.45
CA LEU D 184 1.05 40.00 17.86
C LEU D 184 1.50 41.42 18.19
N LEU D 185 2.33 41.98 17.31
CA LEU D 185 2.85 43.33 17.61
C LEU D 185 1.75 44.38 17.52
N VAL D 186 0.95 44.36 16.45
CA VAL D 186 0.01 45.47 16.22
C VAL D 186 -1.17 45.40 17.17
N ARG D 187 -1.55 44.18 17.55
CA ARG D 187 -2.66 44.04 18.50
C ARG D 187 -2.32 44.50 19.88
N ASN D 188 -1.05 44.35 20.26
CA ASN D 188 -0.73 44.45 21.68
C ASN D 188 0.28 45.51 22.08
N PHE D 189 0.85 46.20 21.11
CA PHE D 189 1.89 47.24 21.35
C PHE D 189 1.62 48.44 20.48
N SER D 190 2.18 49.59 20.86
N SER D 190 2.12 49.60 20.91
CA SER D 190 2.05 50.81 20.08
CA SER D 190 2.04 50.81 20.11
C SER D 190 3.26 50.95 19.14
C SER D 190 3.29 50.85 19.24
N ILE D 191 3.23 50.13 18.12
CA ILE D 191 4.31 50.12 17.12
C ILE D 191 4.26 51.44 16.37
N LYS D 192 5.42 52.08 16.20
CA LYS D 192 5.46 53.38 15.51
C LYS D 192 5.25 53.20 14.01
N CYS D 193 5.96 52.26 13.41
CA CYS D 193 5.93 52.15 11.96
C CYS D 193 6.31 50.76 11.57
N VAL D 194 5.59 50.22 10.58
CA VAL D 194 5.93 48.92 9.99
C VAL D 194 6.24 49.13 8.51
N PHE D 195 7.40 48.66 8.06
CA PHE D 195 7.70 48.59 6.64
C PHE D 195 7.47 47.16 6.17
N LEU D 196 6.66 47.01 5.13
CA LEU D 196 6.36 45.70 4.52
C LEU D 196 7.18 45.66 3.24
N VAL D 197 8.29 44.93 3.29
CA VAL D 197 9.29 44.98 2.21
C VAL D 197 9.19 43.72 1.36
N ALA D 198 8.56 43.82 0.17
CA ALA D 198 8.36 42.65 -0.64
C ALA D 198 7.77 43.12 -1.97
N PRO D 199 8.05 42.39 -3.05
CA PRO D 199 7.30 42.65 -4.28
C PRO D 199 5.79 42.46 -4.05
N ASP D 200 4.94 43.18 -4.80
CA ASP D 200 3.49 43.03 -4.61
C ASP D 200 3.01 41.59 -4.66
N ALA D 201 3.60 40.77 -5.56
CA ALA D 201 3.23 39.36 -5.66
C ALA D 201 3.41 38.56 -4.39
N LEU D 202 4.27 39.05 -3.49
CA LEU D 202 4.57 38.30 -2.27
C LEU D 202 4.33 39.17 -1.06
N GLN D 203 3.46 40.16 -1.21
CA GLN D 203 3.14 41.06 -0.11
C GLN D 203 2.32 40.45 1.02
N MET D 204 2.32 41.17 2.16
CA MET D 204 1.56 40.72 3.33
C MET D 204 0.07 40.55 2.94
N PRO D 205 -0.54 39.39 3.27
CA PRO D 205 -1.94 39.17 2.82
C PRO D 205 -2.93 40.19 3.38
N GLN D 206 -3.85 40.57 2.50
CA GLN D 206 -4.98 41.37 2.93
C GLN D 206 -5.72 40.75 4.13
N ASP D 207 -5.82 39.43 4.23
CA ASP D 207 -6.48 38.81 5.41
C ASP D 207 -5.69 38.90 6.72
N VAL D 208 -4.45 39.39 6.66
CA VAL D 208 -3.73 39.74 7.90
C VAL D 208 -3.96 41.23 8.18
N LEU D 209 -3.88 42.03 7.12
CA LEU D 209 -3.99 43.49 7.31
C LEU D 209 -5.41 43.94 7.69
N GLU D 210 -6.42 43.39 7.05
CA GLU D 210 -7.79 43.85 7.28
C GLU D 210 -8.27 43.72 8.75
N PRO D 211 -8.02 42.57 9.44
CA PRO D 211 -8.49 42.45 10.82
C PRO D 211 -7.75 43.37 11.79
N LEU D 212 -6.63 43.91 11.34
CA LEU D 212 -5.82 44.84 12.17
C LEU D 212 -6.27 46.30 12.04
N GLN D 213 -7.30 46.54 11.23
CA GLN D 213 -7.75 47.92 10.96
C GLN D 213 -7.99 48.73 12.23
N HIS D 214 -8.71 48.16 13.20
CA HIS D 214 -9.03 48.92 14.41
C HIS D 214 -7.76 49.30 15.19
N GLU D 215 -6.83 48.37 15.34
CA GLU D 215 -5.61 48.66 16.09
CA GLU D 215 -5.60 48.66 16.09
C GLU D 215 -4.73 49.67 15.35
N ILE D 216 -4.64 49.52 14.04
CA ILE D 216 -3.86 50.46 13.23
C ILE D 216 -4.39 51.87 13.40
N ALA D 217 -5.71 52.03 13.34
CA ALA D 217 -6.36 53.31 13.47
C ALA D 217 -6.23 53.86 14.87
N THR D 218 -6.50 53.04 15.88
CA THR D 218 -6.58 53.63 17.22
C THR D 218 -5.21 53.89 17.86
N LYS D 219 -4.18 53.24 17.33
CA LYS D 219 -2.83 53.48 17.82
C LYS D 219 -1.99 54.33 16.87
N GLY D 220 -2.58 54.65 15.72
CA GLY D 220 -1.89 55.52 14.75
C GLY D 220 -0.65 54.88 14.21
N VAL D 221 -0.68 53.56 14.02
CA VAL D 221 0.47 52.87 13.45
C VAL D 221 0.68 53.28 11.98
N ILE D 222 1.90 53.70 11.65
CA ILE D 222 2.24 53.97 10.26
C ILE D 222 2.62 52.66 9.56
N ILE D 223 2.06 52.40 8.38
CA ILE D 223 2.46 51.22 7.59
C ILE D 223 2.73 51.62 6.14
N HIS D 224 3.89 51.24 5.65
CA HIS D 224 4.26 51.48 4.23
C HIS D 224 4.79 50.23 3.60
N ARG D 225 4.46 50.05 2.33
CA ARG D 225 5.07 48.99 1.53
C ARG D 225 6.27 49.54 0.78
N THR D 226 7.30 48.72 0.65
CA THR D 226 8.36 49.00 -0.33
C THR D 226 8.65 47.68 -1.09
N HIS D 227 9.23 47.77 -2.29
CA HIS D 227 9.62 46.61 -3.10
CA HIS D 227 9.59 46.54 -2.98
C HIS D 227 11.07 46.24 -2.80
N ALA D 228 11.79 47.14 -2.17
CA ALA D 228 13.22 46.94 -1.94
C ALA D 228 13.61 47.46 -0.58
N LEU D 229 14.79 47.05 -0.14
CA LEU D 229 15.32 47.49 1.12
C LEU D 229 15.98 48.86 0.92
N THR D 230 15.15 49.90 0.89
CA THR D 230 15.60 51.27 0.58
C THR D 230 16.44 51.85 1.72
N ASP D 231 17.17 52.93 1.42
CA ASP D 231 17.94 53.63 2.45
C ASP D 231 17.07 54.13 3.59
N GLU D 232 15.86 54.60 3.27
CA GLU D 232 14.94 55.02 4.29
C GLU D 232 14.60 53.87 5.27
N VAL D 233 14.32 52.70 4.74
CA VAL D 233 14.00 51.53 5.62
C VAL D 233 15.22 51.22 6.51
N MET D 234 16.39 51.20 5.87
CA MET D 234 17.64 50.90 6.60
C MET D 234 17.91 51.92 7.71
N GLN D 235 17.70 53.20 7.41
CA GLN D 235 18.02 54.29 8.32
C GLN D 235 17.04 54.40 9.48
N LYS D 236 15.78 54.03 9.26
CA LYS D 236 14.72 54.26 10.23
C LYS D 236 14.36 53.04 11.10
N SER D 237 14.77 51.85 10.69
CA SER D 237 14.25 50.65 11.36
C SER D 237 15.04 50.31 12.63
N ASP D 238 14.32 50.06 13.71
CA ASP D 238 14.93 49.51 14.91
C ASP D 238 15.12 47.99 14.77
N VAL D 239 14.27 47.35 13.97
CA VAL D 239 14.34 45.87 13.78
C VAL D 239 14.21 45.63 12.28
N LEU D 240 15.15 44.87 11.73
CA LEU D 240 15.02 44.36 10.36
C LEU D 240 14.79 42.89 10.53
N TYR D 241 13.56 42.47 10.24
CA TYR D 241 13.17 41.06 10.43
C TYR D 241 13.01 40.47 9.06
N THR D 242 13.95 39.64 8.66
CA THR D 242 13.91 39.15 7.29
C THR D 242 13.65 37.64 7.22
N THR D 243 13.27 37.21 6.03
CA THR D 243 12.84 35.83 5.81
C THR D 243 13.25 35.40 4.41
N ARG D 244 13.19 34.11 4.15
CA ARG D 244 13.37 33.65 2.77
C ARG D 244 12.33 34.28 1.81
N LEU D 245 12.78 34.65 0.61
CA LEU D 245 11.85 35.14 -0.42
C LEU D 245 11.42 33.95 -1.29
N GLN D 246 12.33 32.99 -1.38
CA GLN D 246 11.99 31.59 -1.67
C GLN D 246 10.83 31.15 -0.77
N ALA D 266 19.40 38.42 -4.18
CA ALA D 266 18.14 39.08 -4.47
C ALA D 266 18.24 40.01 -5.67
N LYS D 267 17.74 39.52 -6.81
CA LYS D 267 17.30 40.38 -7.90
C LYS D 267 16.31 41.37 -7.29
N ALA D 268 15.70 40.97 -6.16
CA ALA D 268 14.74 41.79 -5.41
C ALA D 268 15.34 43.00 -4.66
N ASP D 269 16.67 43.03 -4.47
CA ASP D 269 17.31 44.11 -3.70
C ASP D 269 16.76 44.17 -2.25
N ILE D 270 16.63 42.98 -1.67
CA ILE D 270 16.24 42.84 -0.26
C ILE D 270 17.35 42.20 0.55
N THR D 271 18.48 41.93 -0.06
CA THR D 271 19.56 41.25 0.67
C THR D 271 20.18 42.12 1.76
N ILE D 272 20.37 41.53 2.95
CA ILE D 272 21.11 42.20 4.02
C ILE D 272 22.51 41.62 4.07
N ASP D 273 23.49 42.46 3.77
CA ASP D 273 24.89 42.09 3.90
C ASP D 273 25.65 43.19 4.63
N ALA D 274 26.96 43.00 4.84
CA ALA D 274 27.73 43.98 5.60
C ALA D 274 27.69 45.36 4.93
N ALA D 275 27.67 45.39 3.60
CA ALA D 275 27.61 46.67 2.88
C ALA D 275 26.33 47.41 3.24
N ARG D 276 25.19 46.73 3.12
CA ARG D 276 23.87 47.28 3.46
C ARG D 276 23.81 47.78 4.92
N MET D 277 24.44 47.01 5.81
CA MET D 277 24.45 47.34 7.23
C MET D 277 25.17 48.64 7.56
N ARG D 278 25.97 49.16 6.63
CA ARG D 278 26.59 50.46 6.87
C ARG D 278 25.58 51.59 6.96
N LEU D 279 24.37 51.33 6.48
CA LEU D 279 23.29 52.30 6.53
C LEU D 279 22.41 52.17 7.77
N ALA D 280 22.58 51.06 8.49
CA ALA D 280 21.72 50.81 9.65
C ALA D 280 22.05 51.71 10.83
N LYS D 281 21.05 51.92 11.69
CA LYS D 281 21.27 52.60 12.99
C LYS D 281 22.36 51.91 13.81
N GLU D 282 23.04 52.68 14.63
CA GLU D 282 24.03 52.13 15.55
C GLU D 282 23.42 51.10 16.50
N LYS D 283 22.25 51.42 17.02
CA LYS D 283 21.56 50.46 17.88
CA LYS D 283 21.51 50.53 17.93
C LYS D 283 20.23 50.05 17.26
N MET D 284 20.21 48.80 16.82
CA MET D 284 19.07 48.15 16.16
C MET D 284 19.41 46.66 16.14
N ILE D 285 18.46 45.78 15.76
CA ILE D 285 18.81 44.38 15.57
C ILE D 285 18.30 43.86 14.24
N VAL D 286 19.05 42.91 13.70
CA VAL D 286 18.63 42.11 12.56
C VAL D 286 18.15 40.77 13.08
N MET D 287 16.97 40.36 12.64
CA MET D 287 16.35 39.10 13.10
C MET D 287 15.98 38.30 11.86
N HIS D 288 15.88 36.98 12.04
CA HIS D 288 15.46 36.09 10.97
C HIS D 288 15.00 34.83 11.70
N PRO D 289 13.77 34.35 11.41
CA PRO D 289 13.33 33.16 12.15
C PRO D 289 14.14 31.92 11.80
N LEU D 290 14.82 31.94 10.65
CA LEU D 290 15.63 30.83 10.13
C LEU D 290 14.75 29.62 9.72
N PRO D 291 15.25 28.77 8.80
CA PRO D 291 16.55 28.80 8.13
C PRO D 291 16.63 29.94 7.10
N ARG D 292 17.86 30.37 6.85
CA ARG D 292 18.12 31.39 5.84
C ARG D 292 18.74 30.82 4.59
N ASN D 293 18.54 31.54 3.51
CA ASN D 293 19.32 31.34 2.29
C ASN D 293 20.19 32.58 2.08
N ASP D 294 20.39 33.02 0.83
CA ASP D 294 21.30 34.16 0.61
C ASP D 294 20.77 35.56 0.94
N GLU D 295 19.50 35.68 1.36
CA GLU D 295 18.94 36.99 1.72
C GLU D 295 19.58 37.62 2.99
N LEU D 296 20.27 36.80 3.79
CA LEU D 296 20.93 37.29 4.99
C LEU D 296 22.36 36.75 4.93
N SER D 297 23.29 37.60 4.52
CA SER D 297 24.66 37.18 4.25
C SER D 297 25.41 36.78 5.52
N THR D 298 26.28 35.78 5.41
CA THR D 298 27.15 35.44 6.54
C THR D 298 28.09 36.59 6.96
N THR D 299 28.27 37.58 6.08
CA THR D 299 29.06 38.76 6.41
C THR D 299 28.46 39.59 7.57
N VAL D 300 27.17 39.36 7.87
CA VAL D 300 26.48 40.08 8.95
C VAL D 300 26.67 39.37 10.30
N ASP D 301 27.06 38.09 10.28
CA ASP D 301 27.05 37.23 11.48
C ASP D 301 27.87 37.75 12.68
N ALA D 302 28.98 38.44 12.42
CA ALA D 302 29.87 38.93 13.50
C ALA D 302 29.43 40.28 14.07
N ASP D 303 28.51 40.95 13.39
CA ASP D 303 28.00 42.24 13.82
C ASP D 303 27.21 42.10 15.13
N PRO D 304 27.49 42.95 16.13
CA PRO D 304 26.71 42.87 17.37
C PRO D 304 25.20 43.02 17.18
N ARG D 305 24.79 43.65 16.08
CA ARG D 305 23.37 43.87 15.79
C ARG D 305 22.74 42.60 15.25
N ALA D 306 23.55 41.58 14.96
CA ALA D 306 22.99 40.34 14.38
C ALA D 306 22.40 39.56 15.53
N ALA D 307 21.07 39.55 15.64
CA ALA D 307 20.43 38.91 16.81
C ALA D 307 19.82 37.55 16.52
N TYR D 308 19.92 37.09 15.29
CA TYR D 308 19.21 35.90 14.87
C TYR D 308 19.73 34.58 15.42
N PHE D 309 20.95 34.55 15.95
CA PHE D 309 21.35 33.34 16.66
C PHE D 309 20.87 33.43 18.10
N ARG D 310 21.02 34.59 18.73
CA ARG D 310 20.49 34.78 20.09
C ARG D 310 18.99 34.48 20.13
N GLN D 311 18.33 34.88 19.06
CA GLN D 311 16.89 34.64 18.85
C GLN D 311 16.51 33.17 19.09
N MET D 312 17.31 32.23 18.57
CA MET D 312 17.00 30.81 18.78
C MET D 312 17.01 30.42 20.24
N ARG D 313 17.99 30.94 20.98
CA ARG D 313 18.06 30.59 22.41
C ARG D 313 16.92 31.24 23.20
N TYR D 314 16.58 32.49 22.86
CA TYR D 314 15.38 33.07 23.45
C TYR D 314 14.16 32.18 23.17
N GLY D 315 14.10 31.58 21.98
CA GLY D 315 13.01 30.66 21.68
C GLY D 315 12.91 29.51 22.68
N MET D 316 14.05 28.92 23.07
CA MET D 316 14.00 27.86 24.08
C MET D 316 13.36 28.36 25.39
N PHE D 317 13.76 29.54 25.85
CA PHE D 317 13.21 30.03 27.11
C PHE D 317 11.76 30.45 27.04
N MET D 318 11.35 31.01 25.90
CA MET D 318 9.94 31.32 25.71
C MET D 318 9.14 30.02 25.71
N ARG D 319 9.67 28.98 25.06
CA ARG D 319 8.94 27.72 25.04
C ARG D 319 8.87 27.04 26.41
N MET D 320 9.90 27.24 27.24
CA MET D 320 9.80 26.82 28.66
C MET D 320 8.68 27.58 29.38
N ALA D 321 8.59 28.90 29.17
CA ALA D 321 7.52 29.68 29.77
C ALA D 321 6.15 29.21 29.31
N ILE D 322 6.02 28.95 28.01
CA ILE D 322 4.77 28.45 27.45
C ILE D 322 4.38 27.07 27.99
N LEU D 323 5.29 26.10 27.91
CA LEU D 323 4.99 24.75 28.41
C LEU D 323 4.62 24.74 29.89
N TRP D 324 5.40 25.45 30.70
CA TRP D 324 5.11 25.49 32.12
C TRP D 324 3.74 26.12 32.35
N SER D 325 3.40 27.18 31.63
CA SER D 325 2.07 27.83 31.83
C SER D 325 0.91 26.95 31.40
N VAL D 326 1.09 26.25 30.27
CA VAL D 326 0.03 25.39 29.77
C VAL D 326 -0.20 24.22 30.75
N LEU D 327 0.90 23.66 31.28
CA LEU D 327 0.78 22.40 32.01
C LEU D 327 0.74 22.54 33.53
N ALA D 328 0.87 23.75 34.04
CA ALA D 328 0.90 23.95 35.48
C ALA D 328 -0.43 23.60 36.13
N GLY E 1 29.79 -0.92 43.83
CA GLY E 1 30.78 0.19 43.96
C GLY E 1 30.21 1.40 44.70
N SER E 2 29.35 1.14 45.69
CA SER E 2 28.70 2.21 46.47
C SER E 2 29.67 3.20 47.16
N MET E 3 30.81 2.70 47.64
CA MET E 3 31.80 3.56 48.28
C MET E 3 32.85 4.11 47.34
N LEU E 4 32.72 3.84 46.04
CA LEU E 4 33.64 4.40 45.07
C LEU E 4 33.26 5.81 44.74
N GLU E 5 34.26 6.65 44.48
CA GLU E 5 34.02 8.03 44.07
C GLU E 5 33.99 8.02 42.56
N LEU E 6 33.42 9.08 41.99
CA LEU E 6 33.40 9.30 40.55
C LEU E 6 34.03 10.67 40.25
N PRO E 7 35.36 10.80 40.49
CA PRO E 7 35.97 12.11 40.27
C PRO E 7 36.04 12.38 38.77
N PRO E 8 35.52 13.52 38.31
CA PRO E 8 35.67 13.77 36.87
C PRO E 8 37.12 14.01 36.53
N VAL E 9 37.51 13.68 35.31
CA VAL E 9 38.88 13.92 34.85
C VAL E 9 38.99 15.41 34.54
N ALA E 10 39.63 16.14 35.47
CA ALA E 10 39.69 17.59 35.38
C ALA E 10 40.17 18.18 34.04
N SER E 11 41.13 17.53 33.39
CA SER E 11 41.68 18.03 32.13
C SER E 11 40.65 18.07 30.99
N LEU E 12 39.60 17.26 31.09
CA LEU E 12 38.59 17.23 30.03
C LEU E 12 37.50 18.28 30.22
N LYS E 13 37.46 18.97 31.37
CA LYS E 13 36.35 19.87 31.67
C LYS E 13 36.10 20.93 30.60
N GLY E 14 34.88 20.96 30.05
CA GLY E 14 34.54 21.95 29.03
C GLY E 14 35.23 21.85 27.68
N LYS E 15 35.93 20.77 27.42
CA LYS E 15 36.71 20.70 26.21
C LYS E 15 36.08 19.81 25.16
N SER E 16 36.16 20.27 23.93
CA SER E 16 35.77 19.40 22.82
C SER E 16 36.79 18.27 22.68
N ILE E 17 36.33 17.17 22.08
CA ILE E 17 37.19 16.00 21.85
C ILE E 17 37.24 15.75 20.36
N THR E 18 38.42 15.96 19.78
CA THR E 18 38.59 15.87 18.33
C THR E 18 39.58 14.79 17.91
N SER E 19 40.58 14.53 18.75
CA SER E 19 41.70 13.66 18.37
C SER E 19 42.23 12.85 19.53
N ALA E 20 42.72 11.65 19.22
CA ALA E 20 43.43 10.83 20.22
C ALA E 20 44.68 11.56 20.73
N GLU E 21 45.18 12.50 19.95
CA GLU E 21 46.40 13.25 20.32
C GLU E 21 46.24 14.13 21.56
N GLN E 22 45.00 14.45 21.93
CA GLN E 22 44.77 15.39 23.03
C GLN E 22 44.87 14.78 24.43
N PHE E 23 45.05 13.46 24.49
CA PHE E 23 45.06 12.77 25.78
C PHE E 23 46.45 12.38 26.21
N SER E 24 46.72 12.61 27.49
CA SER E 24 47.93 12.09 28.11
C SER E 24 47.72 10.68 28.66
N ARG E 25 48.81 9.95 28.93
CA ARG E 25 48.68 8.67 29.64
C ARG E 25 47.85 8.79 30.93
N ALA E 26 48.11 9.84 31.71
CA ALA E 26 47.39 10.09 32.96
C ALA E 26 45.91 10.25 32.71
N ASP E 27 45.55 10.99 31.66
CA ASP E 27 44.13 11.19 31.32
C ASP E 27 43.49 9.84 31.03
N ILE E 28 44.20 8.99 30.28
CA ILE E 28 43.62 7.73 29.81
C ILE E 28 43.39 6.78 30.98
N TYR E 29 44.37 6.66 31.85
CA TYR E 29 44.17 5.87 33.08
C TYR E 29 43.08 6.45 33.99
N ALA E 30 43.00 7.77 34.12
CA ALA E 30 41.93 8.35 34.93
C ALA E 30 40.56 8.00 34.35
N LEU E 31 40.46 8.06 33.03
CA LEU E 31 39.23 7.68 32.35
C LEU E 31 38.91 6.21 32.51
N ILE E 32 39.92 5.36 32.38
CA ILE E 32 39.74 3.94 32.60
C ILE E 32 39.23 3.62 34.01
N HIS E 33 39.86 4.20 35.04
CA HIS E 33 39.41 3.97 36.40
C HIS E 33 38.02 4.55 36.68
N LEU E 34 37.72 5.71 36.10
CA LEU E 34 36.40 6.28 36.23
C LEU E 34 35.36 5.40 35.53
N ALA E 35 35.69 4.91 34.32
CA ALA E 35 34.77 4.02 33.60
C ALA E 35 34.50 2.73 34.36
N SER E 36 35.54 2.22 35.03
CA SER E 36 35.42 0.99 35.82
CA SER E 36 35.37 0.98 35.76
C SER E 36 34.48 1.20 36.99
N ALA E 37 34.59 2.35 37.63
CA ALA E 37 33.72 2.67 38.76
C ALA E 37 32.27 2.87 38.29
N MET E 38 32.10 3.52 37.13
CA MET E 38 30.78 3.66 36.45
CA MET E 38 30.75 3.64 36.59
C MET E 38 30.13 2.28 36.27
N GLN E 39 30.92 1.36 35.69
CA GLN E 39 30.46 0.00 35.41
CA GLN E 39 30.46 0.01 35.40
C GLN E 39 30.02 -0.66 36.70
N ARG E 40 30.85 -0.58 37.73
CA ARG E 40 30.49 -1.22 39.01
C ARG E 40 29.18 -0.69 39.59
N LYS E 41 29.00 0.62 39.58
CA LYS E 41 27.80 1.21 40.15
C LYS E 41 26.59 0.83 39.32
N ILE E 42 26.71 0.96 38.01
CA ILE E 42 25.55 0.67 37.15
C ILE E 42 25.15 -0.82 37.22
N ASP E 43 26.13 -1.71 37.22
CA ASP E 43 25.88 -3.15 37.27
C ASP E 43 25.25 -3.55 38.63
N ALA E 44 25.52 -2.76 39.69
CA ALA E 44 24.90 -2.97 41.00
C ALA E 44 23.50 -2.38 41.12
N GLY E 45 23.05 -1.70 40.07
CA GLY E 45 21.73 -1.07 40.11
C GLY E 45 21.65 0.33 40.65
N GLU E 46 22.80 0.97 40.89
CA GLU E 46 22.83 2.35 41.39
CA GLU E 46 22.82 2.33 41.39
C GLU E 46 22.36 3.31 40.31
N VAL E 47 21.52 4.25 40.72
CA VAL E 47 21.02 5.31 39.84
C VAL E 47 21.88 6.57 40.01
N LEU E 48 22.49 7.00 38.90
CA LEU E 48 23.31 8.22 38.90
C LEU E 48 22.51 9.45 38.45
N ASN E 49 22.69 10.57 39.14
CA ASN E 49 21.99 11.82 38.75
C ASN E 49 22.91 13.01 38.41
N LEU E 50 24.13 12.67 38.02
CA LEU E 50 25.20 13.64 37.91
C LEU E 50 24.90 14.71 36.89
N LEU E 51 24.20 14.34 35.82
CA LEU E 51 23.95 15.30 34.73
C LEU E 51 22.47 15.66 34.54
N GLN E 52 21.68 15.57 35.61
CA GLN E 52 20.29 16.00 35.51
C GLN E 52 20.23 17.42 34.92
N GLY E 53 19.30 17.58 33.99
CA GLY E 53 19.10 18.89 33.36
C GLY E 53 20.10 19.27 32.26
N ARG E 54 21.02 18.35 31.92
CA ARG E 54 21.96 18.63 30.86
CA ARG E 54 21.98 18.62 30.86
C ARG E 54 21.54 17.87 29.62
N ILE E 55 21.76 18.49 28.47
CA ILE E 55 21.30 17.89 27.19
C ILE E 55 22.43 17.59 26.23
N MET E 56 22.38 16.38 25.66
CA MET E 56 23.27 16.03 24.58
CA MET E 56 23.26 15.96 24.57
C MET E 56 22.43 15.95 23.31
N THR E 57 22.94 16.54 22.22
CA THR E 57 22.29 16.36 20.94
C THR E 57 23.21 15.61 19.98
N PRO E 58 22.76 14.46 19.47
CA PRO E 58 23.55 13.78 18.45
C PRO E 58 23.33 14.45 17.09
N LEU E 59 24.41 14.63 16.35
CA LEU E 59 24.33 15.18 14.99
C LEU E 59 25.12 14.19 14.14
N PHE E 60 24.39 13.16 13.69
CA PHE E 60 24.95 12.10 12.86
C PHE E 60 24.61 12.27 11.39
N PHE E 61 25.61 12.65 10.61
CA PHE E 61 25.47 12.80 9.15
C PHE E 61 25.90 11.53 8.40
N GLU E 62 26.22 10.46 9.12
CA GLU E 62 26.50 9.13 8.57
C GLU E 62 25.80 8.15 9.50
N ASP E 63 25.61 6.93 9.03
CA ASP E 63 24.96 5.89 9.83
C ASP E 63 25.78 5.48 11.04
N SER E 64 25.06 5.04 12.07
CA SER E 64 25.73 4.55 13.29
C SER E 64 24.78 3.71 14.10
N SER E 65 25.26 2.59 14.61
CA SER E 65 24.51 1.84 15.63
C SER E 65 25.19 2.01 16.98
N ARG E 66 26.47 1.68 17.09
CA ARG E 66 27.13 1.70 18.42
C ARG E 66 27.35 3.11 18.94
N THR E 67 27.97 3.97 18.14
CA THR E 67 28.41 5.25 18.69
C THR E 67 27.23 6.13 19.10
N PHE E 68 26.23 6.23 18.21
CA PHE E 68 25.00 6.92 18.56
C PHE E 68 24.35 6.33 19.81
N SER E 69 24.13 5.02 19.80
CA SER E 69 23.34 4.41 20.89
C SER E 69 24.09 4.44 22.21
N SER E 70 25.39 4.19 22.14
N SER E 70 25.39 4.19 22.17
CA SER E 70 26.26 4.20 23.32
CA SER E 70 26.15 4.22 23.41
C SER E 70 26.33 5.57 23.99
C SER E 70 26.26 5.61 24.03
N PHE E 71 26.44 6.65 23.20
CA PHE E 71 26.46 8.00 23.76
C PHE E 71 25.10 8.36 24.33
N CYS E 72 24.00 8.00 23.66
CA CYS E 72 22.67 8.28 24.22
C CYS E 72 22.48 7.56 25.59
N ALA E 73 22.81 6.28 25.58
CA ALA E 73 22.66 5.48 26.80
C ALA E 73 23.56 6.01 27.91
N ALA E 74 24.80 6.36 27.58
CA ALA E 74 25.72 6.93 28.56
C ALA E 74 25.19 8.24 29.17
N MET E 75 24.64 9.10 28.33
CA MET E 75 24.06 10.35 28.83
C MET E 75 22.89 10.06 29.77
N ILE E 76 22.00 9.17 29.36
CA ILE E 76 20.84 8.81 30.17
C ILE E 76 21.26 8.18 31.53
N ARG E 77 22.27 7.31 31.49
CA ARG E 77 22.71 6.65 32.73
C ARG E 77 23.42 7.58 33.67
N LEU E 78 23.82 8.76 33.19
CA LEU E 78 24.32 9.83 34.07
C LEU E 78 23.24 10.74 34.60
N GLY E 79 22.00 10.48 34.20
CA GLY E 79 20.88 11.36 34.58
C GLY E 79 20.60 12.47 33.60
N GLY E 80 21.39 12.55 32.52
CA GLY E 80 21.13 13.57 31.51
C GLY E 80 20.08 13.17 30.48
N SER E 81 19.91 14.04 29.50
CA SER E 81 18.86 13.87 28.50
C SER E 81 19.37 14.06 27.09
N VAL E 82 18.57 13.67 26.12
CA VAL E 82 18.96 13.68 24.70
C VAL E 82 17.87 14.37 23.91
N VAL E 83 18.26 15.30 23.02
CA VAL E 83 17.32 15.81 22.00
C VAL E 83 17.63 15.10 20.70
N ASN E 84 16.60 14.44 20.17
CA ASN E 84 16.73 13.52 19.04
C ASN E 84 16.54 14.21 17.72
N PHE E 85 17.43 15.14 17.46
CA PHE E 85 17.55 15.81 16.17
C PHE E 85 17.97 14.81 15.10
N LYS E 86 17.27 14.81 13.97
CA LYS E 86 17.64 13.99 12.82
C LYS E 86 17.89 14.80 11.54
N VAL E 87 19.05 14.56 10.94
CA VAL E 87 19.48 15.32 9.75
C VAL E 87 18.46 15.26 8.61
N GLU E 88 17.84 14.11 8.43
CA GLU E 88 16.90 13.91 7.33
C GLU E 88 15.53 14.61 7.48
N ALA E 89 15.19 15.04 8.70
CA ALA E 89 13.95 15.78 8.93
C ALA E 89 14.19 17.25 9.26
N SER E 90 15.38 17.75 8.95
CA SER E 90 15.81 19.07 9.43
C SER E 90 15.76 20.14 8.35
N SER E 91 16.13 21.37 8.72
CA SER E 91 16.13 22.46 7.75
C SER E 91 17.25 22.36 6.71
N ILE E 92 18.16 21.40 6.87
CA ILE E 92 19.17 21.15 5.84
C ILE E 92 18.48 20.89 4.49
N ASN E 93 17.28 20.29 4.57
CA ASN E 93 16.42 20.10 3.38
C ASN E 93 15.93 21.38 2.70
N LYS E 94 16.01 22.49 3.44
CA LYS E 94 15.68 23.81 2.89
C LYS E 94 16.92 24.68 2.69
N GLY E 95 18.08 24.02 2.63
CA GLY E 95 19.35 24.68 2.27
C GLY E 95 20.14 25.21 3.45
N GLU E 96 19.74 24.85 4.67
CA GLU E 96 20.54 25.25 5.81
C GLU E 96 21.96 24.67 5.80
N THR E 97 22.96 25.55 5.97
CA THR E 97 24.36 25.15 5.98
C THR E 97 24.71 24.37 7.23
N LEU E 98 25.81 23.66 7.17
CA LEU E 98 26.33 22.94 8.32
C LEU E 98 26.53 23.90 9.50
N ALA E 99 27.13 25.06 9.21
CA ALA E 99 27.43 25.99 10.26
C ALA E 99 26.15 26.46 10.95
N ASP E 100 25.12 26.75 10.17
CA ASP E 100 23.88 27.20 10.80
C ASP E 100 23.23 26.07 11.60
N THR E 101 23.37 24.83 11.12
CA THR E 101 22.80 23.66 11.85
C THR E 101 23.51 23.53 13.21
N ILE E 102 24.84 23.68 13.21
CA ILE E 102 25.60 23.58 14.44
C ILE E 102 25.14 24.68 15.37
N ARG E 103 25.02 25.93 14.89
CA ARG E 103 24.60 27.04 15.75
CA ARG E 103 24.62 27.02 15.79
C ARG E 103 23.23 26.79 16.37
N THR E 104 22.34 26.21 15.57
CA THR E 104 21.01 25.88 16.03
C THR E 104 21.05 24.90 17.22
N LEU E 105 21.66 23.74 17.04
CA LEU E 105 21.63 22.75 18.12
C LEU E 105 22.47 23.22 19.32
N ASP E 106 23.48 24.03 19.05
CA ASP E 106 24.31 24.63 20.11
C ASP E 106 23.51 25.58 20.99
N SER E 107 22.40 26.12 20.45
CA SER E 107 21.52 27.02 21.19
C SER E 107 20.77 26.31 22.31
N TYR E 108 20.62 24.99 22.22
CA TYR E 108 19.77 24.27 23.15
C TYR E 108 20.50 23.30 24.02
N SER E 109 21.72 22.95 23.63
CA SER E 109 22.43 21.77 24.15
C SER E 109 23.55 22.11 25.07
N ASP E 110 23.96 21.11 25.86
CA ASP E 110 25.19 21.22 26.66
C ASP E 110 26.40 20.59 25.97
N VAL E 111 26.14 19.60 25.13
CA VAL E 111 27.21 18.95 24.37
C VAL E 111 26.63 18.43 23.07
N LEU E 112 27.43 18.49 22.01
CA LEU E 112 27.02 17.96 20.69
C LEU E 112 27.94 16.78 20.40
N VAL E 113 27.38 15.69 19.89
CA VAL E 113 28.19 14.53 19.45
C VAL E 113 27.99 14.47 17.93
N MET E 114 29.09 14.63 17.19
CA MET E 114 28.99 14.83 15.74
C MET E 114 29.79 13.75 14.96
N ARG E 115 29.11 13.12 13.97
CA ARG E 115 29.76 12.28 12.96
C ARG E 115 29.44 12.86 11.58
N HIS E 116 30.46 12.94 10.73
CA HIS E 116 30.26 13.54 9.44
C HIS E 116 31.23 12.93 8.45
N PRO E 117 30.81 12.76 7.18
CA PRO E 117 31.69 12.14 6.20
C PRO E 117 32.87 13.01 5.73
N ARG E 118 32.82 14.33 5.97
CA ARG E 118 33.95 15.21 5.65
C ARG E 118 34.91 15.32 6.82
N GLN E 119 36.18 15.07 6.55
CA GLN E 119 37.21 15.16 7.59
C GLN E 119 37.29 16.53 8.28
N ASP E 120 37.08 17.61 7.51
CA ASP E 120 37.22 18.96 8.08
CA ASP E 120 37.20 18.98 8.05
C ASP E 120 35.93 19.53 8.70
N ALA E 121 34.86 18.74 8.69
CA ALA E 121 33.57 19.23 9.23
C ALA E 121 33.61 19.50 10.74
N ILE E 122 34.36 18.68 11.47
CA ILE E 122 34.52 18.89 12.90
C ILE E 122 35.12 20.26 13.24
N GLU E 123 36.21 20.60 12.55
CA GLU E 123 36.85 21.90 12.72
C GLU E 123 35.87 23.04 12.37
N GLU E 124 35.07 22.85 11.33
CA GLU E 124 34.09 23.85 10.95
CA GLU E 124 34.07 23.87 10.94
C GLU E 124 33.06 24.04 12.07
N ALA E 125 32.60 22.93 12.62
CA ALA E 125 31.64 23.01 13.72
C ALA E 125 32.23 23.69 14.95
N LEU E 126 33.48 23.37 15.28
CA LEU E 126 34.16 23.97 16.44
C LEU E 126 34.31 25.49 16.29
N SER E 127 34.43 25.94 15.06
CA SER E 127 34.60 27.38 14.79
C SER E 127 33.37 28.19 15.18
N VAL E 128 32.20 27.55 15.27
CA VAL E 128 30.96 28.29 15.54
C VAL E 128 30.28 27.90 16.84
N ALA E 129 30.61 26.73 17.39
CA ALA E 129 29.86 26.24 18.57
C ALA E 129 30.44 26.82 19.85
N GLN E 130 29.55 27.15 20.79
CA GLN E 130 29.93 27.59 22.14
CA GLN E 130 29.96 27.59 22.13
C GLN E 130 30.22 26.40 23.04
N HIS E 131 29.38 25.37 22.93
CA HIS E 131 29.51 24.21 23.79
C HIS E 131 30.43 23.13 23.20
N PRO E 132 30.86 22.17 24.03
CA PRO E 132 31.79 21.16 23.50
C PRO E 132 31.19 20.26 22.46
N ILE E 133 32.02 19.91 21.49
CA ILE E 133 31.67 18.94 20.44
C ILE E 133 32.53 17.72 20.61
N LEU E 134 31.88 16.55 20.59
CA LEU E 134 32.66 15.31 20.67
C LEU E 134 32.62 14.64 19.29
N ASN E 135 33.81 14.40 18.73
CA ASN E 135 34.00 13.83 17.41
C ASN E 135 33.66 12.34 17.46
N ALA E 136 32.53 11.97 16.86
CA ALA E 136 32.09 10.58 16.75
C ALA E 136 32.54 9.97 15.40
N GLY E 137 33.39 10.69 14.68
CA GLY E 137 33.99 10.17 13.44
C GLY E 137 33.95 11.25 12.38
N ASN E 138 35.10 11.60 11.82
CA ASN E 138 35.19 12.69 10.83
C ASN E 138 35.87 12.15 9.55
N GLY E 139 35.04 11.73 8.61
CA GLY E 139 35.54 11.06 7.39
C GLY E 139 36.49 9.91 7.70
N ALA E 140 37.60 9.84 6.97
CA ALA E 140 38.64 8.85 7.22
C ALA E 140 39.68 9.34 8.21
N GLY E 141 39.30 10.31 9.06
CA GLY E 141 40.21 10.96 9.98
C GLY E 141 40.36 10.17 11.27
N GLU E 142 39.53 10.51 12.25
CA GLU E 142 39.65 9.86 13.58
C GLU E 142 38.32 9.49 14.20
N HIS E 143 38.40 8.71 15.26
CA HIS E 143 37.26 8.33 16.08
C HIS E 143 37.83 8.20 17.50
N PRO E 144 38.05 9.34 18.18
CA PRO E 144 38.88 9.36 19.37
C PRO E 144 38.27 8.61 20.56
N THR E 145 36.96 8.64 20.70
CA THR E 145 36.34 7.89 21.80
C THR E 145 36.34 6.38 21.56
N GLN E 146 36.32 5.95 20.29
CA GLN E 146 36.54 4.54 19.98
C GLN E 146 37.91 4.13 20.50
N ALA E 147 38.96 4.95 20.27
CA ALA E 147 40.29 4.57 20.74
C ALA E 147 40.35 4.45 22.26
N LEU E 148 39.66 5.35 22.95
CA LEU E 148 39.61 5.29 24.42
C LEU E 148 38.89 4.01 24.90
N LEU E 149 37.76 3.65 24.29
CA LEU E 149 37.06 2.43 24.74
C LEU E 149 37.82 1.18 24.34
N ASP E 150 38.54 1.23 23.22
CA ASP E 150 39.35 0.10 22.80
C ASP E 150 40.45 -0.16 23.81
N THR E 151 41.03 0.94 24.32
CA THR E 151 42.09 0.85 25.32
C THR E 151 41.57 0.33 26.68
N LEU E 152 40.39 0.82 27.08
CA LEU E 152 39.71 0.25 28.22
C LEU E 152 39.48 -1.26 28.08
N THR E 153 39.09 -1.70 26.89
CA THR E 153 38.85 -3.11 26.61
C THR E 153 40.14 -3.91 26.79
N ILE E 154 41.25 -3.42 26.20
CA ILE E 154 42.51 -4.15 26.30
C ILE E 154 42.94 -4.24 27.77
N HIS E 155 42.89 -3.12 28.47
CA HIS E 155 43.28 -3.07 29.87
C HIS E 155 42.43 -4.03 30.70
N SER E 156 41.13 -4.07 30.44
CA SER E 156 40.23 -4.86 31.27
C SER E 156 40.35 -6.37 30.99
N GLU E 157 40.63 -6.72 29.74
CA GLU E 157 40.63 -8.08 29.32
C GLU E 157 41.97 -8.71 29.59
N LEU E 158 43.05 -7.98 29.31
CA LEU E 158 44.41 -8.53 29.40
C LEU E 158 45.14 -8.08 30.65
N GLY E 159 44.76 -6.95 31.20
CA GLY E 159 45.32 -6.50 32.46
C GLY E 159 46.45 -5.51 32.34
N SER E 160 46.96 -5.35 31.13
CA SER E 160 47.97 -4.32 30.87
CA SER E 160 48.05 -4.40 30.84
C SER E 160 47.95 -3.91 29.39
N VAL E 161 48.41 -2.68 29.13
CA VAL E 161 48.52 -2.19 27.75
C VAL E 161 50.00 -2.08 27.35
N ASP E 162 50.84 -1.58 28.26
CA ASP E 162 52.28 -1.62 28.03
C ASP E 162 52.68 -3.04 27.68
N GLY E 163 53.54 -3.17 26.69
CA GLY E 163 54.15 -4.47 26.42
C GLY E 163 53.39 -5.37 25.46
N ILE E 164 52.21 -4.93 25.01
CA ILE E 164 51.43 -5.78 24.12
C ILE E 164 52.01 -5.78 22.71
N THR E 165 51.73 -6.87 22.00
CA THR E 165 51.82 -6.96 20.57
C THR E 165 50.39 -6.91 19.99
N ILE E 166 50.15 -5.94 19.12
CA ILE E 166 48.79 -5.73 18.60
C ILE E 166 48.84 -5.71 17.09
N ALA E 167 47.93 -6.43 16.46
CA ALA E 167 47.76 -6.39 15.00
C ALA E 167 46.58 -5.52 14.70
N LEU E 168 46.78 -4.52 13.82
CA LEU E 168 45.72 -3.69 13.27
C LEU E 168 45.49 -4.18 11.87
N ILE E 169 44.27 -4.64 11.60
CA ILE E 169 43.99 -5.46 10.40
C ILE E 169 42.87 -4.87 9.59
N GLY E 170 43.05 -4.82 8.28
CA GLY E 170 41.96 -4.51 7.36
C GLY E 170 42.22 -3.26 6.52
N ASP E 171 41.22 -2.39 6.44
CA ASP E 171 41.35 -1.17 5.66
C ASP E 171 41.95 -0.12 6.57
N LEU E 172 43.28 -0.15 6.67
CA LEU E 172 43.99 0.81 7.54
C LEU E 172 44.02 2.22 6.94
N LYS E 173 43.91 2.31 5.62
CA LYS E 173 43.98 3.60 4.95
C LYS E 173 42.75 4.46 5.30
N MET E 174 41.58 3.86 5.18
CA MET E 174 40.34 4.58 5.34
C MET E 174 39.74 4.45 6.74
N GLY E 175 40.35 3.61 7.58
CA GLY E 175 39.79 3.29 8.92
C GLY E 175 40.07 4.32 10.00
N ARG E 176 39.09 5.15 10.32
CA ARG E 176 39.32 6.18 11.33
C ARG E 176 39.61 5.59 12.72
N THR E 177 39.05 4.42 13.00
CA THR E 177 39.27 3.79 14.30
C THR E 177 40.72 3.36 14.46
N VAL E 178 41.32 2.78 13.43
CA VAL E 178 42.73 2.41 13.57
C VAL E 178 43.67 3.60 13.57
N HIS E 179 43.29 4.69 12.88
CA HIS E 179 44.07 5.92 13.00
C HIS E 179 44.16 6.41 14.44
N SER E 180 43.03 6.52 15.12
CA SER E 180 43.01 6.99 16.50
C SER E 180 43.67 5.99 17.44
N LEU E 181 43.47 4.69 17.20
CA LEU E 181 44.02 3.71 18.14
C LEU E 181 45.55 3.67 18.06
N LEU E 182 46.11 3.72 16.83
CA LEU E 182 47.56 3.70 16.72
C LEU E 182 48.16 4.93 17.43
N LYS E 183 47.60 6.11 17.18
CA LYS E 183 48.04 7.34 17.88
C LYS E 183 47.96 7.23 19.40
N LEU E 184 46.83 6.75 19.90
CA LEU E 184 46.66 6.72 21.34
C LEU E 184 47.64 5.73 21.99
N LEU E 185 47.80 4.57 21.38
CA LEU E 185 48.69 3.54 21.94
C LEU E 185 50.17 3.94 21.87
N VAL E 186 50.60 4.41 20.72
CA VAL E 186 52.03 4.74 20.54
C VAL E 186 52.46 5.96 21.35
N ARG E 187 51.58 6.95 21.46
CA ARG E 187 51.91 8.17 22.21
C ARG E 187 52.02 7.97 23.71
N ASN E 188 51.23 7.05 24.25
CA ASN E 188 51.02 6.99 25.68
C ASN E 188 51.43 5.71 26.36
N PHE E 189 51.81 4.70 25.60
CA PHE E 189 52.14 3.40 26.17
C PHE E 189 53.42 2.85 25.58
N SER E 190 54.00 1.85 26.26
CA SER E 190 55.20 1.20 25.77
C SER E 190 54.84 -0.08 25.01
N ILE E 191 54.24 0.11 23.86
CA ILE E 191 53.80 -0.99 22.99
C ILE E 191 55.01 -1.75 22.51
N LYS E 192 54.94 -3.08 22.56
CA LYS E 192 56.07 -3.89 22.09
C LYS E 192 56.15 -3.91 20.57
N CYS E 193 55.03 -4.17 19.90
CA CYS E 193 55.05 -4.39 18.46
C CYS E 193 53.67 -4.10 17.92
N VAL E 194 53.61 -3.38 16.81
CA VAL E 194 52.38 -3.25 16.02
C VAL E 194 52.54 -3.98 14.68
N PHE E 195 51.66 -4.93 14.41
CA PHE E 195 51.56 -5.48 13.05
C PHE E 195 50.52 -4.68 12.29
N LEU E 196 50.90 -4.18 11.13
CA LEU E 196 49.95 -3.47 10.29
C LEU E 196 49.62 -4.40 9.14
N VAL E 197 48.44 -4.99 9.20
CA VAL E 197 48.04 -6.09 8.31
C VAL E 197 47.02 -5.58 7.31
N ALA E 198 47.41 -5.41 6.04
CA ALA E 198 46.49 -4.83 5.06
C ALA E 198 47.02 -5.10 3.67
N PRO E 199 46.13 -5.16 2.65
CA PRO E 199 46.72 -5.15 1.32
C PRO E 199 47.46 -3.83 1.08
N ASP E 200 48.48 -3.87 0.22
CA ASP E 200 49.35 -2.72 0.02
C ASP E 200 48.58 -1.42 -0.18
N ALA E 201 47.49 -1.48 -0.97
CA ALA E 201 46.72 -0.28 -1.34
C ALA E 201 45.97 0.33 -0.14
N LEU E 202 45.77 -0.46 0.91
CA LEU E 202 44.98 0.01 2.07
C LEU E 202 45.83 0.10 3.35
N GLN E 203 47.13 0.30 3.19
CA GLN E 203 47.99 0.41 4.37
C GLN E 203 47.79 1.67 5.20
N MET E 204 48.34 1.65 6.41
CA MET E 204 48.28 2.80 7.32
C MET E 204 48.93 4.02 6.67
N PRO E 205 48.22 5.16 6.65
CA PRO E 205 48.74 6.37 5.99
C PRO E 205 50.01 6.93 6.64
N GLN E 206 50.85 7.54 5.80
CA GLN E 206 51.98 8.29 6.29
C GLN E 206 51.63 9.44 7.22
N ASP E 207 50.48 10.08 7.02
CA ASP E 207 50.09 11.19 7.89
C ASP E 207 49.72 10.72 9.31
N VAL E 208 49.59 9.41 9.48
CA VAL E 208 49.48 8.83 10.83
C VAL E 208 50.86 8.40 11.37
N LEU E 209 51.62 7.68 10.54
CA LEU E 209 52.92 7.11 10.99
C LEU E 209 54.00 8.17 11.21
N GLU E 210 54.08 9.14 10.31
CA GLU E 210 55.18 10.10 10.35
C GLU E 210 55.22 10.92 11.65
N PRO E 211 54.07 11.46 12.11
CA PRO E 211 54.14 12.17 13.38
C PRO E 211 54.55 11.30 14.55
N LEU E 212 54.40 9.98 14.43
CA LEU E 212 54.77 9.06 15.53
C LEU E 212 56.22 8.61 15.48
N GLN E 213 56.97 9.03 14.45
CA GLN E 213 58.33 8.49 14.25
C GLN E 213 59.26 8.69 15.45
N HIS E 214 59.22 9.88 16.05
CA HIS E 214 60.06 10.15 17.22
C HIS E 214 59.73 9.21 18.38
N GLU E 215 58.44 9.07 18.69
CA GLU E 215 58.01 8.19 19.77
C GLU E 215 58.31 6.74 19.46
N ILE E 216 58.09 6.31 18.22
CA ILE E 216 58.39 4.94 17.81
C ILE E 216 59.89 4.63 18.05
N ALA E 217 60.76 5.55 17.66
CA ALA E 217 62.18 5.34 17.85
C ALA E 217 62.63 5.37 19.30
N THR E 218 62.17 6.37 20.04
CA THR E 218 62.61 6.53 21.42
C THR E 218 62.10 5.42 22.33
N LYS E 219 60.90 4.89 22.07
CA LYS E 219 60.33 3.79 22.89
C LYS E 219 60.66 2.42 22.33
N GLY E 220 61.32 2.39 21.17
CA GLY E 220 61.65 1.14 20.52
C GLY E 220 60.44 0.29 20.10
N VAL E 221 59.32 0.94 19.74
CA VAL E 221 58.13 0.21 19.27
C VAL E 221 58.47 -0.43 17.93
N ILE E 222 58.18 -1.71 17.78
CA ILE E 222 58.44 -2.42 16.53
C ILE E 222 57.21 -2.34 15.62
N ILE E 223 57.37 -1.76 14.43
CA ILE E 223 56.29 -1.71 13.44
C ILE E 223 56.58 -2.69 12.29
N HIS E 224 55.71 -3.67 12.09
CA HIS E 224 55.88 -4.61 10.98
C HIS E 224 54.64 -4.62 10.10
N ARG E 225 54.82 -4.32 8.82
CA ARG E 225 53.75 -4.44 7.82
C ARG E 225 53.67 -5.85 7.22
N THR E 226 52.46 -6.38 7.10
CA THR E 226 52.20 -7.64 6.38
C THR E 226 50.96 -7.42 5.50
N HIS E 227 50.72 -8.31 4.54
CA HIS E 227 49.45 -8.31 3.80
C HIS E 227 48.57 -9.50 4.15
N ALA E 228 49.00 -10.27 5.14
CA ALA E 228 48.25 -11.45 5.56
C ALA E 228 48.41 -11.68 7.05
N LEU E 229 47.45 -12.41 7.61
CA LEU E 229 47.58 -12.93 8.97
C LEU E 229 48.49 -14.14 8.91
N THR E 230 49.79 -13.87 8.91
CA THR E 230 50.79 -14.93 8.84
C THR E 230 50.83 -15.65 10.18
N ASP E 231 51.46 -16.83 10.19
CA ASP E 231 51.62 -17.59 11.43
C ASP E 231 52.24 -16.74 12.52
N GLU E 232 53.24 -15.97 12.15
CA GLU E 232 53.89 -15.06 13.08
C GLU E 232 52.91 -14.08 13.72
N VAL E 233 52.10 -13.42 12.91
CA VAL E 233 51.10 -12.45 13.44
C VAL E 233 50.17 -13.18 14.41
N MET E 234 49.68 -14.34 13.99
CA MET E 234 48.77 -15.13 14.86
C MET E 234 49.41 -15.58 16.16
N GLN E 235 50.67 -16.00 16.08
CA GLN E 235 51.35 -16.57 17.22
C GLN E 235 51.83 -15.54 18.25
N LYS E 236 52.12 -14.32 17.78
CA LYS E 236 52.72 -13.32 18.67
C LYS E 236 51.76 -12.26 19.20
N SER E 237 50.61 -12.09 18.57
CA SER E 237 49.73 -10.97 18.94
C SER E 237 48.93 -11.27 20.21
N ASP E 238 48.96 -10.32 21.16
CA ASP E 238 48.07 -10.35 22.30
C ASP E 238 46.71 -9.79 21.93
N VAL E 239 46.67 -8.94 20.90
CA VAL E 239 45.39 -8.36 20.43
C VAL E 239 45.35 -8.46 18.92
N LEU E 240 44.28 -9.03 18.38
CA LEU E 240 44.02 -8.97 16.95
C LEU E 240 42.86 -7.99 16.77
N TYR E 241 43.14 -6.81 16.22
CA TYR E 241 42.12 -5.78 16.11
C TYR E 241 41.79 -5.66 14.64
N THR E 242 40.65 -6.21 14.24
CA THR E 242 40.29 -6.26 12.84
C THR E 242 39.17 -5.29 12.48
N THR E 243 39.06 -5.00 11.20
CA THR E 243 38.07 -4.03 10.73
C THR E 243 37.57 -4.45 9.35
N ARG E 244 36.51 -3.80 8.88
CA ARG E 244 35.99 -4.05 7.53
C ARG E 244 37.07 -3.74 6.45
N LEU E 245 37.08 -4.53 5.37
CA LEU E 245 37.98 -4.27 4.24
C LEU E 245 37.20 -3.57 3.13
N GLN E 246 35.88 -3.60 3.24
CA GLN E 246 34.94 -3.00 2.30
C GLN E 246 35.15 -1.49 2.17
N LYS E 267 40.91 -12.22 0.15
CA LYS E 267 40.15 -11.97 1.38
C LYS E 267 40.46 -13.03 2.45
N ALA E 268 40.77 -14.24 2.00
CA ALA E 268 41.23 -15.34 2.86
C ALA E 268 42.51 -14.98 3.63
N ASP E 269 43.31 -14.05 3.09
CA ASP E 269 44.55 -13.61 3.72
C ASP E 269 44.34 -12.94 5.07
N ILE E 270 43.23 -12.22 5.24
CA ILE E 270 43.06 -11.47 6.49
C ILE E 270 41.81 -11.83 7.31
N THR E 271 41.08 -12.86 6.89
CA THR E 271 39.88 -13.31 7.61
C THR E 271 40.24 -14.04 8.89
N ILE E 272 39.53 -13.71 9.97
CA ILE E 272 39.64 -14.45 11.22
C ILE E 272 38.42 -15.37 11.35
N ASP E 273 38.68 -16.68 11.42
CA ASP E 273 37.65 -17.70 11.66
C ASP E 273 38.17 -18.70 12.69
N ALA E 274 37.35 -19.66 13.08
CA ALA E 274 37.81 -20.60 14.13
C ALA E 274 39.04 -21.37 13.69
N ALA E 275 39.14 -21.69 12.40
CA ALA E 275 40.33 -22.40 11.89
C ALA E 275 41.57 -21.59 12.18
N ARG E 276 41.52 -20.30 11.84
CA ARG E 276 42.64 -19.41 12.06
C ARG E 276 42.98 -19.29 13.55
N MET E 277 41.94 -19.26 14.38
CA MET E 277 42.11 -19.09 15.83
C MET E 277 42.88 -20.22 16.48
N ARG E 278 43.02 -21.35 15.79
CA ARG E 278 43.81 -22.47 16.32
C ARG E 278 45.29 -22.10 16.47
N LEU E 279 45.71 -21.05 15.76
CA LEU E 279 47.10 -20.57 15.83
C LEU E 279 47.31 -19.53 16.93
N ALA E 280 46.22 -18.98 17.47
CA ALA E 280 46.33 -17.87 18.43
C ALA E 280 46.85 -18.33 19.79
N LYS E 281 47.45 -17.40 20.53
CA LYS E 281 47.84 -17.60 21.93
C LYS E 281 46.62 -17.91 22.73
N GLU E 282 46.80 -18.58 23.87
CA GLU E 282 45.70 -18.81 24.79
CA GLU E 282 45.68 -18.80 24.78
C GLU E 282 45.25 -17.51 25.46
N LYS E 283 46.21 -16.69 25.88
CA LYS E 283 45.87 -15.38 26.47
C LYS E 283 45.99 -14.28 25.43
N MET E 284 44.88 -14.02 24.75
CA MET E 284 44.82 -12.91 23.78
C MET E 284 43.35 -12.57 23.57
N ILE E 285 43.08 -11.44 22.90
CA ILE E 285 41.71 -11.08 22.50
C ILE E 285 41.63 -10.69 21.03
N VAL E 286 40.47 -11.01 20.47
CA VAL E 286 40.05 -10.48 19.15
C VAL E 286 39.11 -9.32 19.42
N MET E 287 39.40 -8.18 18.79
CA MET E 287 38.60 -6.97 18.85
C MET E 287 38.19 -6.54 17.43
N HIS E 288 37.10 -5.79 17.34
CA HIS E 288 36.57 -5.27 16.09
C HIS E 288 35.65 -4.13 16.51
N PRO E 289 35.85 -2.92 15.99
CA PRO E 289 34.99 -1.79 16.43
C PRO E 289 33.53 -1.99 16.04
N LEU E 290 33.32 -2.84 15.02
CA LEU E 290 32.04 -3.13 14.44
C LEU E 290 31.45 -1.91 13.70
N PRO E 291 30.55 -2.14 12.71
CA PRO E 291 29.98 -3.41 12.22
C PRO E 291 30.99 -4.22 11.44
N ARG E 292 30.78 -5.54 11.48
CA ARG E 292 31.63 -6.45 10.76
C ARG E 292 30.92 -6.98 9.54
N ASN E 293 31.73 -7.35 8.56
CA ASN E 293 31.25 -8.24 7.51
C ASN E 293 31.92 -9.63 7.63
N ASP E 294 32.36 -10.21 6.51
CA ASP E 294 32.88 -11.57 6.48
C ASP E 294 34.31 -11.72 7.02
N GLU E 295 34.98 -10.60 7.30
CA GLU E 295 36.37 -10.64 7.76
C GLU E 295 36.48 -11.23 9.18
N LEU E 296 35.36 -11.24 9.90
CA LEU E 296 35.36 -11.81 11.24
C LEU E 296 34.20 -12.81 11.31
N SER E 297 34.54 -14.09 11.16
CA SER E 297 33.54 -15.15 11.09
C SER E 297 32.73 -15.30 12.37
N THR E 298 31.45 -15.62 12.22
CA THR E 298 30.62 -15.95 13.38
C THR E 298 31.12 -17.19 14.15
N THR E 299 31.95 -18.00 13.49
CA THR E 299 32.55 -19.17 14.14
C THR E 299 33.45 -18.80 15.32
N VAL E 300 33.84 -17.53 15.38
CA VAL E 300 34.68 -17.04 16.46
C VAL E 300 33.86 -16.59 17.69
N ASP E 301 32.56 -16.34 17.50
CA ASP E 301 31.76 -15.65 18.52
C ASP E 301 31.71 -16.35 19.88
N ALA E 302 31.72 -17.68 19.87
CA ALA E 302 31.66 -18.44 21.12
C ALA E 302 33.01 -18.52 21.83
N ASP E 303 34.11 -18.14 21.17
CA ASP E 303 35.44 -18.24 21.78
C ASP E 303 35.58 -17.22 22.92
N PRO E 304 36.07 -17.64 24.09
CA PRO E 304 36.32 -16.74 25.23
C PRO E 304 37.20 -15.54 24.82
N ARG E 305 38.04 -15.74 23.80
CA ARG E 305 38.92 -14.70 23.30
C ARG E 305 38.21 -13.67 22.42
N ALA E 306 36.98 -13.95 22.03
CA ALA E 306 36.17 -12.99 21.25
C ALA E 306 35.67 -11.88 22.19
N ALA E 307 36.29 -10.70 22.10
CA ALA E 307 36.01 -9.59 23.05
C ALA E 307 35.17 -8.49 22.40
N TYR E 308 34.84 -8.67 21.13
CA TYR E 308 34.23 -7.57 20.38
C TYR E 308 32.79 -7.27 20.77
N PHE E 309 32.10 -8.20 21.46
CA PHE E 309 30.80 -7.82 22.00
C PHE E 309 30.97 -7.10 23.35
N ARG E 310 31.86 -7.62 24.20
CA ARG E 310 32.15 -7.00 25.48
C ARG E 310 32.66 -5.57 25.26
N GLN E 311 33.41 -5.38 24.17
CA GLN E 311 33.97 -4.10 23.76
C GLN E 311 32.87 -3.04 23.65
N MET E 312 31.69 -3.40 23.12
CA MET E 312 30.61 -2.41 23.00
C MET E 312 30.12 -1.92 24.36
N ARG E 313 30.02 -2.84 25.32
CA ARG E 313 29.58 -2.42 26.65
C ARG E 313 30.63 -1.57 27.35
N TYR E 314 31.90 -1.94 27.23
CA TYR E 314 32.99 -1.08 27.71
C TYR E 314 32.85 0.32 27.13
N GLY E 315 32.49 0.40 25.84
CA GLY E 315 32.21 1.69 25.18
C GLY E 315 31.20 2.57 25.94
N MET E 316 30.10 1.98 26.39
CA MET E 316 29.10 2.77 27.13
C MET E 316 29.71 3.35 28.41
N PHE E 317 30.49 2.54 29.14
CA PHE E 317 31.05 3.05 30.39
C PHE E 317 32.16 4.07 30.17
N MET E 318 32.97 3.89 29.13
CA MET E 318 33.94 4.90 28.77
C MET E 318 33.23 6.21 28.39
N ARG E 319 32.17 6.09 27.60
CA ARG E 319 31.43 7.28 27.23
C ARG E 319 30.77 7.98 28.44
N MET E 320 30.37 7.22 29.47
CA MET E 320 29.92 7.84 30.74
C MET E 320 31.06 8.61 31.41
N ALA E 321 32.24 7.99 31.47
CA ALA E 321 33.41 8.66 32.04
C ALA E 321 33.73 9.97 31.29
N ILE E 322 33.68 9.90 29.95
CA ILE E 322 33.96 11.06 29.12
C ILE E 322 32.92 12.16 29.30
N LEU E 323 31.63 11.83 29.18
CA LEU E 323 30.58 12.84 29.30
C LEU E 323 30.58 13.52 30.67
N TRP E 324 30.74 12.72 31.73
CA TRP E 324 30.84 13.32 33.05
C TRP E 324 32.04 14.25 33.17
N SER E 325 33.17 13.84 32.64
CA SER E 325 34.39 14.65 32.72
C SER E 325 34.27 15.96 31.96
N VAL E 326 33.61 15.92 30.81
CA VAL E 326 33.43 17.11 30.00
C VAL E 326 32.46 18.08 30.65
N LEU E 327 31.37 17.54 31.21
CA LEU E 327 30.28 18.38 31.69
C LEU E 327 30.23 18.66 33.20
N ALA E 328 31.18 18.10 33.94
CA ALA E 328 31.24 18.29 35.39
C ALA E 328 31.41 19.74 35.75
N LEU F 4 4.57 0.48 47.46
CA LEU F 4 3.92 -0.77 47.98
C LEU F 4 2.49 -0.97 47.47
N GLU F 5 1.93 0.05 46.82
CA GLU F 5 0.57 -0.05 46.27
C GLU F 5 0.63 -0.56 44.83
N LEU F 6 1.86 -0.75 44.34
CA LEU F 6 2.10 -1.24 42.99
C LEU F 6 2.97 -2.50 42.98
N PRO F 7 2.45 -3.61 43.54
CA PRO F 7 3.32 -4.78 43.51
C PRO F 7 3.54 -5.32 42.09
N PRO F 8 4.81 -5.59 41.72
CA PRO F 8 5.03 -6.17 40.39
C PRO F 8 4.53 -7.62 40.32
N VAL F 9 4.19 -8.05 39.11
CA VAL F 9 3.74 -9.41 38.92
C VAL F 9 4.98 -10.28 38.86
N ALA F 10 5.20 -11.02 39.96
CA ALA F 10 6.50 -11.69 40.12
C ALA F 10 6.84 -12.67 39.00
N SER F 11 5.84 -13.33 38.42
CA SER F 11 6.13 -14.32 37.39
C SER F 11 6.75 -13.75 36.13
N LEU F 12 6.60 -12.45 35.92
CA LEU F 12 7.14 -11.83 34.71
C LEU F 12 8.57 -11.35 34.90
N LYS F 13 9.09 -11.34 36.13
CA LYS F 13 10.44 -10.78 36.36
C LYS F 13 11.53 -11.35 35.45
N GLY F 14 12.20 -10.44 34.74
CA GLY F 14 13.34 -10.82 33.93
C GLY F 14 13.04 -11.65 32.68
N LYS F 15 11.78 -11.82 32.33
CA LYS F 15 11.45 -12.71 31.21
C LYS F 15 11.03 -11.99 29.95
N SER F 16 11.46 -12.54 28.81
CA SER F 16 10.97 -12.07 27.52
C SER F 16 9.50 -12.41 27.35
N ILE F 17 8.81 -11.64 26.53
CA ILE F 17 7.41 -11.88 26.25
C ILE F 17 7.27 -12.11 24.75
N THR F 18 6.87 -13.31 24.39
CA THR F 18 6.87 -13.71 22.98
C THR F 18 5.50 -14.17 22.51
N SER F 19 4.69 -14.73 23.43
CA SER F 19 3.43 -15.33 23.04
C SER F 19 2.36 -15.19 24.12
N ALA F 20 1.12 -15.10 23.69
CA ALA F 20 0.00 -15.17 24.63
C ALA F 20 -0.01 -16.47 25.44
N GLU F 21 0.64 -17.51 24.92
CA GLU F 21 0.61 -18.81 25.58
C GLU F 21 1.37 -18.80 26.91
N GLN F 22 2.24 -17.82 27.12
CA GLN F 22 3.10 -17.88 28.30
C GLN F 22 2.43 -17.39 29.58
N PHE F 23 1.20 -16.88 29.47
CA PHE F 23 0.49 -16.30 30.62
C PHE F 23 -0.55 -17.21 31.19
N SER F 24 -0.61 -17.25 32.50
CA SER F 24 -1.73 -17.92 33.16
C SER F 24 -2.85 -16.96 33.45
N ARG F 25 -4.02 -17.51 33.80
CA ARG F 25 -5.13 -16.68 34.24
C ARG F 25 -4.74 -15.78 35.42
N ALA F 26 -4.01 -16.33 36.38
CA ALA F 26 -3.58 -15.54 37.52
C ALA F 26 -2.64 -14.41 37.09
N ASP F 27 -1.73 -14.67 36.15
CA ASP F 27 -0.87 -13.61 35.61
C ASP F 27 -1.72 -12.48 35.02
N ILE F 28 -2.70 -12.87 34.21
CA ILE F 28 -3.53 -11.89 33.50
C ILE F 28 -4.30 -11.00 34.48
N TYR F 29 -4.93 -11.60 35.49
CA TYR F 29 -5.63 -10.79 36.46
C TYR F 29 -4.68 -9.94 37.29
N ALA F 30 -3.51 -10.47 37.63
CA ALA F 30 -2.52 -9.70 38.38
C ALA F 30 -2.12 -8.48 37.54
N LEU F 31 -1.93 -8.67 36.23
CA LEU F 31 -1.55 -7.54 35.37
C LEU F 31 -2.68 -6.53 35.24
N ILE F 32 -3.91 -7.05 35.09
CA ILE F 32 -5.10 -6.20 35.03
C ILE F 32 -5.22 -5.33 36.29
N HIS F 33 -5.09 -5.93 37.48
CA HIS F 33 -5.22 -5.10 38.66
CA HIS F 33 -5.17 -5.17 38.74
C HIS F 33 -4.08 -4.11 38.83
N LEU F 34 -2.86 -4.51 38.43
CA LEU F 34 -1.74 -3.61 38.47
C LEU F 34 -1.92 -2.46 37.48
N ALA F 35 -2.37 -2.78 36.27
CA ALA F 35 -2.63 -1.71 35.28
C ALA F 35 -3.71 -0.72 35.77
N SER F 36 -4.75 -1.21 36.45
N SER F 36 -4.74 -1.24 36.45
CA SER F 36 -5.80 -0.33 36.96
CA SER F 36 -5.81 -0.44 37.03
C SER F 36 -5.26 0.57 38.08
C SER F 36 -5.28 0.53 38.07
N ALA F 37 -4.38 0.03 38.91
CA ALA F 37 -3.76 0.80 39.97
C ALA F 37 -2.86 1.88 39.39
N MET F 38 -2.14 1.55 38.32
CA MET F 38 -1.31 2.57 37.71
CA MET F 38 -1.28 2.50 37.58
C MET F 38 -2.13 3.67 37.07
N GLN F 39 -3.26 3.31 36.47
CA GLN F 39 -4.17 4.30 35.89
C GLN F 39 -4.67 5.25 36.99
N ARG F 40 -5.06 4.72 38.13
CA ARG F 40 -5.61 5.58 39.16
C ARG F 40 -4.55 6.59 39.62
N LYS F 41 -3.32 6.13 39.79
CA LYS F 41 -2.23 6.99 40.24
C LYS F 41 -1.86 8.03 39.17
N ILE F 42 -1.69 7.58 37.93
CA ILE F 42 -1.36 8.54 36.87
C ILE F 42 -2.46 9.59 36.62
N ASP F 43 -3.73 9.16 36.59
CA ASP F 43 -4.86 10.09 36.41
C ASP F 43 -5.04 11.09 37.57
N ALA F 44 -4.53 10.72 38.75
CA ALA F 44 -4.52 11.61 39.91
C ALA F 44 -3.30 12.55 39.91
N GLY F 45 -2.46 12.44 38.88
CA GLY F 45 -1.27 13.30 38.79
C GLY F 45 -0.03 12.84 39.54
N GLU F 46 -0.04 11.64 40.12
CA GLU F 46 1.12 11.12 40.82
CA GLU F 46 1.12 11.11 40.83
C GLU F 46 2.24 10.79 39.85
N VAL F 47 3.46 11.08 40.27
CA VAL F 47 4.68 10.77 39.51
C VAL F 47 5.30 9.49 40.04
N LEU F 48 5.59 8.57 39.12
CA LEU F 48 6.17 7.29 39.52
C LEU F 48 7.66 7.30 39.19
N ASN F 49 8.45 6.76 40.11
CA ASN F 49 9.89 6.72 39.85
C ASN F 49 10.53 5.32 39.83
N LEU F 50 9.69 4.34 39.59
CA LEU F 50 9.99 2.92 39.77
C LEU F 50 11.17 2.43 38.94
N LEU F 51 11.35 3.00 37.73
CA LEU F 51 12.36 2.51 36.79
C LEU F 51 13.40 3.57 36.43
N GLN F 52 13.63 4.53 37.33
CA GLN F 52 14.66 5.51 37.05
C GLN F 52 15.99 4.80 36.79
N GLY F 53 16.66 5.26 35.73
CA GLY F 53 17.98 4.75 35.36
C GLY F 53 17.91 3.52 34.48
N ARG F 54 16.70 3.02 34.18
CA ARG F 54 16.56 1.86 33.31
CA ARG F 54 16.51 1.85 33.33
C ARG F 54 16.18 2.30 31.90
N ILE F 55 16.65 1.56 30.90
CA ILE F 55 16.54 1.96 29.50
C ILE F 55 15.80 0.92 28.71
N MET F 56 14.87 1.42 27.91
CA MET F 56 14.20 0.61 26.90
C MET F 56 14.65 1.09 25.55
N THR F 57 14.96 0.14 24.68
CA THR F 57 15.24 0.50 23.29
C THR F 57 14.22 -0.12 22.37
N PRO F 58 13.54 0.73 21.61
CA PRO F 58 12.60 0.17 20.62
C PRO F 58 13.39 -0.26 19.41
N LEU F 59 13.08 -1.45 18.89
CA LEU F 59 13.65 -1.94 17.65
C LEU F 59 12.49 -2.28 16.71
N PHE F 60 12.05 -1.27 15.96
CA PHE F 60 10.93 -1.44 15.05
C PHE F 60 11.37 -1.52 13.59
N PHE F 61 11.19 -2.71 13.02
CA PHE F 61 11.44 -2.93 11.59
C PHE F 61 10.19 -2.83 10.72
N GLU F 62 9.06 -2.51 11.33
CA GLU F 62 7.82 -2.16 10.61
C GLU F 62 7.27 -0.92 11.27
N ASP F 63 6.36 -0.26 10.58
CA ASP F 63 5.71 0.95 11.07
C ASP F 63 4.82 0.65 12.27
N SER F 64 4.66 1.68 13.11
CA SER F 64 3.84 1.58 14.34
C SER F 64 3.52 2.97 14.83
N SER F 65 2.28 3.20 15.22
CA SER F 65 1.93 4.39 16.02
C SER F 65 1.65 4.02 17.49
N ARG F 66 0.68 3.12 17.71
CA ARG F 66 0.29 2.77 19.08
C ARG F 66 1.36 2.01 19.83
N THR F 67 1.86 0.94 19.26
CA THR F 67 2.72 0.05 20.07
C THR F 67 4.04 0.76 20.45
N PHE F 68 4.69 1.37 19.46
CA PHE F 68 5.85 2.18 19.75
C PHE F 68 5.53 3.28 20.77
N SER F 69 4.47 4.07 20.52
CA SER F 69 4.31 5.27 21.37
C SER F 69 3.89 4.88 22.78
N SER F 70 3.05 3.85 22.88
CA SER F 70 2.55 3.43 24.21
C SER F 70 3.67 2.83 25.03
N PHE F 71 4.54 2.04 24.38
CA PHE F 71 5.67 1.50 25.15
C PHE F 71 6.61 2.61 25.63
N CYS F 72 6.91 3.58 24.75
CA CYS F 72 7.74 4.70 25.19
C CYS F 72 7.09 5.48 26.31
N ALA F 73 5.82 5.82 26.16
CA ALA F 73 5.10 6.56 27.18
C ALA F 73 5.04 5.77 28.49
N ALA F 74 4.77 4.47 28.39
CA ALA F 74 4.74 3.59 29.59
C ALA F 74 6.07 3.59 30.32
N MET F 75 7.16 3.48 29.57
CA MET F 75 8.48 3.51 30.19
C MET F 75 8.73 4.86 30.89
N ILE F 76 8.43 5.95 30.20
CA ILE F 76 8.62 7.30 30.77
C ILE F 76 7.77 7.50 32.02
N ARG F 77 6.53 7.02 32.00
CA ARG F 77 5.63 7.24 33.16
C ARG F 77 5.98 6.38 34.33
N LEU F 78 6.84 5.40 34.13
CA LEU F 78 7.41 4.66 35.27
C LEU F 78 8.73 5.28 35.75
N GLY F 79 9.19 6.35 35.11
CA GLY F 79 10.44 7.04 35.47
C GLY F 79 11.64 6.54 34.68
N GLY F 80 11.41 5.62 33.73
CA GLY F 80 12.49 5.07 32.90
C GLY F 80 12.78 5.95 31.70
N SER F 81 13.72 5.49 30.89
CA SER F 81 14.19 6.23 29.76
C SER F 81 14.21 5.38 28.49
N VAL F 82 14.32 6.08 27.37
CA VAL F 82 14.24 5.46 26.04
C VAL F 82 15.43 5.88 25.19
N VAL F 83 16.13 4.90 24.60
CA VAL F 83 17.12 5.23 23.53
C VAL F 83 16.46 5.06 22.17
N ASN F 84 16.42 6.15 21.41
CA ASN F 84 15.66 6.19 20.16
C ASN F 84 16.41 5.68 18.95
N PHE F 85 16.64 4.37 18.95
CA PHE F 85 17.29 3.71 17.84
C PHE F 85 16.39 3.66 16.61
N LYS F 86 16.95 4.06 15.47
CA LYS F 86 16.23 3.96 14.19
C LYS F 86 16.94 3.06 13.20
N VAL F 87 16.21 2.07 12.69
CA VAL F 87 16.77 1.04 11.85
C VAL F 87 17.35 1.67 10.57
N GLU F 88 16.62 2.64 10.03
CA GLU F 88 17.03 3.30 8.78
C GLU F 88 18.33 4.11 8.84
N ALA F 89 18.74 4.50 10.04
CA ALA F 89 19.94 5.31 10.24
C ALA F 89 21.08 4.50 10.86
N SER F 90 20.95 3.17 10.83
CA SER F 90 21.83 2.30 11.61
C SER F 90 22.85 1.58 10.71
N SER F 91 23.71 0.78 11.35
CA SER F 91 24.73 0.01 10.64
C SER F 91 24.15 -1.15 9.84
N ILE F 92 22.83 -1.36 9.94
CA ILE F 92 22.16 -2.33 9.07
C ILE F 92 22.42 -1.93 7.61
N ASN F 93 22.59 -0.63 7.38
CA ASN F 93 22.87 -0.11 6.04
C ASN F 93 24.26 -0.51 5.54
N LYS F 94 25.13 -0.91 6.47
CA LYS F 94 26.50 -1.34 6.18
C LYS F 94 26.63 -2.87 6.22
N GLY F 95 25.49 -3.56 6.23
CA GLY F 95 25.45 -5.02 6.21
C GLY F 95 25.44 -5.71 7.56
N GLU F 96 25.30 -4.93 8.64
CA GLU F 96 25.20 -5.54 9.97
C GLU F 96 23.99 -6.47 10.04
N THR F 97 24.22 -7.70 10.52
CA THR F 97 23.14 -8.69 10.66
C THR F 97 22.15 -8.33 11.78
N LEU F 98 20.97 -8.94 11.74
CA LEU F 98 20.01 -8.79 12.82
C LEU F 98 20.65 -9.22 14.14
N ALA F 99 21.33 -10.37 14.18
CA ALA F 99 21.94 -10.85 15.42
C ALA F 99 22.91 -9.83 15.99
N ASP F 100 23.80 -9.29 15.16
CA ASP F 100 24.73 -8.29 15.66
C ASP F 100 24.01 -7.00 16.14
N THR F 101 22.95 -6.60 15.44
CA THR F 101 22.15 -5.44 15.87
C THR F 101 21.56 -5.68 17.26
N ILE F 102 21.03 -6.88 17.48
CA ILE F 102 20.44 -7.22 18.79
C ILE F 102 21.53 -7.18 19.84
N ARG F 103 22.65 -7.84 19.59
CA ARG F 103 23.78 -7.80 20.52
CA ARG F 103 23.76 -7.80 20.54
C ARG F 103 24.21 -6.36 20.84
N THR F 104 24.16 -5.49 19.84
CA THR F 104 24.57 -4.10 20.03
C THR F 104 23.62 -3.40 21.01
N LEU F 105 22.32 -3.41 20.73
CA LEU F 105 21.39 -2.69 21.60
C LEU F 105 21.28 -3.35 22.98
N ASP F 106 21.48 -4.66 23.01
CA ASP F 106 21.52 -5.41 24.27
C ASP F 106 22.64 -4.97 25.18
N SER F 107 23.69 -4.37 24.60
CA SER F 107 24.85 -3.91 25.38
C SER F 107 24.56 -2.71 26.22
N TYR F 108 23.49 -1.99 25.90
CA TYR F 108 23.22 -0.66 26.48
C TYR F 108 21.90 -0.62 27.26
N SER F 109 21.01 -1.58 27.00
CA SER F 109 19.59 -1.44 27.38
C SER F 109 19.22 -2.38 28.50
N ASP F 110 18.11 -2.09 29.16
CA ASP F 110 17.53 -3.05 30.11
C ASP F 110 16.43 -3.92 29.52
N VAL F 111 15.76 -3.43 28.46
CA VAL F 111 14.74 -4.22 27.77
C VAL F 111 14.71 -3.76 26.31
N LEU F 112 14.41 -4.69 25.43
CA LEU F 112 14.25 -4.33 24.00
C LEU F 112 12.81 -4.60 23.65
N VAL F 113 12.22 -3.71 22.86
CA VAL F 113 10.85 -3.94 22.38
C VAL F 113 10.99 -4.07 20.88
N MET F 114 10.63 -5.23 20.34
CA MET F 114 10.94 -5.54 18.94
C MET F 114 9.71 -5.87 18.12
N ARG F 115 9.58 -5.19 16.97
CA ARG F 115 8.58 -5.57 15.95
C ARG F 115 9.34 -5.85 14.66
N HIS F 116 8.99 -6.93 13.99
CA HIS F 116 9.74 -7.33 12.79
C HIS F 116 8.78 -8.05 11.84
N PRO F 117 8.94 -7.85 10.52
CA PRO F 117 8.06 -8.54 9.58
C PRO F 117 8.26 -10.04 9.44
N ARG F 118 9.39 -10.57 9.90
CA ARG F 118 9.62 -12.03 9.87
C ARG F 118 9.16 -12.67 11.15
N GLN F 119 8.29 -13.68 11.04
CA GLN F 119 7.79 -14.36 12.24
C GLN F 119 8.90 -14.92 13.12
N ASP F 120 9.99 -15.40 12.51
CA ASP F 120 11.03 -16.09 13.28
C ASP F 120 12.11 -15.14 13.83
N ALA F 121 11.98 -13.85 13.54
CA ALA F 121 13.01 -12.88 13.95
C ALA F 121 13.09 -12.69 15.46
N ILE F 122 11.96 -12.80 16.17
CA ILE F 122 11.97 -12.70 17.63
C ILE F 122 12.79 -13.83 18.23
N GLU F 123 12.60 -15.05 17.71
CA GLU F 123 13.35 -16.19 18.21
C GLU F 123 14.85 -16.03 17.98
N GLU F 124 15.23 -15.50 16.80
CA GLU F 124 16.63 -15.23 16.51
CA GLU F 124 16.63 -15.20 16.48
C GLU F 124 17.21 -14.22 17.48
N ALA F 125 16.47 -13.14 17.75
CA ALA F 125 16.88 -12.12 18.70
C ALA F 125 17.06 -12.73 20.10
N LEU F 126 16.09 -13.54 20.55
CA LEU F 126 16.20 -14.19 21.85
C LEU F 126 17.43 -15.05 22.01
N SER F 127 17.88 -15.65 20.91
CA SER F 127 19.02 -16.57 20.97
C SER F 127 20.33 -15.87 21.30
N VAL F 128 20.39 -14.56 21.05
CA VAL F 128 21.60 -13.78 21.34
C VAL F 128 21.49 -12.75 22.48
N ALA F 129 20.29 -12.31 22.86
CA ALA F 129 20.17 -11.23 23.87
C ALA F 129 20.21 -11.76 25.30
N GLN F 130 20.85 -10.96 26.14
CA GLN F 130 20.91 -11.25 27.58
CA GLN F 130 20.94 -11.22 27.58
C GLN F 130 19.74 -10.61 28.32
N HIS F 131 19.22 -9.50 27.80
CA HIS F 131 18.15 -8.77 28.47
C HIS F 131 16.82 -9.18 27.84
N PRO F 132 15.70 -8.96 28.55
CA PRO F 132 14.41 -9.34 27.97
C PRO F 132 14.04 -8.61 26.69
N ILE F 133 13.44 -9.37 25.78
CA ILE F 133 12.79 -8.81 24.60
C ILE F 133 11.30 -8.92 24.71
N LEU F 134 10.59 -7.84 24.38
CA LEU F 134 9.13 -7.89 24.34
C LEU F 134 8.72 -7.83 22.87
N ASN F 135 7.98 -8.85 22.45
CA ASN F 135 7.48 -8.96 21.07
C ASN F 135 6.36 -7.99 20.86
N ALA F 136 6.64 -6.97 20.03
CA ALA F 136 5.66 -5.96 19.63
C ALA F 136 5.02 -6.31 18.29
N GLY F 137 5.24 -7.53 17.82
CA GLY F 137 4.62 -8.04 16.60
C GLY F 137 5.65 -8.71 15.74
N ASN F 138 5.40 -10.00 15.43
CA ASN F 138 6.33 -10.77 14.62
C ASN F 138 5.63 -11.29 13.38
N GLY F 139 5.77 -10.53 12.29
CA GLY F 139 5.03 -10.88 11.03
C GLY F 139 3.55 -11.07 11.30
N ALA F 140 2.99 -12.12 10.70
CA ALA F 140 1.61 -12.52 11.00
C ALA F 140 1.52 -13.51 12.13
N GLY F 141 2.49 -13.50 13.06
CA GLY F 141 2.50 -14.41 14.22
C GLY F 141 1.58 -13.93 15.32
N GLU F 142 2.22 -13.23 16.26
CA GLU F 142 1.55 -12.81 17.49
C GLU F 142 1.84 -11.35 17.86
N HIS F 143 1.05 -10.88 18.81
CA HIS F 143 1.17 -9.50 19.35
C HIS F 143 0.66 -9.64 20.81
N PRO F 144 1.50 -10.25 21.66
CA PRO F 144 1.01 -10.72 22.96
C PRO F 144 0.57 -9.59 23.88
N THR F 145 1.23 -8.43 23.80
CA THR F 145 0.81 -7.35 24.68
C THR F 145 -0.47 -6.67 24.19
N GLN F 146 -0.74 -6.75 22.89
CA GLN F 146 -2.04 -6.35 22.43
C GLN F 146 -3.13 -7.23 23.07
N ALA F 147 -2.89 -8.55 23.12
CA ALA F 147 -3.90 -9.42 23.69
C ALA F 147 -4.14 -9.07 25.15
N LEU F 148 -3.07 -8.75 25.86
CA LEU F 148 -3.23 -8.38 27.30
C LEU F 148 -4.04 -7.08 27.46
N LEU F 149 -3.71 -6.06 26.67
CA LEU F 149 -4.44 -4.79 26.80
C LEU F 149 -5.89 -4.92 26.31
N ASP F 150 -6.14 -5.82 25.34
CA ASP F 150 -7.50 -6.08 24.87
C ASP F 150 -8.34 -6.70 26.00
N THR F 151 -7.71 -7.60 26.77
CA THR F 151 -8.40 -8.32 27.81
C THR F 151 -8.63 -7.32 28.99
N LEU F 152 -7.67 -6.47 29.27
CA LEU F 152 -7.90 -5.39 30.23
C LEU F 152 -9.10 -4.52 29.79
N THR F 153 -9.17 -4.20 28.50
CA THR F 153 -10.27 -3.40 27.97
C THR F 153 -11.62 -4.10 28.19
N ILE F 154 -11.71 -5.37 27.84
CA ILE F 154 -12.94 -6.13 28.05
C ILE F 154 -13.33 -6.12 29.53
N HIS F 155 -12.38 -6.46 30.38
CA HIS F 155 -12.60 -6.48 31.84
C HIS F 155 -13.12 -5.14 32.35
N SER F 156 -12.44 -4.07 31.98
CA SER F 156 -12.79 -2.72 32.44
C SER F 156 -14.14 -2.23 31.94
N GLU F 157 -14.47 -2.58 30.70
CA GLU F 157 -15.65 -2.03 30.05
C GLU F 157 -16.90 -2.86 30.36
N LEU F 158 -16.73 -4.18 30.48
CA LEU F 158 -17.87 -5.09 30.61
C LEU F 158 -17.97 -5.73 31.97
N GLY F 159 -16.84 -5.77 32.67
CA GLY F 159 -16.84 -6.24 34.06
C GLY F 159 -16.43 -7.68 34.27
N SER F 160 -16.50 -8.48 33.21
CA SER F 160 -16.23 -9.92 33.27
C SER F 160 -15.78 -10.39 31.90
N VAL F 161 -14.90 -11.39 31.88
CA VAL F 161 -14.40 -11.97 30.61
C VAL F 161 -15.01 -13.34 30.41
N ASP F 162 -15.02 -14.15 31.45
CA ASP F 162 -15.75 -15.42 31.38
C ASP F 162 -17.17 -15.18 30.92
N GLY F 163 -17.67 -16.04 30.05
CA GLY F 163 -19.08 -16.03 29.65
C GLY F 163 -19.38 -15.15 28.46
N ILE F 164 -18.38 -14.45 27.91
CA ILE F 164 -18.70 -13.52 26.82
C ILE F 164 -18.84 -14.28 25.52
N THR F 165 -19.55 -13.65 24.59
CA THR F 165 -19.60 -14.05 23.21
C THR F 165 -18.84 -12.97 22.46
N ILE F 166 -17.83 -13.37 21.71
CA ILE F 166 -16.94 -12.41 21.05
C ILE F 166 -16.86 -12.75 19.58
N ALA F 167 -16.96 -11.73 18.73
CA ALA F 167 -16.74 -11.88 17.31
C ALA F 167 -15.37 -11.32 16.96
N LEU F 168 -14.57 -12.15 16.31
CA LEU F 168 -13.27 -11.72 15.78
C LEU F 168 -13.47 -11.55 14.31
N ILE F 169 -13.27 -10.32 13.83
CA ILE F 169 -13.76 -9.94 12.51
C ILE F 169 -12.61 -9.41 11.66
N GLY F 170 -12.60 -9.84 10.39
CA GLY F 170 -11.80 -9.16 9.36
C GLY F 170 -10.73 -10.07 8.82
N ASP F 171 -9.48 -9.60 8.86
CA ASP F 171 -8.36 -10.39 8.35
C ASP F 171 -7.77 -11.24 9.47
N LEU F 172 -8.38 -12.41 9.68
CA LEU F 172 -7.98 -13.28 10.73
C LEU F 172 -6.74 -14.10 10.37
N LYS F 173 -6.50 -14.28 9.06
CA LYS F 173 -5.36 -15.07 8.63
C LYS F 173 -4.05 -14.34 8.96
N MET F 174 -3.99 -13.06 8.61
CA MET F 174 -2.80 -12.25 8.80
C MET F 174 -2.80 -11.45 10.10
N GLY F 175 -3.91 -11.46 10.85
CA GLY F 175 -4.05 -10.62 12.07
C GLY F 175 -3.34 -11.21 13.27
N ARG F 176 -2.12 -10.74 13.56
CA ARG F 176 -1.40 -11.23 14.74
C ARG F 176 -2.14 -10.89 16.03
N THR F 177 -2.92 -9.81 16.01
CA THR F 177 -3.76 -9.39 17.14
C THR F 177 -4.76 -10.47 17.48
N VAL F 178 -5.52 -10.93 16.49
CA VAL F 178 -6.54 -11.93 16.81
C VAL F 178 -5.93 -13.31 17.10
N HIS F 179 -4.75 -13.58 16.56
CA HIS F 179 -4.04 -14.83 16.90
C HIS F 179 -3.74 -14.88 18.40
N SER F 180 -3.16 -13.77 18.89
CA SER F 180 -2.84 -13.71 20.32
C SER F 180 -4.08 -13.64 21.18
N LEU F 181 -5.08 -12.86 20.77
CA LEU F 181 -6.27 -12.71 21.61
C LEU F 181 -7.05 -14.02 21.74
N LEU F 182 -7.23 -14.75 20.63
CA LEU F 182 -7.96 -16.01 20.70
C LEU F 182 -7.25 -17.01 21.61
N LYS F 183 -5.91 -17.09 21.51
CA LYS F 183 -5.12 -17.94 22.44
C LYS F 183 -5.32 -17.53 23.89
N LEU F 184 -5.21 -16.24 24.18
CA LEU F 184 -5.26 -15.77 25.55
C LEU F 184 -6.65 -16.04 26.16
N LEU F 185 -7.72 -15.80 25.39
CA LEU F 185 -9.08 -15.98 25.88
C LEU F 185 -9.44 -17.44 26.07
N VAL F 186 -9.14 -18.28 25.08
CA VAL F 186 -9.51 -19.70 25.17
C VAL F 186 -8.72 -20.46 26.24
N ARG F 187 -7.42 -20.12 26.41
CA ARG F 187 -6.57 -20.82 27.37
C ARG F 187 -6.93 -20.49 28.80
N ASN F 188 -7.40 -19.28 29.04
CA ASN F 188 -7.44 -18.76 30.40
C ASN F 188 -8.80 -18.38 30.94
N PHE F 189 -9.81 -18.42 30.06
CA PHE F 189 -11.16 -18.03 30.40
C PHE F 189 -12.14 -19.05 29.87
N SER F 190 -13.35 -19.00 30.40
CA SER F 190 -14.43 -19.82 29.89
C SER F 190 -15.28 -18.96 28.96
N ILE F 191 -14.93 -18.96 27.68
CA ILE F 191 -15.66 -18.14 26.70
C ILE F 191 -16.91 -18.89 26.22
N LYS F 192 -18.05 -18.19 26.10
CA LYS F 192 -19.32 -18.86 25.69
C LYS F 192 -19.28 -19.21 24.21
N CYS F 193 -18.87 -18.24 23.38
CA CYS F 193 -18.98 -18.42 21.95
C CYS F 193 -17.99 -17.46 21.29
N VAL F 194 -17.35 -17.97 20.23
CA VAL F 194 -16.50 -17.13 19.35
C VAL F 194 -17.06 -17.23 17.95
N PHE F 195 -17.38 -16.07 17.37
CA PHE F 195 -17.71 -15.96 15.96
C PHE F 195 -16.44 -15.58 15.22
N LEU F 196 -16.05 -16.40 14.23
CA LEU F 196 -14.88 -16.08 13.39
C LEU F 196 -15.41 -15.55 12.09
N VAL F 197 -15.36 -14.22 11.93
CA VAL F 197 -16.10 -13.52 10.87
C VAL F 197 -15.10 -13.04 9.82
N ALA F 198 -15.02 -13.70 8.67
CA ALA F 198 -13.99 -13.38 7.72
C ALA F 198 -14.38 -13.99 6.39
N PRO F 199 -13.91 -13.42 5.28
CA PRO F 199 -14.03 -14.19 4.04
C PRO F 199 -13.27 -15.49 4.19
N ASP F 200 -13.68 -16.55 3.48
CA ASP F 200 -12.94 -17.82 3.55
C ASP F 200 -11.42 -17.68 3.42
N ALA F 201 -10.96 -16.82 2.50
CA ALA F 201 -9.55 -16.65 2.17
C ALA F 201 -8.76 -16.07 3.33
N LEU F 202 -9.47 -15.48 4.27
CA LEU F 202 -8.80 -14.75 5.38
C LEU F 202 -9.22 -15.31 6.74
N GLN F 203 -9.65 -16.56 6.75
CA GLN F 203 -10.10 -17.17 7.98
C GLN F 203 -9.00 -17.43 9.00
N MET F 204 -9.40 -17.64 10.25
CA MET F 204 -8.46 -17.97 11.30
C MET F 204 -7.64 -19.24 10.95
N PRO F 205 -6.29 -19.17 11.04
CA PRO F 205 -5.48 -20.32 10.59
C PRO F 205 -5.62 -21.58 11.45
N GLN F 206 -5.47 -22.73 10.78
CA GLN F 206 -5.39 -24.00 11.51
C GLN F 206 -4.30 -24.06 12.58
N ASP F 207 -3.18 -23.36 12.37
CA ASP F 207 -2.09 -23.36 13.34
C ASP F 207 -2.39 -22.56 14.60
N VAL F 208 -3.52 -21.87 14.59
CA VAL F 208 -4.02 -21.22 15.80
C VAL F 208 -5.13 -22.08 16.38
N LEU F 209 -6.07 -22.53 15.54
CA LEU F 209 -7.23 -23.33 16.04
C LEU F 209 -6.84 -24.72 16.56
N GLU F 210 -5.96 -25.44 15.88
CA GLU F 210 -5.69 -26.83 16.31
C GLU F 210 -5.08 -26.93 17.71
N PRO F 211 -4.10 -26.06 18.08
CA PRO F 211 -3.59 -26.17 19.45
C PRO F 211 -4.65 -25.87 20.51
N LEU F 212 -5.70 -25.14 20.11
CA LEU F 212 -6.78 -24.78 21.02
C LEU F 212 -7.90 -25.79 21.08
N GLN F 213 -7.86 -26.82 20.22
CA GLN F 213 -9.00 -27.71 20.03
CA GLN F 213 -9.03 -27.68 20.06
C GLN F 213 -9.42 -28.44 21.32
N HIS F 214 -8.43 -28.90 22.08
CA HIS F 214 -8.70 -29.59 23.34
C HIS F 214 -9.40 -28.70 24.35
N GLU F 215 -8.91 -27.47 24.52
CA GLU F 215 -9.53 -26.52 25.42
CA GLU F 215 -9.54 -26.50 25.43
C GLU F 215 -10.90 -26.05 24.95
N ILE F 216 -11.04 -25.84 23.64
CA ILE F 216 -12.35 -25.50 23.09
C ILE F 216 -13.37 -26.60 23.46
N ALA F 217 -13.00 -27.85 23.23
CA ALA F 217 -13.88 -28.99 23.51
C ALA F 217 -14.18 -29.15 25.00
N THR F 218 -13.14 -29.10 25.83
CA THR F 218 -13.33 -29.40 27.26
C THR F 218 -14.08 -28.26 28.01
N LYS F 219 -13.97 -27.02 27.51
CA LYS F 219 -14.67 -25.90 28.12
C LYS F 219 -16.01 -25.66 27.42
N GLY F 220 -16.28 -26.45 26.38
CA GLY F 220 -17.53 -26.32 25.62
C GLY F 220 -17.74 -24.97 24.98
N VAL F 221 -16.68 -24.38 24.41
CA VAL F 221 -16.77 -23.11 23.69
C VAL F 221 -17.42 -23.35 22.35
N ILE F 222 -18.47 -22.60 22.07
CA ILE F 222 -19.09 -22.62 20.74
C ILE F 222 -18.19 -21.85 19.76
N ILE F 223 -17.86 -22.45 18.62
CA ILE F 223 -17.11 -21.76 17.58
C ILE F 223 -17.96 -21.75 16.31
N HIS F 224 -18.21 -20.57 15.75
CA HIS F 224 -18.95 -20.46 14.50
C HIS F 224 -18.14 -19.68 13.50
N ARG F 225 -18.01 -20.18 12.28
CA ARG F 225 -17.47 -19.37 11.19
C ARG F 225 -18.60 -18.72 10.40
N THR F 226 -18.40 -17.46 10.03
CA THR F 226 -19.32 -16.75 9.11
C THR F 226 -18.47 -15.89 8.18
N HIS F 227 -19.05 -15.45 7.06
CA HIS F 227 -18.41 -14.41 6.25
C HIS F 227 -19.20 -13.10 6.28
N ALA F 228 -20.03 -12.91 7.30
CA ALA F 228 -20.81 -11.69 7.41
C ALA F 228 -21.21 -11.42 8.85
N LEU F 229 -21.38 -10.14 9.17
CA LEU F 229 -22.00 -9.70 10.41
C LEU F 229 -23.49 -9.87 10.28
N THR F 230 -23.93 -11.10 10.45
CA THR F 230 -25.32 -11.48 10.37
C THR F 230 -26.05 -10.95 11.58
N ASP F 231 -27.39 -10.94 11.54
CA ASP F 231 -28.14 -10.50 12.70
C ASP F 231 -27.78 -11.29 13.96
N GLU F 232 -27.56 -12.60 13.83
CA GLU F 232 -27.20 -13.41 14.99
C GLU F 232 -25.89 -12.89 15.64
N VAL F 233 -24.88 -12.63 14.81
CA VAL F 233 -23.59 -12.16 15.35
C VAL F 233 -23.81 -10.83 16.06
N MET F 234 -24.58 -9.94 15.44
CA MET F 234 -24.78 -8.62 16.00
C MET F 234 -25.61 -8.67 17.28
N GLN F 235 -26.60 -9.54 17.32
CA GLN F 235 -27.46 -9.62 18.48
C GLN F 235 -26.85 -10.33 19.67
N LYS F 236 -25.93 -11.25 19.41
CA LYS F 236 -25.41 -12.10 20.46
C LYS F 236 -24.08 -11.62 21.03
N SER F 237 -23.33 -10.83 20.27
CA SER F 237 -21.94 -10.57 20.69
C SER F 237 -21.82 -9.52 21.78
N ASP F 238 -21.05 -9.84 22.83
CA ASP F 238 -20.71 -8.86 23.85
C ASP F 238 -19.56 -7.99 23.41
N VAL F 239 -18.75 -8.52 22.50
CA VAL F 239 -17.57 -7.80 21.96
C VAL F 239 -17.56 -8.04 20.49
N LEU F 240 -17.51 -6.94 19.73
CA LEU F 240 -17.23 -7.02 18.30
C LEU F 240 -15.81 -6.52 18.13
N TYR F 241 -14.89 -7.40 17.81
CA TYR F 241 -13.45 -7.03 17.71
C TYR F 241 -13.09 -7.12 16.25
N THR F 242 -12.93 -5.97 15.62
CA THR F 242 -12.67 -5.97 14.18
C THR F 242 -11.27 -5.49 13.85
N THR F 243 -10.86 -5.78 12.62
CA THR F 243 -9.47 -5.63 12.18
C THR F 243 -9.39 -5.10 10.78
N ARG F 244 -8.21 -4.57 10.49
CA ARG F 244 -7.87 -4.03 9.18
C ARG F 244 -7.30 -5.15 8.32
N LEU F 245 -7.68 -5.16 7.03
CA LEU F 245 -7.01 -6.01 6.06
C LEU F 245 -5.50 -5.71 6.05
N GLN F 246 -4.66 -6.73 6.25
CA GLN F 246 -3.22 -6.51 6.39
C GLN F 246 -2.54 -6.45 5.04
N LYS F 247 -2.74 -5.34 4.33
CA LYS F 247 -2.24 -5.19 2.95
C LYS F 247 -0.75 -5.45 2.81
N GLU F 248 0.03 -5.13 3.84
CA GLU F 248 1.50 -5.27 3.81
C GLU F 248 1.94 -6.73 3.66
N ARG F 249 1.02 -7.65 3.95
CA ARG F 249 1.32 -9.08 3.95
C ARG F 249 0.99 -9.70 2.58
N PHE F 250 0.47 -8.88 1.67
CA PHE F 250 0.02 -9.32 0.34
C PHE F 250 0.67 -8.53 -0.82
N SER F 253 1.58 -8.64 -5.99
CA SER F 253 0.98 -8.51 -7.32
C SER F 253 0.72 -9.88 -7.96
N THR F 254 0.46 -10.90 -7.13
CA THR F 254 0.09 -12.23 -7.61
C THR F 254 -1.42 -12.41 -7.48
N SER F 255 -1.99 -13.36 -8.21
CA SER F 255 -3.43 -13.59 -8.17
C SER F 255 -3.88 -14.10 -6.79
N ASP F 256 -3.02 -14.88 -6.11
CA ASP F 256 -3.32 -15.35 -4.75
C ASP F 256 -3.51 -14.17 -3.79
N ASP F 257 -2.55 -13.25 -3.80
CA ASP F 257 -2.63 -12.00 -3.04
C ASP F 257 -3.87 -11.22 -3.44
N ALA F 258 -4.06 -11.06 -4.74
CA ALA F 258 -5.16 -10.27 -5.28
C ALA F 258 -6.52 -10.82 -4.82
N ALA F 259 -6.69 -12.14 -4.89
CA ALA F 259 -7.93 -12.78 -4.45
C ALA F 259 -8.17 -12.59 -2.94
N ALA F 260 -7.10 -12.69 -2.15
CA ALA F 260 -7.18 -12.50 -0.70
C ALA F 260 -7.53 -11.06 -0.37
N LEU F 261 -6.85 -10.12 -1.01
CA LEU F 261 -7.09 -8.69 -0.77
C LEU F 261 -8.52 -8.29 -1.13
N GLN F 262 -8.99 -8.81 -2.25
CA GLN F 262 -10.34 -8.50 -2.74
C GLN F 262 -11.44 -9.14 -1.92
N SER F 263 -11.14 -10.27 -1.26
CA SER F 263 -12.15 -11.04 -0.55
C SER F 263 -12.75 -10.24 0.62
N PHE F 264 -11.94 -9.35 1.18
CA PHE F 264 -12.36 -8.60 2.36
C PHE F 264 -13.68 -7.87 2.11
N ALA F 265 -13.84 -7.26 0.93
CA ALA F 265 -15.10 -6.59 0.55
C ALA F 265 -15.96 -7.40 -0.43
N ALA F 266 -15.34 -8.18 -1.32
CA ALA F 266 -16.08 -8.95 -2.33
C ALA F 266 -16.73 -10.24 -1.83
N LYS F 267 -16.17 -10.81 -0.78
CA LYS F 267 -16.60 -12.15 -0.31
C LYS F 267 -16.95 -12.14 1.17
N ALA F 268 -17.24 -10.95 1.71
CA ALA F 268 -17.65 -10.82 3.12
C ALA F 268 -18.47 -9.55 3.27
N ASP F 269 -19.34 -9.52 4.28
CA ASP F 269 -20.14 -8.34 4.57
C ASP F 269 -19.86 -7.94 6.02
N ILE F 270 -18.80 -7.17 6.24
CA ILE F 270 -18.27 -7.08 7.60
C ILE F 270 -18.00 -5.65 8.08
N THR F 271 -18.37 -4.66 7.29
CA THR F 271 -18.26 -3.29 7.78
C THR F 271 -19.16 -3.00 8.99
N ILE F 272 -18.58 -2.31 9.97
CA ILE F 272 -19.35 -1.82 11.12
C ILE F 272 -19.56 -0.33 10.96
N ASP F 273 -20.82 0.06 10.84
CA ASP F 273 -21.22 1.46 10.79
C ASP F 273 -22.43 1.69 11.72
N ALA F 274 -22.85 2.93 11.84
CA ALA F 274 -23.97 3.25 12.74
C ALA F 274 -25.23 2.45 12.41
N ALA F 275 -25.46 2.20 11.13
CA ALA F 275 -26.63 1.42 10.70
C ALA F 275 -26.55 -0.02 11.21
N ARG F 276 -25.38 -0.64 11.04
CA ARG F 276 -25.13 -1.99 11.57
C ARG F 276 -25.31 -2.02 13.10
N MET F 277 -24.87 -0.95 13.77
CA MET F 277 -24.93 -0.91 15.24
C MET F 277 -26.35 -0.88 15.80
N ARG F 278 -27.34 -0.57 14.96
CA ARG F 278 -28.73 -0.60 15.44
C ARG F 278 -29.15 -1.99 15.88
N LEU F 279 -28.41 -3.00 15.45
CA LEU F 279 -28.69 -4.39 15.77
C LEU F 279 -27.96 -4.90 17.02
N ALA F 280 -26.95 -4.14 17.47
CA ALA F 280 -26.13 -4.56 18.61
C ALA F 280 -26.93 -4.50 19.92
N LYS F 281 -26.53 -5.32 20.89
CA LYS F 281 -27.04 -5.24 22.28
C LYS F 281 -26.70 -3.89 22.90
N GLU F 282 -27.39 -3.56 23.99
CA GLU F 282 -27.09 -2.36 24.80
CA GLU F 282 -27.06 -2.35 24.73
C GLU F 282 -25.75 -2.48 25.53
N LYS F 283 -25.54 -3.61 26.18
CA LYS F 283 -24.33 -3.82 26.97
C LYS F 283 -23.32 -4.59 26.12
N MET F 284 -22.56 -3.86 25.32
CA MET F 284 -21.50 -4.50 24.53
C MET F 284 -20.46 -3.45 24.14
N ILE F 285 -19.32 -3.89 23.62
CA ILE F 285 -18.33 -2.93 23.07
C ILE F 285 -17.84 -3.34 21.69
N VAL F 286 -17.44 -2.31 20.94
CA VAL F 286 -16.75 -2.46 19.69
C VAL F 286 -15.30 -2.14 19.96
N MET F 287 -14.43 -3.03 19.52
CA MET F 287 -12.98 -2.91 19.69
C MET F 287 -12.32 -3.05 18.35
N HIS F 288 -11.11 -2.48 18.26
CA HIS F 288 -10.28 -2.56 17.06
C HIS F 288 -8.88 -2.23 17.53
N PRO F 289 -7.88 -3.08 17.23
CA PRO F 289 -6.51 -2.76 17.72
C PRO F 289 -5.94 -1.51 17.11
N LEU F 290 -6.48 -1.14 15.93
CA LEU F 290 -6.05 0.01 15.13
C LEU F 290 -4.64 -0.20 14.55
N PRO F 291 -4.28 0.53 13.49
CA PRO F 291 -5.06 1.49 12.76
C PRO F 291 -6.24 0.85 12.01
N ARG F 292 -7.26 1.66 11.78
CA ARG F 292 -8.41 1.25 10.97
C ARG F 292 -8.40 1.89 9.62
N ASN F 293 -9.00 1.17 8.68
CA ASN F 293 -9.36 1.76 7.42
C ASN F 293 -10.90 1.79 7.37
N ASP F 294 -11.49 1.46 6.23
CA ASP F 294 -12.91 1.70 6.08
CA ASP F 294 -12.90 1.62 5.97
C ASP F 294 -13.82 0.64 6.69
N GLU F 295 -13.25 -0.39 7.32
CA GLU F 295 -14.03 -1.46 7.93
C GLU F 295 -14.79 -1.02 9.19
N LEU F 296 -14.35 0.10 9.80
CA LEU F 296 -14.96 0.64 11.01
C LEU F 296 -15.21 2.11 10.78
N SER F 297 -16.46 2.42 10.46
CA SER F 297 -16.88 3.77 10.08
C SER F 297 -16.75 4.78 11.22
N THR F 298 -16.37 6.01 10.87
CA THR F 298 -16.34 7.11 11.83
C THR F 298 -17.73 7.42 12.39
N THR F 299 -18.78 6.94 11.73
CA THR F 299 -20.16 7.10 12.25
C THR F 299 -20.39 6.35 13.57
N VAL F 300 -19.48 5.46 13.95
CA VAL F 300 -19.62 4.69 15.19
C VAL F 300 -18.91 5.39 16.34
N ASP F 301 -18.04 6.35 16.02
CA ASP F 301 -17.14 6.93 17.02
C ASP F 301 -17.84 7.56 18.25
N ALA F 302 -19.00 8.15 18.02
CA ALA F 302 -19.71 8.84 19.09
C ALA F 302 -20.55 7.91 19.97
N ASP F 303 -20.67 6.64 19.57
CA ASP F 303 -21.44 5.66 20.33
C ASP F 303 -20.73 5.31 21.65
N PRO F 304 -21.46 5.28 22.78
CA PRO F 304 -20.79 4.96 24.02
C PRO F 304 -20.15 3.57 23.99
N ARG F 305 -20.64 2.71 23.08
CA ARG F 305 -20.14 1.33 22.97
C ARG F 305 -18.86 1.26 22.18
N ALA F 306 -18.47 2.35 21.53
CA ALA F 306 -17.18 2.39 20.79
C ALA F 306 -16.03 2.51 21.80
N ALA F 307 -15.29 1.42 21.96
CA ALA F 307 -14.26 1.36 22.98
C ALA F 307 -12.85 1.45 22.43
N TYR F 308 -12.72 1.55 21.11
CA TYR F 308 -11.41 1.46 20.46
C TYR F 308 -10.48 2.64 20.71
N PHE F 309 -11.00 3.82 21.10
CA PHE F 309 -10.08 4.86 21.54
C PHE F 309 -9.64 4.64 22.99
N ARG F 310 -10.59 4.32 23.86
CA ARG F 310 -10.28 3.97 25.26
C ARG F 310 -9.26 2.82 25.34
N GLN F 311 -9.43 1.85 24.43
CA GLN F 311 -8.52 0.72 24.31
C GLN F 311 -7.02 1.14 24.19
N MET F 312 -6.75 2.20 23.43
CA MET F 312 -5.37 2.70 23.36
C MET F 312 -4.83 3.13 24.71
N ARG F 313 -5.65 3.84 25.48
CA ARG F 313 -5.14 4.35 26.77
C ARG F 313 -4.97 3.17 27.78
N TYR F 314 -5.90 2.21 27.75
CA TYR F 314 -5.73 0.99 28.53
C TYR F 314 -4.41 0.33 28.14
N GLY F 315 -4.07 0.40 26.86
CA GLY F 315 -2.79 -0.15 26.41
C GLY F 315 -1.56 0.47 27.07
N MET F 316 -1.57 1.78 27.29
CA MET F 316 -0.44 2.40 28.01
C MET F 316 -0.33 1.84 29.44
N PHE F 317 -1.47 1.69 30.10
CA PHE F 317 -1.41 1.25 31.50
C PHE F 317 -1.06 -0.24 31.62
N MET F 318 -1.54 -1.05 30.67
CA MET F 318 -1.12 -2.44 30.66
C MET F 318 0.39 -2.51 30.39
N ARG F 319 0.88 -1.66 29.49
CA ARG F 319 2.32 -1.71 29.21
C ARG F 319 3.16 -1.21 30.39
N MET F 320 2.64 -0.28 31.19
CA MET F 320 3.31 0.08 32.45
C MET F 320 3.36 -1.13 33.39
N ALA F 321 2.24 -1.82 33.53
CA ALA F 321 2.19 -3.01 34.39
C ALA F 321 3.18 -4.07 33.93
N ILE F 322 3.27 -4.28 32.60
CA ILE F 322 4.22 -5.23 32.05
C ILE F 322 5.68 -4.80 32.27
N LEU F 323 6.03 -3.57 31.89
CA LEU F 323 7.41 -3.12 32.02
C LEU F 323 7.89 -3.19 33.49
N TRP F 324 7.02 -2.73 34.38
CA TRP F 324 7.37 -2.73 35.81
C TRP F 324 7.56 -4.17 36.27
N SER F 325 6.70 -5.08 35.81
CA SER F 325 6.81 -6.47 36.26
C SER F 325 8.07 -7.16 35.70
N VAL F 326 8.43 -6.86 34.46
CA VAL F 326 9.61 -7.46 33.86
C VAL F 326 10.89 -6.93 34.53
N LEU F 327 10.90 -5.64 34.84
CA LEU F 327 12.14 -4.98 35.28
C LEU F 327 12.32 -4.77 36.77
N ALA F 328 11.28 -5.09 37.56
CA ALA F 328 11.35 -4.84 39.01
C ALA F 328 12.44 -5.68 39.66
#